data_7YJJ
#
_entry.id   7YJJ
#
_cell.length_a   1.00
_cell.length_b   1.00
_cell.length_c   1.00
_cell.angle_alpha   90.00
_cell.angle_beta   90.00
_cell.angle_gamma   90.00
#
_symmetry.space_group_name_H-M   'P 1'
#
loop_
_entity.id
_entity.type
_entity.pdbx_description
1 polymer 'Cytosolic 10-formyltetrahydrofolate dehydrogenase'
2 non-polymer Gossypol
#
_entity_poly.entity_id   1
_entity_poly.type   'polypeptide(L)'
_entity_poly.pdbx_seq_one_letter_code
;SIDYVEMAVNKRTVRMPHQLFIGGEFVDAEGAKTSETINPTDGSVICQVSLAQVTDVDKAVAAAKDAFENGRWGKISARD
RGRLMYRLADLMEQHQEELATIEALDAGAVYTLALKTHVGMSIQTFRYFAGWCDKIQGSTIPINQARPNRNLTLTRKEPV
GVCGIIIPWNYPLMMLSWKTAACLAAGNTVVIKPAQVTPLTALKFAELTLKAGIPKGVVNVLPGSGSLVGQRLSDHPDVR
KIGFTGSTEVGKHIMKSCAISNVKKVSLELGGKSPLIIFADCDLNKAVQMGMSSVFFNKGENCIAAGRLFVEDSIHDEFV
RRVVEEVRKMKVGNPLDRDTDHGPQNHHAHLVKLMEYCQHGVKEGATLVCGGNQVPRPGFFFEPTVFTDVEDHMFIAKEE
SFGPVMIISRFADGDLDAVLSRANATEFGLASGVFTRDINKALYVSDKLQAGTVFVNTYNKTDVAAPFGGFKQSGFGKDL
GEAALNEYLRVKTVTFEY
;
_entity_poly.pdbx_strand_id   B,C,D,E
#
# COMPACT_ATOMS: atom_id res chain seq x y z
N SER A 1 14.94 -5.01 -46.33
CA SER A 1 16.22 -5.19 -47.00
C SER A 1 17.20 -4.09 -46.60
N ILE A 2 17.38 -3.92 -45.29
CA ILE A 2 18.27 -2.87 -44.78
C ILE A 2 19.69 -3.16 -45.24
N ASP A 3 20.41 -2.10 -45.62
CA ASP A 3 21.81 -2.24 -45.99
C ASP A 3 22.76 -2.11 -44.80
N TYR A 4 23.82 -2.92 -44.82
CA TYR A 4 24.89 -2.84 -43.83
C TYR A 4 26.22 -3.06 -44.53
N VAL A 5 27.19 -2.21 -44.20
CA VAL A 5 28.58 -2.45 -44.61
C VAL A 5 29.11 -3.48 -43.62
N GLU A 6 29.02 -4.75 -44.00
CA GLU A 6 29.24 -5.84 -43.07
C GLU A 6 30.64 -5.80 -42.49
N MET A 7 30.71 -5.81 -41.17
CA MET A 7 31.96 -5.65 -40.43
C MET A 7 32.22 -6.96 -39.68
N ALA A 8 33.01 -7.85 -40.29
CA ALA A 8 33.38 -9.10 -39.65
C ALA A 8 34.54 -8.83 -38.69
N VAL A 9 34.21 -8.21 -37.55
CA VAL A 9 35.20 -7.78 -36.58
C VAL A 9 34.93 -8.45 -35.25
N ASN A 10 36.00 -8.76 -34.53
CA ASN A 10 35.91 -9.44 -33.24
C ASN A 10 35.29 -10.83 -33.39
N LYS A 11 35.62 -11.51 -34.49
CA LYS A 11 35.15 -12.85 -34.80
C LYS A 11 33.66 -12.90 -35.10
N ARG A 12 33.03 -11.75 -35.35
CA ARG A 12 31.58 -11.69 -35.55
C ARG A 12 31.27 -10.59 -36.56
N THR A 13 30.17 -10.80 -37.30
CA THR A 13 29.78 -9.89 -38.37
C THR A 13 28.99 -8.74 -37.78
N VAL A 14 29.71 -7.70 -37.35
CA VAL A 14 29.05 -6.54 -36.78
C VAL A 14 28.23 -5.83 -37.85
N ARG A 15 26.92 -5.72 -37.61
CA ARG A 15 26.00 -5.01 -38.48
C ARG A 15 25.47 -3.82 -37.68
N MET A 16 26.21 -2.73 -37.70
CA MET A 16 25.52 -1.79 -36.81
C MET A 16 24.57 -0.92 -37.61
N PRO A 17 23.29 -0.87 -37.26
CA PRO A 17 22.30 -0.17 -38.10
C PRO A 17 22.58 1.31 -38.24
N HIS A 18 22.39 1.81 -39.47
CA HIS A 18 22.76 3.18 -39.82
C HIS A 18 21.54 4.07 -39.89
N GLN A 19 20.39 3.53 -40.25
CA GLN A 19 19.28 4.30 -40.76
C GLN A 19 18.50 4.92 -39.61
N LEU A 20 17.32 5.40 -39.93
CA LEU A 20 16.39 5.94 -38.95
C LEU A 20 15.15 5.05 -39.00
N PHE A 21 15.12 4.06 -38.12
CA PHE A 21 14.06 3.07 -38.13
C PHE A 21 12.74 3.75 -37.79
N ILE A 22 11.91 3.97 -38.82
CA ILE A 22 10.64 4.66 -38.65
C ILE A 22 9.57 3.97 -39.48
N GLY A 23 8.34 4.03 -38.99
CA GLY A 23 7.21 3.45 -39.71
C GLY A 23 7.32 1.97 -39.99
N GLY A 24 8.13 1.25 -39.22
CA GLY A 24 8.30 -0.17 -39.43
C GLY A 24 9.61 -0.56 -40.10
N GLU A 25 10.32 0.39 -40.70
CA GLU A 25 11.53 0.09 -41.44
C GLU A 25 12.63 1.06 -41.02
N PHE A 26 13.87 0.63 -41.22
CA PHE A 26 15.04 1.50 -41.13
C PHE A 26 15.18 2.27 -42.44
N VAL A 27 15.36 3.58 -42.33
CA VAL A 27 15.45 4.47 -43.48
C VAL A 27 16.43 5.59 -43.16
N ASP A 28 16.87 6.28 -44.21
CA ASP A 28 17.84 7.36 -44.07
C ASP A 28 17.17 8.65 -43.62
N ALA A 29 17.99 9.66 -43.37
CA ALA A 29 17.52 10.95 -42.90
C ALA A 29 17.04 11.78 -44.08
N GLU A 30 16.89 13.08 -43.85
CA GLU A 30 16.56 14.02 -44.92
C GLU A 30 17.58 13.93 -46.04
N GLY A 31 17.09 13.64 -47.25
CA GLY A 31 17.91 13.66 -48.44
C GLY A 31 19.10 12.74 -48.41
N ALA A 32 19.05 11.68 -47.60
CA ALA A 32 20.19 10.80 -47.37
C ALA A 32 21.31 11.53 -46.63
N LYS A 33 20.94 12.43 -45.72
CA LYS A 33 21.93 12.97 -44.80
C LYS A 33 22.53 11.86 -43.94
N THR A 34 23.66 12.17 -43.31
CA THR A 34 24.37 11.20 -42.50
C THR A 34 24.97 11.88 -41.27
N SER A 35 25.65 11.08 -40.46
CA SER A 35 26.40 11.51 -39.30
C SER A 35 27.27 10.35 -38.87
N GLU A 36 28.57 10.60 -38.75
CA GLU A 36 29.52 9.52 -38.58
C GLU A 36 29.59 9.08 -37.13
N THR A 37 30.43 8.09 -36.88
CA THR A 37 30.75 7.63 -35.53
C THR A 37 32.27 7.49 -35.42
N ILE A 38 32.79 7.67 -34.21
CA ILE A 38 34.22 7.74 -33.98
C ILE A 38 34.65 6.48 -33.25
N ASN A 39 35.83 5.95 -33.63
CA ASN A 39 36.46 4.86 -32.89
C ASN A 39 37.28 5.47 -31.77
N PRO A 40 36.77 5.49 -30.53
CA PRO A 40 37.48 6.19 -29.45
C PRO A 40 38.81 5.56 -29.06
N THR A 41 39.05 4.31 -29.43
CA THR A 41 40.32 3.67 -29.09
C THR A 41 41.46 4.26 -29.89
N ASP A 42 41.17 4.79 -31.06
CA ASP A 42 42.18 5.24 -32.00
C ASP A 42 41.90 6.60 -32.60
N GLY A 43 40.71 7.16 -32.38
CA GLY A 43 40.27 8.30 -33.14
C GLY A 43 39.75 7.97 -34.53
N SER A 44 39.75 6.70 -34.90
CA SER A 44 39.30 6.29 -36.23
C SER A 44 37.78 6.47 -36.36
N VAL A 45 37.30 6.38 -37.60
CA VAL A 45 35.88 6.33 -37.87
C VAL A 45 35.48 4.89 -38.16
N ILE A 46 34.24 4.54 -37.84
CA ILE A 46 33.74 3.19 -38.05
C ILE A 46 32.92 3.07 -39.33
N CYS A 47 31.89 3.88 -39.50
CA CYS A 47 31.00 3.71 -40.65
C CYS A 47 30.08 4.93 -40.74
N GLN A 48 29.13 4.88 -41.67
CA GLN A 48 28.24 5.99 -41.96
C GLN A 48 26.86 5.75 -41.36
N VAL A 49 26.30 6.80 -40.76
CA VAL A 49 25.01 6.75 -40.09
C VAL A 49 24.24 8.00 -40.50
N SER A 50 23.04 7.82 -41.05
CA SER A 50 22.22 8.98 -41.41
C SER A 50 21.85 9.78 -40.17
N LEU A 51 21.78 11.10 -40.31
CA LEU A 51 21.43 12.00 -39.22
C LEU A 51 20.17 12.76 -39.59
N ALA A 52 19.07 12.46 -38.90
CA ALA A 52 17.78 13.03 -39.25
C ALA A 52 17.78 14.54 -39.06
N GLN A 53 16.65 15.15 -39.40
CA GLN A 53 16.48 16.59 -39.37
C GLN A 53 15.17 16.92 -38.64
N VAL A 54 14.75 18.19 -38.75
CA VAL A 54 13.40 18.56 -38.38
C VAL A 54 12.40 18.05 -39.41
N THR A 55 12.90 17.52 -40.54
CA THR A 55 12.05 16.75 -41.44
C THR A 55 11.55 15.48 -40.78
N ASP A 56 12.33 14.93 -39.84
CA ASP A 56 12.00 13.61 -39.28
C ASP A 56 11.08 13.73 -38.08
N VAL A 57 11.33 14.69 -37.19
CA VAL A 57 10.48 14.89 -36.02
C VAL A 57 9.03 15.10 -36.39
N ASP A 58 8.75 15.50 -37.63
CA ASP A 58 7.41 15.43 -38.17
C ASP A 58 7.00 14.00 -38.46
N LYS A 59 7.97 13.08 -38.61
CA LYS A 59 7.70 11.70 -38.99
C LYS A 59 7.67 10.73 -37.81
N ALA A 60 8.63 10.84 -36.88
CA ALA A 60 8.68 9.92 -35.75
C ALA A 60 7.42 10.03 -34.91
N VAL A 61 7.17 11.21 -34.34
CA VAL A 61 6.05 11.38 -33.44
C VAL A 61 4.70 11.32 -34.15
N ALA A 62 4.70 11.12 -35.47
CA ALA A 62 3.48 10.83 -36.19
C ALA A 62 3.43 9.38 -36.65
N ALA A 63 4.58 8.76 -36.93
CA ALA A 63 4.59 7.36 -37.35
C ALA A 63 4.59 6.41 -36.16
N ALA A 64 5.29 6.75 -35.08
CA ALA A 64 5.22 5.97 -33.85
C ALA A 64 3.92 6.20 -33.11
N LYS A 65 3.09 7.13 -33.57
CA LYS A 65 1.72 7.20 -33.09
C LYS A 65 0.84 6.16 -33.77
N ASP A 66 1.43 5.34 -34.64
CA ASP A 66 0.70 4.21 -35.22
C ASP A 66 0.58 3.05 -34.25
N ALA A 67 1.72 2.61 -33.70
CA ALA A 67 1.71 1.53 -32.71
C ALA A 67 0.78 1.86 -31.55
N PHE A 68 0.91 3.07 -31.00
CA PHE A 68 0.05 3.52 -29.90
C PHE A 68 -1.43 3.39 -30.24
N GLU A 69 -1.81 3.58 -31.50
CA GLU A 69 -3.23 3.79 -31.80
C GLU A 69 -3.90 2.56 -32.39
N ASN A 70 -3.32 1.98 -33.43
CA ASN A 70 -4.11 1.08 -34.28
C ASN A 70 -3.62 -0.36 -34.32
N GLY A 71 -2.33 -0.62 -34.40
CA GLY A 71 -1.87 -1.96 -34.69
C GLY A 71 -1.98 -2.92 -33.52
N ARG A 72 -1.00 -3.79 -33.38
CA ARG A 72 -1.01 -4.76 -32.30
C ARG A 72 -0.79 -4.12 -30.94
N TRP A 73 0.31 -3.36 -30.78
CA TRP A 73 0.68 -2.86 -29.46
C TRP A 73 -0.41 -1.99 -28.85
N GLY A 74 -1.21 -1.32 -29.67
CA GLY A 74 -2.21 -0.43 -29.10
C GLY A 74 -3.25 -1.13 -28.26
N LYS A 75 -3.53 -2.40 -28.54
CA LYS A 75 -4.68 -3.04 -27.93
C LYS A 75 -4.47 -4.47 -27.43
N ILE A 76 -3.36 -5.15 -27.75
CA ILE A 76 -3.23 -6.56 -27.38
C ILE A 76 -3.26 -6.71 -25.87
N SER A 77 -3.78 -7.85 -25.41
CA SER A 77 -3.99 -8.08 -24.00
C SER A 77 -2.66 -8.09 -23.25
N ALA A 78 -2.76 -8.01 -21.92
CA ALA A 78 -1.59 -7.74 -21.10
C ALA A 78 -0.51 -8.81 -21.24
N ARG A 79 -0.87 -10.03 -21.59
CA ARG A 79 0.11 -11.10 -21.56
C ARG A 79 1.15 -10.98 -22.66
N ASP A 80 0.72 -11.06 -23.92
CA ASP A 80 1.68 -11.14 -25.03
C ASP A 80 2.57 -9.91 -25.14
N ARG A 81 2.14 -8.76 -24.61
CA ARG A 81 2.96 -7.57 -24.64
C ARG A 81 4.29 -7.82 -23.94
N GLY A 82 4.23 -8.20 -22.66
CA GLY A 82 5.41 -8.71 -22.01
C GLY A 82 5.94 -9.95 -22.70
N ARG A 83 5.04 -10.85 -23.09
CA ARG A 83 5.46 -12.06 -23.78
C ARG A 83 6.16 -11.75 -25.08
N LEU A 84 5.80 -10.65 -25.73
CA LEU A 84 6.60 -10.23 -26.86
C LEU A 84 7.84 -9.47 -26.40
N MET A 85 7.70 -8.61 -25.38
CA MET A 85 8.87 -7.95 -24.81
C MET A 85 9.83 -8.97 -24.22
N TYR A 86 9.31 -10.04 -23.65
CA TYR A 86 10.17 -11.06 -23.06
C TYR A 86 10.95 -11.81 -24.12
N ARG A 87 10.33 -12.07 -25.27
CA ARG A 87 11.03 -12.77 -26.34
C ARG A 87 12.21 -11.97 -26.85
N LEU A 88 12.15 -10.64 -26.75
CA LEU A 88 13.32 -9.80 -27.02
C LEU A 88 14.54 -10.27 -26.24
N ALA A 89 14.38 -10.50 -24.93
CA ALA A 89 15.49 -10.97 -24.13
C ALA A 89 15.97 -12.34 -24.59
N ASP A 90 15.11 -13.10 -25.28
CA ASP A 90 15.52 -14.40 -25.80
C ASP A 90 16.53 -14.24 -26.93
N LEU A 91 16.26 -13.33 -27.87
CA LEU A 91 17.20 -13.09 -28.96
C LEU A 91 18.43 -12.35 -28.49
N MET A 92 18.24 -11.31 -27.66
CA MET A 92 19.28 -10.30 -27.48
C MET A 92 20.51 -10.85 -26.77
N GLU A 93 20.33 -11.51 -25.62
CA GLU A 93 21.47 -12.01 -24.89
C GLU A 93 22.24 -13.06 -25.67
N GLN A 94 21.56 -13.79 -26.56
CA GLN A 94 22.25 -14.70 -27.46
C GLN A 94 23.31 -13.98 -28.28
N HIS A 95 23.05 -12.72 -28.64
CA HIS A 95 23.98 -11.92 -29.42
C HIS A 95 24.70 -10.88 -28.58
N GLN A 96 25.09 -11.24 -27.36
CA GLN A 96 25.87 -10.34 -26.53
C GLN A 96 27.17 -9.92 -27.20
N GLU A 97 27.83 -10.86 -27.88
CA GLU A 97 29.04 -10.54 -28.65
C GLU A 97 28.76 -9.45 -29.69
N GLU A 98 27.52 -9.38 -30.16
CA GLU A 98 27.10 -8.20 -30.90
C GLU A 98 27.13 -6.97 -30.01
N LEU A 99 26.31 -6.95 -28.95
CA LEU A 99 26.22 -5.73 -28.15
C LEU A 99 27.43 -5.57 -27.21
N ALA A 100 28.16 -6.64 -26.93
CA ALA A 100 29.39 -6.49 -26.16
C ALA A 100 30.50 -5.85 -26.98
N THR A 101 30.87 -6.48 -28.09
CA THR A 101 31.94 -5.97 -28.93
C THR A 101 31.58 -4.63 -29.54
N ILE A 102 30.34 -4.50 -30.04
CA ILE A 102 29.87 -3.23 -30.59
C ILE A 102 30.07 -2.11 -29.58
N GLU A 103 29.49 -2.28 -28.38
CA GLU A 103 29.74 -1.27 -27.35
C GLU A 103 31.18 -1.32 -26.88
N ALA A 104 31.84 -2.47 -27.04
CA ALA A 104 33.29 -2.47 -26.94
C ALA A 104 33.91 -1.64 -28.06
N LEU A 105 33.24 -1.58 -29.21
CA LEU A 105 33.76 -0.88 -30.38
C LEU A 105 33.19 0.53 -30.51
N ASP A 106 31.88 0.69 -30.31
CA ASP A 106 31.26 2.00 -30.46
C ASP A 106 31.83 2.99 -29.45
N ALA A 107 31.62 2.75 -28.16
CA ALA A 107 32.03 3.65 -27.10
C ALA A 107 33.33 3.18 -26.43
N GLY A 108 34.09 2.31 -27.09
CA GLY A 108 35.38 1.88 -26.58
C GLY A 108 35.34 1.21 -25.22
N ALA A 109 34.18 0.73 -24.80
CA ALA A 109 34.06 0.10 -23.49
C ALA A 109 34.79 -1.22 -23.47
N VAL A 110 35.47 -1.50 -22.35
CA VAL A 110 36.27 -2.71 -22.25
C VAL A 110 35.38 -3.94 -22.39
N TYR A 111 35.96 -5.00 -22.95
CA TYR A 111 35.19 -6.22 -23.22
C TYR A 111 34.80 -6.92 -21.92
N THR A 112 35.64 -6.81 -20.89
CA THR A 112 35.38 -7.48 -19.62
C THR A 112 34.03 -7.06 -19.05
N LEU A 113 33.71 -5.77 -19.12
CA LEU A 113 32.38 -5.32 -18.77
C LEU A 113 31.45 -5.29 -19.98
N ALA A 114 32.01 -5.31 -21.19
CA ALA A 114 31.19 -5.39 -22.38
C ALA A 114 30.36 -6.67 -22.39
N LEU A 115 30.87 -7.72 -21.76
CA LEU A 115 30.10 -8.95 -21.65
C LEU A 115 29.17 -8.92 -20.43
N LYS A 116 29.72 -8.60 -19.26
CA LYS A 116 28.93 -8.65 -18.03
C LYS A 116 27.85 -7.58 -18.02
N THR A 117 28.23 -6.32 -18.27
CA THR A 117 27.29 -5.22 -18.25
C THR A 117 26.70 -4.91 -19.61
N HIS A 118 27.54 -4.71 -20.63
CA HIS A 118 27.06 -4.09 -21.85
C HIS A 118 26.15 -4.99 -22.66
N VAL A 119 26.03 -6.27 -22.29
CA VAL A 119 24.89 -7.10 -22.67
C VAL A 119 24.24 -7.74 -21.45
N GLY A 120 25.05 -8.31 -20.55
CA GLY A 120 24.49 -8.98 -19.38
C GLY A 120 23.61 -8.06 -18.55
N MET A 121 24.15 -6.88 -18.18
CA MET A 121 23.40 -5.94 -17.37
C MET A 121 22.16 -5.44 -18.10
N SER A 122 22.15 -5.51 -19.42
CA SER A 122 20.92 -5.25 -20.16
C SER A 122 19.98 -6.44 -20.16
N ILE A 123 20.52 -7.66 -20.07
CA ILE A 123 19.65 -8.83 -20.10
C ILE A 123 18.73 -8.84 -18.89
N GLN A 124 19.23 -8.37 -17.73
CA GLN A 124 18.41 -8.29 -16.53
C GLN A 124 17.22 -7.37 -16.75
N THR A 125 17.49 -6.09 -17.04
CA THR A 125 16.43 -5.10 -17.06
C THR A 125 15.42 -5.35 -18.16
N PHE A 126 15.74 -6.19 -19.15
CA PHE A 126 14.70 -6.67 -20.04
C PHE A 126 13.70 -7.54 -19.29
N ARG A 127 14.19 -8.43 -18.43
CA ARG A 127 13.30 -9.42 -17.81
C ARG A 127 12.74 -8.97 -16.48
N TYR A 128 13.45 -8.14 -15.71
CA TYR A 128 12.86 -7.60 -14.50
C TYR A 128 11.77 -6.59 -14.80
N PHE A 129 11.99 -5.72 -15.78
CA PHE A 129 10.97 -4.73 -16.13
C PHE A 129 10.02 -5.19 -17.21
N ALA A 130 10.25 -6.35 -17.83
CA ALA A 130 9.18 -6.95 -18.61
C ALA A 130 8.16 -7.60 -17.68
N GLY A 131 8.46 -7.64 -16.38
CA GLY A 131 7.52 -8.19 -15.43
C GLY A 131 6.21 -7.46 -15.43
N TRP A 132 6.22 -6.19 -15.07
CA TRP A 132 5.00 -5.53 -14.63
C TRP A 132 4.02 -5.24 -15.78
N CYS A 133 4.19 -5.81 -16.98
CA CYS A 133 3.21 -5.65 -18.03
C CYS A 133 1.84 -6.12 -17.58
N ASP A 134 1.72 -7.40 -17.25
CA ASP A 134 0.45 -7.99 -16.82
C ASP A 134 0.34 -8.09 -15.30
N LYS A 135 0.84 -7.10 -14.58
CA LYS A 135 0.90 -7.22 -13.14
C LYS A 135 0.56 -5.92 -12.43
N ILE A 136 0.42 -4.82 -13.18
CA ILE A 136 0.25 -3.48 -12.59
C ILE A 136 -1.21 -3.28 -12.21
N GLN A 137 -1.44 -2.45 -11.19
CA GLN A 137 -2.68 -2.46 -10.45
C GLN A 137 -3.34 -1.10 -10.40
N GLY A 138 -4.64 -1.12 -10.16
CA GLY A 138 -5.32 0.04 -9.63
C GLY A 138 -5.04 0.17 -8.16
N SER A 139 -5.61 1.19 -7.56
CA SER A 139 -5.67 1.26 -6.10
C SER A 139 -6.78 2.24 -5.76
N THR A 140 -7.97 1.74 -5.48
CA THR A 140 -9.18 2.53 -5.68
C THR A 140 -9.98 2.60 -4.40
N ILE A 141 -10.21 3.81 -3.93
CA ILE A 141 -10.29 4.14 -2.51
C ILE A 141 -11.73 4.26 -2.03
N PRO A 142 -11.96 4.53 -0.73
CA PRO A 142 -13.32 4.72 -0.25
C PRO A 142 -13.82 6.13 -0.49
N ILE A 143 -14.36 6.38 -1.68
CA ILE A 143 -15.12 7.60 -1.94
C ILE A 143 -16.22 7.78 -0.91
N ASN A 144 -16.64 9.02 -0.69
CA ASN A 144 -17.80 9.29 0.14
C ASN A 144 -18.97 8.39 -0.26
N GLN A 145 -19.32 7.47 0.64
CA GLN A 145 -20.52 6.65 0.46
C GLN A 145 -21.71 7.53 0.82
N ALA A 146 -22.27 8.23 -0.16
CA ALA A 146 -23.18 9.34 0.10
C ALA A 146 -24.58 8.78 0.36
N ARG A 147 -24.96 8.78 1.64
CA ARG A 147 -26.32 8.46 2.03
C ARG A 147 -27.24 9.62 1.68
N PRO A 148 -28.49 9.35 1.28
CA PRO A 148 -29.11 8.02 1.16
C PRO A 148 -28.84 7.28 -0.15
N ASN A 149 -27.70 7.52 -0.78
CA ASN A 149 -27.30 6.78 -1.97
C ASN A 149 -26.18 5.81 -1.61
N ARG A 150 -25.62 5.16 -2.64
CA ARG A 150 -24.48 4.28 -2.44
C ARG A 150 -23.49 4.45 -3.57
N ASN A 151 -22.23 4.74 -3.21
CA ASN A 151 -21.19 5.26 -4.10
C ASN A 151 -20.09 4.22 -4.33
N LEU A 152 -19.11 4.61 -5.15
CA LEU A 152 -17.94 3.76 -5.39
C LEU A 152 -16.87 4.57 -6.10
N THR A 153 -15.79 3.89 -6.49
CA THR A 153 -14.66 4.48 -7.20
C THR A 153 -13.86 3.35 -7.83
N LEU A 154 -13.12 3.65 -8.88
CA LEU A 154 -11.95 2.84 -9.20
C LEU A 154 -11.00 3.64 -10.08
N THR A 155 -9.94 4.17 -9.47
CA THR A 155 -8.89 4.84 -10.22
C THR A 155 -8.12 3.78 -11.02
N ARG A 156 -7.07 4.18 -11.70
CA ARG A 156 -6.35 3.20 -12.48
C ARG A 156 -5.01 3.80 -12.93
N LYS A 157 -4.24 3.03 -13.69
CA LYS A 157 -2.95 3.45 -14.21
C LYS A 157 -2.99 3.28 -15.73
N GLU A 158 -2.83 4.38 -16.45
CA GLU A 158 -3.04 4.40 -17.88
C GLU A 158 -1.81 4.93 -18.59
N PRO A 159 -1.53 4.47 -19.81
CA PRO A 159 -0.42 5.01 -20.58
C PRO A 159 -0.64 6.50 -20.82
N VAL A 160 0.44 7.20 -21.18
CA VAL A 160 0.37 8.65 -21.37
C VAL A 160 0.23 9.02 -22.84
N GLY A 161 1.24 8.72 -23.65
CA GLY A 161 1.26 9.21 -25.03
C GLY A 161 2.49 8.74 -25.76
N VAL A 162 3.17 9.67 -26.44
CA VAL A 162 4.48 9.37 -27.01
C VAL A 162 5.54 10.10 -26.19
N CYS A 163 6.75 9.53 -26.16
CA CYS A 163 7.78 9.89 -25.22
C CYS A 163 9.04 10.35 -25.93
N GLY A 164 9.89 11.03 -25.16
CA GLY A 164 11.16 11.48 -25.68
C GLY A 164 12.30 10.67 -25.10
N ILE A 165 13.26 10.31 -25.95
CA ILE A 165 14.33 9.41 -25.59
C ILE A 165 15.67 10.05 -25.90
N ILE A 166 16.32 10.61 -24.89
CA ILE A 166 17.66 11.13 -25.02
C ILE A 166 18.55 10.26 -24.15
N ILE A 167 19.12 9.22 -24.76
CA ILE A 167 20.12 8.44 -24.06
C ILE A 167 21.33 9.35 -23.90
N PRO A 168 22.04 9.28 -22.80
CA PRO A 168 23.26 10.08 -22.67
C PRO A 168 24.35 9.58 -23.59
N TRP A 169 25.54 10.17 -23.49
CA TRP A 169 26.68 9.75 -24.30
C TRP A 169 27.50 8.64 -23.68
N ASN A 170 27.53 8.52 -22.35
CA ASN A 170 28.54 7.70 -21.69
C ASN A 170 28.19 6.22 -21.75
N TYR A 171 27.00 5.85 -21.27
CA TYR A 171 26.61 4.44 -21.24
C TYR A 171 25.60 4.19 -22.34
N PRO A 172 26.05 3.97 -23.57
CA PRO A 172 25.16 4.09 -24.73
C PRO A 172 24.10 3.01 -24.83
N LEU A 173 24.50 1.73 -24.78
CA LEU A 173 23.53 0.67 -25.05
C LEU A 173 22.75 0.25 -23.82
N MET A 174 23.44 -0.09 -22.73
CA MET A 174 22.76 -0.57 -21.54
C MET A 174 21.77 0.46 -21.00
N MET A 175 22.10 1.75 -21.13
CA MET A 175 21.17 2.78 -20.69
C MET A 175 20.08 3.04 -21.72
N LEU A 176 20.16 2.39 -22.87
CA LEU A 176 19.00 2.28 -23.73
C LEU A 176 17.93 1.38 -23.11
N SER A 177 18.33 0.18 -22.68
CA SER A 177 17.36 -0.75 -22.13
C SER A 177 16.77 -0.24 -20.83
N TRP A 178 17.60 0.39 -19.99
CA TRP A 178 17.10 1.01 -18.76
C TRP A 178 16.03 2.06 -19.01
N LYS A 179 15.98 2.60 -20.23
CA LYS A 179 14.88 3.43 -20.69
C LYS A 179 14.14 2.81 -21.87
N THR A 180 14.37 1.54 -22.16
CA THR A 180 13.49 0.83 -23.08
C THR A 180 12.51 -0.09 -22.37
N ALA A 181 12.58 -0.17 -21.04
CA ALA A 181 11.68 -0.99 -20.25
C ALA A 181 10.56 -0.17 -19.60
N ALA A 182 10.93 0.83 -18.81
CA ALA A 182 9.93 1.60 -18.08
C ALA A 182 9.08 2.46 -19.01
N CYS A 183 9.48 2.59 -20.27
CA CYS A 183 8.72 3.43 -21.20
C CYS A 183 7.69 2.60 -21.95
N LEU A 184 8.16 1.55 -22.62
CA LEU A 184 7.28 0.70 -23.42
C LEU A 184 6.19 0.06 -22.57
N ALA A 185 6.51 -0.33 -21.34
CA ALA A 185 5.61 -1.17 -20.56
C ALA A 185 4.30 -0.47 -20.22
N ALA A 186 4.34 0.84 -20.02
CA ALA A 186 3.21 1.60 -19.50
C ALA A 186 2.06 1.72 -20.48
N GLY A 187 2.15 1.11 -21.66
CA GLY A 187 1.08 1.17 -22.65
C GLY A 187 1.46 1.92 -23.90
N ASN A 188 2.47 2.78 -23.83
CA ASN A 188 2.85 3.70 -24.91
C ASN A 188 3.85 3.03 -25.85
N THR A 189 4.40 3.81 -26.77
CA THR A 189 5.49 3.43 -27.65
C THR A 189 6.60 4.48 -27.52
N VAL A 190 7.73 4.24 -28.18
CA VAL A 190 8.95 4.99 -27.90
C VAL A 190 9.55 5.52 -29.19
N VAL A 191 10.36 6.58 -29.05
CA VAL A 191 11.08 7.17 -30.17
C VAL A 191 12.39 7.75 -29.63
N ILE A 192 13.52 7.22 -30.11
CA ILE A 192 14.79 7.34 -29.42
C ILE A 192 15.71 8.33 -30.12
N LYS A 193 16.21 9.30 -29.35
CA LYS A 193 17.24 10.24 -29.76
C LYS A 193 18.53 9.79 -29.09
N PRO A 194 19.26 8.86 -29.70
CA PRO A 194 20.46 8.33 -29.06
C PRO A 194 21.63 9.30 -29.14
N ALA A 195 22.74 8.90 -28.51
CA ALA A 195 23.99 9.62 -28.65
C ALA A 195 24.58 9.32 -30.03
N GLN A 196 24.85 10.38 -30.81
CA GLN A 196 25.32 10.17 -32.18
C GLN A 196 26.82 9.90 -32.25
N VAL A 197 27.56 10.20 -31.18
CA VAL A 197 28.96 9.80 -31.14
C VAL A 197 29.08 8.29 -31.09
N THR A 198 28.30 7.64 -30.23
CA THR A 198 28.22 6.18 -30.14
C THR A 198 26.79 5.74 -30.34
N PRO A 199 26.20 6.00 -31.51
CA PRO A 199 24.82 5.57 -31.77
C PRO A 199 24.70 4.16 -32.33
N LEU A 200 25.81 3.44 -32.43
CA LEU A 200 25.83 2.20 -33.20
C LEU A 200 25.52 1.00 -32.31
N THR A 201 25.73 1.14 -31.00
CA THR A 201 25.11 0.21 -30.07
C THR A 201 23.61 0.45 -29.98
N ALA A 202 23.21 1.71 -29.89
CA ALA A 202 21.79 2.04 -29.78
C ALA A 202 21.02 1.54 -31.00
N LEU A 203 21.41 1.99 -32.20
CA LEU A 203 20.72 1.56 -33.40
C LEU A 203 20.80 0.07 -33.64
N LYS A 204 21.77 -0.61 -33.02
CA LYS A 204 21.89 -2.06 -33.21
C LYS A 204 20.75 -2.81 -32.51
N PHE A 205 20.20 -2.23 -31.45
CA PHE A 205 19.20 -2.93 -30.67
C PHE A 205 17.92 -3.16 -31.47
N ALA A 206 17.43 -2.14 -32.16
CA ALA A 206 16.10 -2.23 -32.77
C ALA A 206 16.03 -3.25 -33.88
N GLU A 207 17.18 -3.61 -34.47
CA GLU A 207 17.16 -4.63 -35.51
C GLU A 207 16.69 -5.96 -34.96
N LEU A 208 17.04 -6.27 -33.72
CA LEU A 208 16.59 -7.51 -33.11
C LEU A 208 15.08 -7.53 -32.90
N THR A 209 14.49 -6.36 -32.58
CA THR A 209 13.04 -6.28 -32.50
C THR A 209 12.40 -6.54 -33.86
N LEU A 210 13.13 -6.27 -34.94
CA LEU A 210 12.64 -6.59 -36.28
C LEU A 210 12.36 -8.07 -36.42
N LYS A 211 13.37 -8.91 -36.18
CA LYS A 211 13.09 -10.34 -36.04
C LYS A 211 12.11 -10.58 -34.90
N ALA A 212 12.31 -9.89 -33.78
CA ALA A 212 11.45 -10.04 -32.61
C ALA A 212 10.03 -9.55 -32.84
N GLY A 213 9.76 -8.89 -33.97
CA GLY A 213 8.40 -8.64 -34.39
C GLY A 213 7.53 -7.87 -33.43
N ILE A 214 8.11 -6.98 -32.64
CA ILE A 214 7.27 -6.09 -31.82
C ILE A 214 6.33 -5.33 -32.74
N PRO A 215 5.15 -4.90 -32.29
CA PRO A 215 4.25 -4.15 -33.16
C PRO A 215 4.94 -2.95 -33.82
N LYS A 216 4.58 -2.70 -35.07
CA LYS A 216 5.27 -1.71 -35.87
C LYS A 216 5.14 -0.33 -35.24
N GLY A 217 6.18 0.48 -35.41
CA GLY A 217 6.17 1.81 -34.87
C GLY A 217 6.11 1.91 -33.36
N VAL A 218 6.45 0.83 -32.65
CA VAL A 218 6.52 0.90 -31.20
C VAL A 218 7.86 1.46 -30.73
N VAL A 219 8.94 1.18 -31.46
CA VAL A 219 10.28 1.61 -31.13
C VAL A 219 10.91 2.23 -32.37
N ASN A 220 11.39 3.46 -32.24
CA ASN A 220 12.06 4.13 -33.35
C ASN A 220 13.17 5.01 -32.82
N VAL A 221 14.39 4.77 -33.28
CA VAL A 221 15.57 5.47 -32.79
C VAL A 221 15.91 6.56 -33.80
N LEU A 222 16.64 7.57 -33.34
CA LEU A 222 16.85 8.77 -34.17
C LEU A 222 18.14 9.48 -33.79
N PRO A 223 19.25 9.16 -34.45
CA PRO A 223 20.44 10.02 -34.36
C PRO A 223 20.16 11.39 -34.94
N GLY A 224 20.95 12.38 -34.51
CA GLY A 224 20.75 13.73 -34.99
C GLY A 224 21.72 14.69 -34.33
N SER A 225 21.57 15.95 -34.70
CA SER A 225 22.40 17.00 -34.13
C SER A 225 22.16 17.15 -32.65
N GLY A 226 22.97 17.98 -32.01
CA GLY A 226 22.90 18.18 -30.58
C GLY A 226 21.58 18.73 -30.08
N SER A 227 21.28 19.99 -30.41
CA SER A 227 20.08 20.64 -29.90
C SER A 227 19.08 21.00 -30.98
N LEU A 228 19.13 20.37 -32.15
CA LEU A 228 18.02 20.47 -33.10
C LEU A 228 17.08 19.28 -32.96
N VAL A 229 17.59 18.08 -33.21
CA VAL A 229 16.78 16.88 -33.06
C VAL A 229 16.26 16.78 -31.64
N GLY A 230 17.11 17.07 -30.67
CA GLY A 230 16.65 17.14 -29.29
C GLY A 230 15.61 18.24 -29.08
N GLN A 231 15.89 19.44 -29.57
CA GLN A 231 14.93 20.52 -29.43
C GLN A 231 13.68 20.24 -30.26
N ARG A 232 13.86 19.74 -31.49
CA ARG A 232 12.72 19.48 -32.35
C ARG A 232 11.81 18.41 -31.75
N LEU A 233 12.38 17.47 -30.99
CA LEU A 233 11.57 16.64 -30.12
C LEU A 233 11.22 17.34 -28.82
N SER A 234 11.91 18.44 -28.50
CA SER A 234 11.68 19.18 -27.27
C SER A 234 10.56 20.19 -27.37
N ASP A 235 9.96 20.34 -28.53
CA ASP A 235 8.94 21.36 -28.73
C ASP A 235 7.73 20.87 -29.50
N HIS A 236 7.80 19.72 -30.13
CA HIS A 236 6.72 19.22 -30.96
C HIS A 236 5.45 19.14 -30.12
N PRO A 237 4.26 19.31 -30.71
CA PRO A 237 3.05 19.22 -29.86
C PRO A 237 2.67 17.79 -29.54
N ASP A 238 2.88 16.89 -30.49
CA ASP A 238 2.46 15.50 -30.37
C ASP A 238 3.11 14.80 -29.18
N VAL A 239 4.39 15.08 -28.93
CA VAL A 239 5.13 14.33 -27.91
C VAL A 239 4.53 14.60 -26.53
N ARG A 240 4.49 13.56 -25.71
CA ARG A 240 3.87 13.59 -24.38
C ARG A 240 4.86 13.43 -23.25
N LYS A 241 5.97 12.73 -23.48
CA LYS A 241 6.95 12.51 -22.45
C LYS A 241 8.33 12.62 -23.06
N ILE A 242 9.34 12.71 -22.19
CA ILE A 242 10.67 13.12 -22.61
C ILE A 242 11.72 12.52 -21.69
N GLY A 243 12.68 11.81 -22.27
CA GLY A 243 13.75 11.17 -21.52
C GLY A 243 15.10 11.65 -21.99
N PHE A 244 15.95 12.02 -21.03
CA PHE A 244 17.29 12.52 -21.31
C PHE A 244 18.17 12.35 -20.09
N THR A 245 19.44 12.07 -20.33
CA THR A 245 20.48 12.20 -19.30
C THR A 245 21.72 12.82 -19.95
N GLY A 246 22.30 13.81 -19.28
CA GLY A 246 23.48 14.46 -19.80
C GLY A 246 23.94 15.61 -18.93
N SER A 247 24.42 16.67 -19.55
CA SER A 247 24.93 17.83 -18.84
C SER A 247 23.84 18.47 -17.98
N THR A 248 24.29 19.27 -17.01
CA THR A 248 23.37 20.17 -16.30
C THR A 248 22.90 21.30 -17.20
N GLU A 249 23.56 21.50 -18.32
CA GLU A 249 23.29 22.66 -19.16
C GLU A 249 21.94 22.54 -19.85
N VAL A 250 21.80 21.50 -20.67
CA VAL A 250 20.74 21.42 -21.69
C VAL A 250 19.36 21.60 -21.10
N GLY A 251 19.16 21.17 -19.85
CA GLY A 251 17.85 21.21 -19.23
C GLY A 251 17.30 22.59 -18.96
N LYS A 252 18.06 23.41 -18.22
CA LYS A 252 17.59 24.75 -17.88
C LYS A 252 17.28 25.58 -19.11
N HIS A 253 17.83 25.22 -20.27
CA HIS A 253 17.39 25.72 -21.55
C HIS A 253 16.33 24.84 -22.20
N ILE A 254 16.42 23.52 -22.06
CA ILE A 254 15.39 22.65 -22.62
C ILE A 254 14.13 22.72 -21.78
N MET A 255 14.27 22.93 -20.47
CA MET A 255 13.10 23.04 -19.61
C MET A 255 12.34 24.33 -19.81
N LYS A 256 12.75 25.18 -20.76
CA LYS A 256 11.93 26.32 -21.10
C LYS A 256 10.95 26.01 -22.22
N SER A 257 11.18 24.92 -22.98
CA SER A 257 10.15 24.41 -23.88
C SER A 257 8.94 23.91 -23.09
N CYS A 258 9.20 23.19 -22.00
CA CYS A 258 8.14 22.59 -21.22
C CYS A 258 7.32 23.63 -20.47
N ALA A 259 7.84 24.82 -20.26
CA ALA A 259 7.00 25.89 -19.78
C ALA A 259 6.14 26.45 -20.89
N ILE A 260 6.39 26.08 -22.14
CA ILE A 260 5.68 26.69 -23.25
C ILE A 260 4.99 25.69 -24.17
N SER A 261 5.78 24.82 -24.83
CA SER A 261 5.30 24.13 -26.02
C SER A 261 4.06 23.27 -25.78
N ASN A 262 4.21 22.22 -24.99
CA ASN A 262 3.09 21.41 -24.52
C ASN A 262 3.50 20.93 -23.12
N VAL A 263 2.69 21.22 -22.10
CA VAL A 263 3.16 21.25 -20.71
C VAL A 263 3.64 19.90 -20.18
N LYS A 264 3.65 18.88 -21.07
CA LYS A 264 3.98 17.49 -20.80
C LYS A 264 5.14 17.31 -19.83
N LYS A 265 5.05 16.27 -19.00
CA LYS A 265 6.05 15.96 -17.99
C LYS A 265 7.45 15.83 -18.58
N VAL A 266 8.46 15.90 -17.72
CA VAL A 266 9.86 15.97 -18.09
C VAL A 266 10.66 14.97 -17.28
N SER A 267 11.76 14.48 -17.86
CA SER A 267 12.60 13.46 -17.23
C SER A 267 14.06 13.71 -17.63
N LEU A 268 14.82 14.37 -16.77
CA LEU A 268 16.19 14.73 -17.07
C LEU A 268 17.11 14.39 -15.90
N GLU A 269 18.34 13.97 -16.23
CA GLU A 269 19.34 13.56 -15.27
C GLU A 269 20.63 14.31 -15.56
N LEU A 270 21.33 14.69 -14.49
CA LEU A 270 22.61 15.40 -14.63
C LEU A 270 23.71 14.67 -13.86
N GLY A 271 24.94 14.78 -14.38
CA GLY A 271 26.08 14.19 -13.69
C GLY A 271 26.25 14.77 -12.30
N GLY A 272 27.12 14.17 -11.49
CA GLY A 272 27.12 14.46 -10.07
C GLY A 272 28.51 14.54 -9.47
N LYS A 273 28.52 14.82 -8.16
CA LYS A 273 29.70 15.05 -7.35
C LYS A 273 29.61 14.25 -6.05
N SER A 274 29.33 12.96 -6.18
CA SER A 274 29.27 12.00 -5.09
C SER A 274 30.49 12.03 -4.17
N PRO A 275 30.36 12.48 -2.93
CA PRO A 275 31.48 12.41 -1.97
C PRO A 275 31.52 11.06 -1.25
N LEU A 276 32.58 10.28 -1.49
CA LEU A 276 32.69 8.88 -1.06
C LEU A 276 33.46 8.78 0.26
N ILE A 277 32.77 9.05 1.36
CA ILE A 277 33.45 9.40 2.61
C ILE A 277 34.03 8.18 3.27
N ILE A 278 35.25 7.80 2.90
CA ILE A 278 35.90 6.61 3.45
C ILE A 278 36.51 6.97 4.80
N PHE A 279 35.99 6.39 5.86
CA PHE A 279 36.75 6.39 7.10
C PHE A 279 37.91 5.40 6.95
N ALA A 280 38.74 5.32 7.99
CA ALA A 280 39.81 4.33 8.01
C ALA A 280 39.40 3.04 8.70
N ASP A 281 38.37 3.09 9.53
CA ASP A 281 37.96 1.94 10.33
C ASP A 281 37.58 0.75 9.47
N CYS A 282 37.06 0.99 8.27
CA CYS A 282 36.80 -0.10 7.35
C CYS A 282 38.11 -0.82 7.02
N ASP A 283 37.97 -2.02 6.47
CA ASP A 283 39.14 -2.82 6.13
C ASP A 283 39.98 -2.06 5.11
N LEU A 284 41.19 -1.69 5.51
CA LEU A 284 42.01 -0.83 4.65
C LEU A 284 42.36 -1.53 3.34
N ASN A 285 42.47 -2.85 3.35
CA ASN A 285 42.71 -3.58 2.11
C ASN A 285 41.57 -3.37 1.11
N LYS A 286 40.33 -3.33 1.59
CA LYS A 286 39.19 -3.05 0.72
C LYS A 286 38.82 -1.58 0.73
N ALA A 287 39.33 -0.81 1.69
CA ALA A 287 39.13 0.63 1.67
C ALA A 287 39.82 1.25 0.46
N VAL A 288 40.85 0.60 -0.06
CA VAL A 288 41.54 1.09 -1.23
C VAL A 288 40.99 0.45 -2.50
N GLN A 289 40.85 -0.88 -2.50
CA GLN A 289 40.52 -1.60 -3.72
C GLN A 289 39.14 -1.22 -4.25
N MET A 290 38.09 -1.50 -3.47
CA MET A 290 36.78 -1.03 -3.88
C MET A 290 36.68 0.49 -3.86
N GLY A 291 37.45 1.15 -3.00
CA GLY A 291 37.65 2.58 -3.17
C GLY A 291 38.26 2.88 -4.51
N MET A 292 39.28 2.13 -4.91
CA MET A 292 39.87 2.29 -6.24
C MET A 292 38.91 1.84 -7.32
N SER A 293 38.06 0.86 -7.04
CA SER A 293 36.98 0.53 -7.96
C SER A 293 35.85 1.53 -7.89
N SER A 294 35.84 2.38 -6.86
CA SER A 294 34.76 3.34 -6.71
C SER A 294 34.82 4.45 -7.74
N VAL A 295 35.98 4.71 -8.33
CA VAL A 295 36.16 5.85 -9.23
C VAL A 295 36.61 5.40 -10.61
N PHE A 296 37.58 4.51 -10.68
CA PHE A 296 38.22 4.16 -11.94
C PHE A 296 37.44 3.13 -12.73
N PHE A 297 36.15 2.96 -12.46
CA PHE A 297 35.39 1.89 -13.09
C PHE A 297 35.04 2.25 -14.53
N ASN A 298 35.14 1.25 -15.41
CA ASN A 298 34.91 1.40 -16.85
C ASN A 298 35.62 2.63 -17.40
N LYS A 299 36.92 2.71 -17.10
CA LYS A 299 37.78 3.84 -17.47
C LYS A 299 37.13 5.18 -17.16
N GLY A 300 36.66 5.33 -15.92
CA GLY A 300 36.27 6.62 -15.40
C GLY A 300 34.96 7.18 -15.92
N GLU A 301 34.41 6.63 -16.99
CA GLU A 301 33.17 7.14 -17.60
C GLU A 301 31.96 6.64 -16.81
N ASN A 302 31.96 6.96 -15.52
CA ASN A 302 30.94 6.46 -14.60
C ASN A 302 29.97 7.59 -14.29
N CYS A 303 28.69 7.28 -14.34
CA CYS A 303 27.67 8.32 -14.23
C CYS A 303 27.66 8.96 -12.85
N ILE A 304 27.67 8.17 -11.79
CA ILE A 304 27.54 8.74 -10.45
C ILE A 304 28.86 8.76 -9.69
N ALA A 305 29.94 8.26 -10.31
CA ALA A 305 31.15 7.89 -9.59
C ALA A 305 31.66 9.00 -8.69
N ALA A 306 32.14 8.63 -7.52
CA ALA A 306 32.52 9.59 -6.49
C ALA A 306 33.90 10.14 -6.80
N GLY A 307 33.95 11.40 -7.21
CA GLY A 307 35.20 12.04 -7.52
C GLY A 307 35.66 12.94 -6.40
N ARG A 308 35.29 12.62 -5.17
CA ARG A 308 35.85 13.34 -4.02
C ARG A 308 36.03 12.34 -2.88
N LEU A 309 37.17 11.69 -2.86
CA LEU A 309 37.37 10.45 -2.11
C LEU A 309 37.99 10.76 -0.76
N PHE A 310 37.14 11.18 0.17
CA PHE A 310 37.63 11.60 1.47
C PHE A 310 38.31 10.44 2.15
N VAL A 311 39.27 10.72 3.04
CA VAL A 311 39.98 9.69 3.78
C VAL A 311 40.42 10.28 5.11
N GLU A 312 40.42 9.46 6.15
CA GLU A 312 40.98 9.90 7.41
C GLU A 312 42.50 10.00 7.29
N ASP A 313 43.08 10.78 8.19
CA ASP A 313 44.53 11.04 8.14
C ASP A 313 45.31 9.74 8.28
N SER A 314 44.81 8.84 9.13
CA SER A 314 45.60 7.70 9.58
C SER A 314 46.01 6.79 8.44
N ILE A 315 45.31 6.86 7.31
CA ILE A 315 45.52 5.93 6.22
C ILE A 315 45.75 6.65 4.90
N HIS A 316 45.85 7.98 4.94
CA HIS A 316 45.77 8.75 3.71
C HIS A 316 46.90 8.40 2.77
N ASP A 317 48.14 8.72 3.17
CA ASP A 317 49.28 8.28 2.40
C ASP A 317 49.28 6.77 2.26
N GLU A 318 48.86 6.07 3.33
CA GLU A 318 48.70 4.62 3.24
C GLU A 318 47.75 4.27 2.12
N PHE A 319 46.48 4.67 2.26
CA PHE A 319 45.52 4.56 1.18
C PHE A 319 46.08 5.16 -0.10
N VAL A 320 46.77 6.29 0.01
CA VAL A 320 47.38 6.89 -1.19
C VAL A 320 48.45 5.97 -1.74
N ARG A 321 49.52 5.75 -0.96
CA ARG A 321 50.69 5.04 -1.47
C ARG A 321 50.34 3.63 -1.92
N ARG A 322 49.43 2.97 -1.21
CA ARG A 322 48.92 1.71 -1.71
C ARG A 322 48.12 1.93 -2.99
N VAL A 323 47.15 2.83 -2.96
CA VAL A 323 46.39 3.15 -4.17
C VAL A 323 47.31 3.68 -5.26
N VAL A 324 48.30 4.48 -4.85
CA VAL A 324 49.36 4.92 -5.78
C VAL A 324 49.94 3.72 -6.51
N GLU A 325 50.21 2.64 -5.78
CA GLU A 325 50.57 1.39 -6.43
C GLU A 325 49.41 0.91 -7.30
N GLU A 326 48.18 1.04 -6.82
CA GLU A 326 47.05 0.52 -7.58
C GLU A 326 46.79 1.36 -8.83
N VAL A 327 47.12 2.65 -8.78
CA VAL A 327 47.02 3.48 -9.98
C VAL A 327 47.94 2.94 -11.07
N ARG A 328 49.04 2.27 -10.68
CA ARG A 328 49.95 1.68 -11.64
C ARG A 328 49.47 0.33 -12.13
N LYS A 329 48.68 -0.38 -11.33
CA LYS A 329 48.33 -1.76 -11.64
C LYS A 329 47.51 -1.89 -12.92
N MET A 330 46.83 -0.85 -13.34
CA MET A 330 45.83 -0.97 -14.39
C MET A 330 46.46 -1.26 -15.75
N LYS A 331 45.65 -1.84 -16.63
CA LYS A 331 46.00 -2.08 -18.03
C LYS A 331 45.38 -1.04 -18.94
N VAL A 332 46.16 -0.56 -19.90
CA VAL A 332 45.67 0.30 -20.97
C VAL A 332 45.80 -0.46 -22.27
N GLY A 333 44.67 -0.85 -22.86
CA GLY A 333 44.70 -1.63 -24.08
C GLY A 333 43.37 -1.62 -24.80
N ASN A 334 43.27 -2.49 -25.80
CA ASN A 334 42.04 -2.60 -26.56
C ASN A 334 40.91 -3.04 -25.64
N PRO A 335 39.80 -2.31 -25.60
CA PRO A 335 38.71 -2.69 -24.70
C PRO A 335 38.19 -4.08 -24.95
N LEU A 336 38.16 -4.51 -26.21
CA LEU A 336 37.84 -5.89 -26.52
C LEU A 336 38.97 -6.84 -26.14
N ASP A 337 40.16 -6.31 -25.85
CA ASP A 337 41.25 -7.15 -25.36
C ASP A 337 41.01 -7.47 -23.90
N ARG A 338 41.00 -8.77 -23.59
CA ARG A 338 40.57 -9.24 -22.27
C ARG A 338 41.40 -8.62 -21.16
N ASP A 339 42.71 -8.48 -21.39
CA ASP A 339 43.58 -7.92 -20.36
C ASP A 339 43.39 -6.43 -20.17
N THR A 340 42.67 -5.76 -21.06
CA THR A 340 42.52 -4.31 -20.98
C THR A 340 41.79 -3.92 -19.70
N ASP A 341 42.43 -3.07 -18.90
CA ASP A 341 41.83 -2.56 -17.69
C ASP A 341 41.52 -1.07 -17.76
N HIS A 342 42.00 -0.39 -18.80
CA HIS A 342 41.76 1.04 -18.99
C HIS A 342 41.76 1.30 -20.48
N GLY A 343 40.70 1.94 -20.97
CA GLY A 343 40.61 2.33 -22.36
C GLY A 343 40.62 3.83 -22.53
N PRO A 344 40.40 4.29 -23.76
CA PRO A 344 40.32 5.73 -24.00
C PRO A 344 39.01 6.30 -23.51
N GLN A 345 38.97 7.63 -23.40
CA GLN A 345 37.72 8.30 -23.15
C GLN A 345 36.78 8.13 -24.34
N ASN A 346 35.57 8.66 -24.19
CA ASN A 346 34.63 8.60 -25.31
C ASN A 346 35.17 9.31 -26.53
N HIS A 347 35.63 10.55 -26.39
CA HIS A 347 35.76 11.40 -27.55
C HIS A 347 37.06 12.19 -27.44
N HIS A 348 37.40 12.86 -28.54
CA HIS A 348 38.71 13.47 -28.71
C HIS A 348 38.88 14.68 -27.80
N ALA A 349 38.02 15.68 -27.96
CA ALA A 349 38.17 16.90 -27.17
C ALA A 349 37.93 16.65 -25.69
N HIS A 350 37.17 15.62 -25.34
CA HIS A 350 36.88 15.39 -23.93
C HIS A 350 38.13 15.06 -23.13
N LEU A 351 39.05 14.29 -23.74
CA LEU A 351 40.32 14.03 -23.07
C LEU A 351 41.05 15.33 -22.80
N VAL A 352 40.96 16.28 -23.73
CA VAL A 352 41.29 17.66 -23.42
C VAL A 352 40.46 18.14 -22.24
N LYS A 353 39.13 18.05 -22.37
CA LYS A 353 38.19 18.51 -21.35
C LYS A 353 38.49 17.98 -19.95
N LEU A 354 39.10 16.80 -19.86
CA LEU A 354 39.56 16.29 -18.58
C LEU A 354 40.93 16.81 -18.21
N MET A 355 41.83 16.94 -19.19
CA MET A 355 43.23 17.25 -18.87
C MET A 355 43.36 18.64 -18.27
N GLU A 356 42.65 19.63 -18.80
CA GLU A 356 42.73 20.96 -18.23
C GLU A 356 42.21 20.99 -16.81
N TYR A 357 41.13 20.24 -16.54
CA TYR A 357 40.70 19.99 -15.18
C TYR A 357 41.89 19.61 -14.31
N CYS A 358 42.64 18.58 -14.73
CA CYS A 358 43.93 18.31 -14.12
C CYS A 358 44.80 19.56 -14.11
N GLN A 359 44.93 20.21 -15.26
CA GLN A 359 45.74 21.42 -15.36
C GLN A 359 45.19 22.54 -14.48
N HIS A 360 43.86 22.64 -14.39
CA HIS A 360 43.26 23.64 -13.53
C HIS A 360 43.75 23.47 -12.09
N GLY A 361 43.47 22.31 -11.50
CA GLY A 361 43.79 22.12 -10.09
C GLY A 361 45.29 22.19 -9.82
N VAL A 362 46.10 21.62 -10.72
CA VAL A 362 47.54 21.64 -10.53
C VAL A 362 48.07 23.07 -10.46
N LYS A 363 47.53 23.96 -11.30
CA LYS A 363 47.89 25.37 -11.17
C LYS A 363 47.42 25.96 -9.84
N GLU A 364 46.33 25.44 -9.28
CA GLU A 364 45.83 25.98 -8.02
C GLU A 364 46.82 25.71 -6.88
N GLY A 365 47.66 24.70 -7.04
CA GLY A 365 48.50 24.22 -5.96
C GLY A 365 48.23 22.77 -5.64
N ALA A 366 47.79 22.00 -6.64
CA ALA A 366 47.35 20.64 -6.41
C ALA A 366 48.50 19.65 -6.54
N THR A 367 48.56 18.72 -5.58
CA THR A 367 49.57 17.66 -5.57
C THR A 367 49.25 16.66 -6.67
N LEU A 368 49.80 16.88 -7.85
CA LEU A 368 49.59 15.97 -8.97
C LEU A 368 50.39 14.69 -8.72
N VAL A 369 49.82 13.81 -7.89
CA VAL A 369 50.55 12.65 -7.41
C VAL A 369 50.80 11.62 -8.52
N CYS A 370 50.29 11.83 -9.72
CA CYS A 370 50.70 11.04 -10.87
C CYS A 370 50.05 11.57 -12.13
N GLY A 371 50.73 11.38 -13.26
CA GLY A 371 50.12 11.57 -14.57
C GLY A 371 49.50 12.93 -14.77
N GLY A 372 48.24 12.92 -15.23
CA GLY A 372 47.50 14.12 -15.46
C GLY A 372 47.38 14.53 -16.92
N ASN A 373 48.08 13.85 -17.83
CA ASN A 373 48.05 14.19 -19.24
C ASN A 373 47.79 12.95 -20.07
N GLN A 374 47.72 13.15 -21.39
CA GLN A 374 47.28 12.08 -22.28
C GLN A 374 48.27 10.92 -22.29
N VAL A 375 47.73 9.70 -22.27
CA VAL A 375 48.57 8.54 -22.55
C VAL A 375 49.12 8.65 -23.96
N PRO A 376 50.41 8.53 -24.15
CA PRO A 376 51.02 8.79 -25.47
C PRO A 376 50.76 7.69 -26.50
N ARG A 377 49.51 7.58 -26.93
CA ARG A 377 49.13 6.62 -27.95
C ARG A 377 47.89 7.15 -28.65
N PRO A 378 47.63 6.71 -29.88
CA PRO A 378 46.39 7.12 -30.57
C PRO A 378 45.15 6.70 -29.80
N GLY A 379 44.01 7.15 -30.30
CA GLY A 379 42.88 7.21 -29.42
C GLY A 379 43.13 8.31 -28.41
N PHE A 380 42.47 8.22 -27.26
CA PHE A 380 42.61 9.24 -26.23
C PHE A 380 42.74 8.61 -24.85
N PHE A 381 43.66 7.65 -24.73
CA PHE A 381 44.01 7.09 -23.43
C PHE A 381 44.52 8.20 -22.51
N PHE A 382 44.07 8.20 -21.27
CA PHE A 382 44.48 9.19 -20.29
C PHE A 382 45.08 8.51 -19.07
N GLU A 383 46.10 9.13 -18.52
CA GLU A 383 46.81 8.57 -17.37
C GLU A 383 45.96 8.71 -16.12
N PRO A 384 45.63 7.63 -15.43
CA PRO A 384 44.85 7.75 -14.19
C PRO A 384 45.56 8.63 -13.17
N THR A 385 44.97 9.79 -12.93
CA THR A 385 45.58 10.83 -12.11
C THR A 385 45.10 10.70 -10.67
N VAL A 386 45.95 11.11 -9.75
CA VAL A 386 45.60 11.12 -8.33
C VAL A 386 46.10 12.42 -7.74
N PHE A 387 45.18 13.30 -7.37
CA PHE A 387 45.53 14.53 -6.70
C PHE A 387 45.63 14.25 -5.21
N THR A 388 45.65 15.30 -4.41
CA THR A 388 45.68 15.11 -2.97
C THR A 388 45.26 16.41 -2.31
N ASP A 389 44.54 16.27 -1.20
CA ASP A 389 44.31 17.33 -0.22
C ASP A 389 43.68 18.58 -0.81
N VAL A 390 43.16 18.52 -2.03
CA VAL A 390 42.56 19.68 -2.66
C VAL A 390 41.31 20.08 -1.91
N GLU A 391 41.28 21.32 -1.45
CA GLU A 391 40.17 21.87 -0.69
C GLU A 391 39.10 22.36 -1.67
N ASP A 392 38.03 22.95 -1.14
CA ASP A 392 36.78 23.02 -1.89
C ASP A 392 36.82 24.21 -2.84
N HIS A 393 37.37 25.35 -2.40
CA HIS A 393 37.34 26.56 -3.21
C HIS A 393 37.97 26.39 -4.58
N MET A 394 38.89 25.44 -4.74
CA MET A 394 39.55 25.25 -6.01
C MET A 394 38.53 24.82 -7.08
N PHE A 395 39.01 24.71 -8.32
CA PHE A 395 38.11 24.45 -9.43
C PHE A 395 37.91 22.96 -9.65
N ILE A 396 38.91 22.16 -9.31
CA ILE A 396 38.80 20.72 -9.45
C ILE A 396 37.86 20.11 -8.42
N ALA A 397 37.86 20.65 -7.20
CA ALA A 397 36.98 20.15 -6.15
C ALA A 397 35.56 20.70 -6.23
N LYS A 398 35.19 21.28 -7.35
CA LYS A 398 33.82 21.71 -7.58
C LYS A 398 33.29 21.23 -8.92
N GLU A 399 34.12 21.21 -9.96
CA GLU A 399 33.69 20.82 -11.29
C GLU A 399 33.55 19.32 -11.39
N GLU A 400 32.65 18.89 -12.26
CA GLU A 400 32.58 17.49 -12.65
C GLU A 400 33.70 17.21 -13.64
N SER A 401 34.63 16.35 -13.24
CA SER A 401 35.71 15.98 -14.14
C SER A 401 35.18 15.25 -15.37
N PHE A 402 34.38 14.21 -15.14
CA PHE A 402 34.01 13.25 -16.18
C PHE A 402 35.24 12.46 -16.61
N GLY A 403 35.99 11.96 -15.64
CA GLY A 403 37.13 11.12 -15.91
C GLY A 403 37.52 10.28 -14.71
N PRO A 404 38.38 9.29 -14.92
CA PRO A 404 38.91 8.48 -13.81
C PRO A 404 40.00 9.21 -13.02
N VAL A 405 39.67 10.37 -12.49
CA VAL A 405 40.65 11.25 -11.86
C VAL A 405 40.33 11.26 -10.37
N MET A 406 40.99 10.38 -9.63
CA MET A 406 40.76 10.28 -8.20
C MET A 406 41.23 11.56 -7.52
N ILE A 407 40.29 12.35 -7.03
CA ILE A 407 40.58 13.70 -6.54
C ILE A 407 40.25 13.74 -5.05
N ILE A 408 41.24 13.42 -4.23
CA ILE A 408 41.09 13.23 -2.79
C ILE A 408 40.83 14.55 -2.09
N SER A 409 40.49 14.49 -0.82
CA SER A 409 40.55 15.61 0.10
C SER A 409 40.93 15.02 1.44
N ARG A 410 40.73 15.76 2.53
CA ARG A 410 41.07 15.19 3.82
C ARG A 410 40.40 15.99 4.93
N PHE A 411 40.45 15.43 6.15
CA PHE A 411 39.71 15.93 7.29
C PHE A 411 40.40 15.50 8.58
N ALA A 412 39.67 15.63 9.68
CA ALA A 412 40.18 15.23 10.98
C ALA A 412 39.84 13.78 11.28
N ASP A 413 40.65 13.16 12.12
CA ASP A 413 40.50 11.74 12.43
C ASP A 413 39.18 11.49 13.15
N GLY A 414 38.22 10.90 12.46
CA GLY A 414 36.94 10.54 13.04
C GLY A 414 35.82 11.54 12.86
N ASP A 415 36.05 12.60 12.08
CA ASP A 415 35.03 13.63 11.88
C ASP A 415 33.78 13.06 11.22
N LEU A 416 32.62 13.54 11.66
CA LEU A 416 31.35 13.03 11.19
C LEU A 416 30.61 14.03 10.31
N ASP A 417 30.31 15.22 10.82
CA ASP A 417 29.41 16.11 10.11
C ASP A 417 30.12 17.25 9.40
N ALA A 418 31.30 17.65 9.86
CA ALA A 418 31.95 18.82 9.27
C ALA A 418 32.50 18.51 7.89
N VAL A 419 33.47 17.59 7.80
CA VAL A 419 34.02 17.26 6.50
C VAL A 419 32.97 16.64 5.61
N LEU A 420 32.03 15.90 6.20
CA LEU A 420 30.92 15.39 5.42
C LEU A 420 29.98 16.51 5.02
N SER A 421 30.09 17.67 5.69
CA SER A 421 29.53 18.90 5.15
C SER A 421 30.40 19.48 4.05
N ARG A 422 31.61 18.94 3.85
CA ARG A 422 32.28 19.04 2.57
C ARG A 422 31.88 17.90 1.63
N ALA A 423 31.19 16.90 2.15
CA ALA A 423 30.45 15.94 1.34
C ALA A 423 28.99 16.35 1.18
N ASN A 424 28.48 17.18 2.09
CA ASN A 424 27.12 17.67 2.08
C ASN A 424 26.95 18.96 1.28
N ALA A 425 28.01 19.75 1.11
CA ALA A 425 27.91 21.09 0.54
C ALA A 425 27.80 21.11 -0.97
N THR A 426 28.28 20.08 -1.66
CA THR A 426 28.23 20.05 -3.12
C THR A 426 26.78 19.97 -3.58
N GLU A 427 26.41 20.78 -4.57
CA GLU A 427 25.03 20.81 -5.03
C GLU A 427 24.70 19.67 -5.99
N PHE A 428 25.71 19.03 -6.59
CA PHE A 428 25.47 17.80 -7.33
C PHE A 428 25.06 16.72 -6.34
N GLY A 429 23.76 16.40 -6.31
CA GLY A 429 23.22 15.59 -5.24
C GLY A 429 22.68 14.23 -5.67
N LEU A 430 23.43 13.53 -6.52
CA LEU A 430 22.98 12.25 -7.03
C LEU A 430 23.29 11.10 -6.08
N ALA A 431 24.55 10.79 -5.89
CA ALA A 431 24.99 9.58 -5.22
C ALA A 431 25.56 9.95 -3.86
N SER A 432 26.18 8.97 -3.24
CA SER A 432 27.07 9.17 -2.10
C SER A 432 27.88 7.89 -1.94
N GLY A 433 28.50 7.73 -0.78
CA GLY A 433 29.10 6.47 -0.43
C GLY A 433 29.53 6.54 1.01
N VAL A 434 30.01 5.41 1.52
CA VAL A 434 30.81 5.41 2.73
C VAL A 434 31.41 4.01 2.92
N PHE A 435 32.53 3.94 3.61
CA PHE A 435 33.04 2.70 4.17
C PHE A 435 33.06 2.87 5.69
N THR A 436 32.91 1.75 6.39
CA THR A 436 32.98 1.71 7.85
C THR A 436 32.75 0.28 8.31
N ARG A 437 33.21 -0.07 9.51
CA ARG A 437 32.79 -1.33 10.12
C ARG A 437 32.08 -1.15 11.45
N ASP A 438 32.65 -0.42 12.39
CA ASP A 438 31.88 -0.01 13.55
C ASP A 438 30.81 0.93 13.03
N ILE A 439 29.56 0.51 13.11
CA ILE A 439 28.50 1.30 12.52
C ILE A 439 27.81 2.14 13.60
N ASN A 440 28.55 2.44 14.67
CA ASN A 440 28.34 3.73 15.31
C ASN A 440 28.96 4.86 14.49
N LYS A 441 29.61 4.55 13.37
CA LYS A 441 30.12 5.52 12.43
C LYS A 441 29.39 5.50 11.09
N ALA A 442 28.41 4.61 10.92
CA ALA A 442 27.45 4.66 9.81
C ALA A 442 26.06 5.04 10.26
N LEU A 443 25.93 5.57 11.48
CA LEU A 443 24.66 6.08 11.97
C LEU A 443 24.46 7.55 11.61
N TYR A 444 25.56 8.26 11.37
CA TYR A 444 25.52 9.68 11.02
C TYR A 444 26.13 9.94 9.65
N VAL A 445 26.59 8.89 8.97
CA VAL A 445 27.07 9.03 7.60
C VAL A 445 25.91 9.18 6.64
N SER A 446 24.84 8.39 6.79
CA SER A 446 23.80 8.29 5.76
C SER A 446 22.52 9.04 6.07
N ASP A 447 22.29 9.45 7.33
CA ASP A 447 21.08 10.21 7.60
C ASP A 447 21.11 11.57 6.94
N LYS A 448 22.20 12.33 7.14
CA LYS A 448 22.21 13.76 6.85
C LYS A 448 22.62 14.11 5.42
N LEU A 449 23.27 13.21 4.70
CA LEU A 449 23.68 13.51 3.32
C LEU A 449 22.44 13.73 2.46
N GLN A 450 22.23 14.95 2.00
CA GLN A 450 21.13 15.21 1.08
C GLN A 450 21.52 14.70 -0.30
N ALA A 451 21.48 13.38 -0.44
CA ALA A 451 21.78 12.71 -1.69
C ALA A 451 20.67 11.73 -2.01
N GLY A 452 20.74 11.15 -3.21
CA GLY A 452 19.62 10.38 -3.73
C GLY A 452 19.71 8.89 -3.51
N THR A 453 20.90 8.36 -3.18
CA THR A 453 21.04 6.94 -2.81
C THR A 453 22.14 6.88 -1.75
N VAL A 454 21.76 6.96 -0.48
CA VAL A 454 22.72 7.34 0.56
C VAL A 454 23.41 6.07 1.00
N PHE A 455 24.36 5.61 0.19
CA PHE A 455 24.97 4.30 0.39
C PHE A 455 25.63 4.18 1.76
N VAL A 456 25.93 2.94 2.15
CA VAL A 456 26.81 2.64 3.27
C VAL A 456 27.51 1.31 3.00
N ASN A 457 28.83 1.31 3.14
CA ASN A 457 29.65 0.10 3.05
C ASN A 457 29.56 -0.58 1.69
N THR A 458 29.09 0.09 0.65
CA THR A 458 29.30 -0.43 -0.69
C THR A 458 29.00 0.65 -1.72
N TYR A 459 28.98 0.23 -2.99
CA TYR A 459 28.92 1.13 -4.13
C TYR A 459 28.84 0.25 -5.37
N ASN A 460 28.69 0.89 -6.53
CA ASN A 460 28.88 0.24 -7.82
C ASN A 460 27.82 -0.82 -8.11
N LYS A 461 26.66 -0.70 -7.49
CA LYS A 461 25.66 -1.77 -7.53
C LYS A 461 24.59 -1.49 -8.58
N THR A 462 25.01 -1.53 -9.85
CA THR A 462 24.04 -1.39 -10.93
C THR A 462 23.17 -2.63 -11.00
N ASP A 463 22.00 -2.57 -10.39
CA ASP A 463 21.10 -3.72 -10.41
C ASP A 463 19.66 -3.23 -10.60
N VAL A 464 18.86 -4.08 -11.24
CA VAL A 464 17.67 -3.62 -11.95
C VAL A 464 16.64 -3.04 -11.00
N ALA A 465 16.38 -3.69 -9.86
CA ALA A 465 15.37 -3.22 -8.93
C ALA A 465 15.94 -2.32 -7.86
N ALA A 466 17.06 -1.66 -8.14
CA ALA A 466 17.47 -0.55 -7.31
C ALA A 466 16.85 0.72 -7.87
N PRO A 467 15.70 1.15 -7.35
CA PRO A 467 15.04 2.34 -7.90
C PRO A 467 15.91 3.56 -7.67
N PHE A 468 16.11 4.32 -8.74
CA PHE A 468 17.15 5.34 -8.74
C PHE A 468 16.61 6.66 -9.29
N GLY A 469 17.14 7.74 -8.75
CA GLY A 469 16.94 9.05 -9.33
C GLY A 469 18.04 10.00 -8.91
N GLY A 470 17.73 11.28 -8.95
CA GLY A 470 18.63 12.29 -8.46
C GLY A 470 17.89 13.32 -7.64
N PHE A 471 18.65 14.05 -6.82
CA PHE A 471 18.15 15.20 -6.11
C PHE A 471 18.55 16.48 -6.85
N LYS A 472 18.40 17.64 -6.19
CA LYS A 472 18.12 18.94 -6.81
C LYS A 472 18.91 19.19 -8.09
N GLN A 473 20.24 19.23 -7.99
CA GLN A 473 21.05 19.72 -9.10
C GLN A 473 21.48 18.62 -10.06
N SER A 474 20.70 17.55 -10.18
CA SER A 474 20.94 16.64 -11.29
C SER A 474 19.67 16.09 -11.91
N GLY A 475 18.53 16.68 -11.62
CA GLY A 475 17.31 16.37 -12.35
C GLY A 475 16.13 16.13 -11.46
N PHE A 476 15.11 15.47 -12.00
CA PHE A 476 14.05 14.88 -11.20
C PHE A 476 13.31 13.85 -12.06
N GLY A 477 12.74 12.83 -11.40
CA GLY A 477 12.22 11.66 -12.06
C GLY A 477 13.13 10.46 -11.92
N LYS A 478 12.61 9.37 -11.35
CA LYS A 478 13.42 8.23 -10.92
C LYS A 478 13.44 7.13 -11.99
N ASP A 479 14.59 6.49 -12.13
CA ASP A 479 14.82 5.42 -13.09
C ASP A 479 15.22 4.15 -12.36
N LEU A 480 14.96 3.02 -13.01
CA LEU A 480 15.43 1.70 -12.57
C LEU A 480 14.73 1.26 -11.29
N GLY A 481 13.40 1.39 -11.28
CA GLY A 481 12.69 1.11 -10.04
C GLY A 481 11.20 1.09 -10.28
N GLU A 482 10.46 0.99 -9.16
CA GLU A 482 9.02 0.89 -9.26
C GLU A 482 8.38 2.23 -9.58
N ALA A 483 8.95 3.33 -9.09
CA ALA A 483 8.38 4.63 -9.42
C ALA A 483 8.54 4.92 -10.92
N ALA A 484 9.47 4.23 -11.59
CA ALA A 484 9.59 4.33 -13.03
C ALA A 484 8.28 4.06 -13.73
N LEU A 485 7.49 3.13 -13.20
CA LEU A 485 6.11 2.99 -13.62
C LEU A 485 5.17 3.66 -12.63
N ASN A 486 5.66 4.66 -11.91
CA ASN A 486 4.80 5.53 -11.13
C ASN A 486 4.43 6.80 -11.88
N GLU A 487 5.37 7.44 -12.60
CA GLU A 487 5.04 8.63 -13.36
C GLU A 487 4.61 8.30 -14.78
N TYR A 488 5.24 7.30 -15.40
CA TYR A 488 4.95 6.96 -16.80
C TYR A 488 3.50 6.60 -17.06
N LEU A 489 2.69 6.39 -16.02
CA LEU A 489 1.33 5.92 -16.15
C LEU A 489 0.41 6.96 -15.52
N ARG A 490 -0.62 7.35 -16.24
CA ARG A 490 -1.46 8.44 -15.81
C ARG A 490 -2.57 7.93 -14.90
N VAL A 491 -2.92 8.75 -13.92
CA VAL A 491 -3.90 8.38 -12.91
C VAL A 491 -5.26 8.89 -13.34
N LYS A 492 -6.21 7.99 -13.52
CA LYS A 492 -7.58 8.35 -13.81
C LYS A 492 -8.38 8.31 -12.51
N THR A 493 -9.52 8.99 -12.49
CA THR A 493 -10.49 8.83 -11.43
C THR A 493 -11.82 8.41 -12.05
N VAL A 494 -12.69 7.82 -11.23
CA VAL A 494 -14.11 7.61 -11.55
C VAL A 494 -14.88 7.88 -10.28
N THR A 495 -16.18 8.09 -10.39
CA THR A 495 -17.02 8.23 -9.19
C THR A 495 -18.47 7.88 -9.53
N PHE A 496 -18.86 6.64 -9.26
CA PHE A 496 -20.20 6.16 -9.56
C PHE A 496 -21.20 6.62 -8.50
N GLU A 497 -22.43 6.16 -8.66
CA GLU A 497 -23.41 6.32 -7.60
C GLU A 497 -24.65 5.52 -7.95
N TYR A 498 -25.27 4.95 -6.92
CA TYR A 498 -26.57 4.31 -7.01
C TYR A 498 -27.24 4.43 -5.64
N SER B 1 0.36 42.14 20.03
CA SER B 1 -0.57 43.25 20.11
C SER B 1 -0.99 43.71 18.72
N ILE B 2 -1.45 42.78 17.90
CA ILE B 2 -1.84 43.10 16.53
C ILE B 2 -3.00 44.07 16.56
N ASP B 3 -3.00 45.05 15.64
CA ASP B 3 -4.10 45.98 15.51
C ASP B 3 -5.18 45.48 14.56
N TYR B 4 -6.43 45.76 14.91
CA TYR B 4 -7.58 45.49 14.05
C TYR B 4 -8.57 46.63 14.17
N VAL B 5 -9.07 47.07 13.02
CA VAL B 5 -10.21 48.01 13.00
C VAL B 5 -11.44 47.13 13.22
N GLU B 6 -11.84 47.02 14.47
CA GLU B 6 -12.83 46.02 14.87
C GLU B 6 -14.14 46.23 14.15
N MET B 7 -14.61 45.17 13.49
CA MET B 7 -15.79 45.21 12.63
C MET B 7 -16.85 44.32 13.28
N ALA B 8 -17.74 44.93 14.06
CA ALA B 8 -18.84 44.19 14.68
C ALA B 8 -19.95 44.05 13.65
N VAL B 9 -19.74 43.14 12.70
CA VAL B 9 -20.65 42.95 11.58
C VAL B 9 -21.14 41.51 11.59
N ASN B 10 -22.40 41.33 11.17
CA ASN B 10 -23.04 40.01 11.14
C ASN B 10 -23.14 39.43 12.56
N LYS B 11 -23.40 40.29 13.54
CA LYS B 11 -23.56 39.91 14.94
C LYS B 11 -22.26 39.44 15.58
N ARG B 12 -21.12 39.69 14.92
CA ARG B 12 -19.83 39.18 15.41
C ARG B 12 -18.75 40.19 15.08
N THR B 13 -17.71 40.22 15.93
CA THR B 13 -16.63 41.19 15.81
C THR B 13 -15.61 40.67 14.80
N VAL B 14 -15.84 40.97 13.53
CA VAL B 14 -14.91 40.54 12.49
C VAL B 14 -13.58 41.24 12.68
N ARG B 15 -12.53 40.45 12.86
CA ARG B 15 -11.16 40.94 12.95
C ARG B 15 -10.39 40.40 11.75
N MET B 16 -10.48 41.09 10.65
CA MET B 16 -9.74 40.32 9.65
C MET B 16 -8.29 40.79 9.59
N PRO B 17 -7.32 39.90 9.78
CA PRO B 17 -5.92 40.32 9.90
C PRO B 17 -5.40 41.03 8.66
N HIS B 18 -4.63 42.10 8.88
CA HIS B 18 -4.18 42.98 7.82
C HIS B 18 -2.72 42.74 7.47
N GLN B 19 -1.92 42.31 8.44
CA GLN B 19 -0.48 42.42 8.38
C GLN B 19 0.10 41.30 7.55
N LEU B 20 1.41 41.14 7.67
CA LEU B 20 2.13 40.05 7.03
C LEU B 20 2.74 39.23 8.16
N PHE B 21 2.03 38.19 8.56
CA PHE B 21 2.44 37.39 9.72
C PHE B 21 3.75 36.69 9.38
N ILE B 22 4.85 37.20 9.93
CA ILE B 22 6.18 36.67 9.66
C ILE B 22 6.98 36.63 10.96
N GLY B 23 7.89 35.66 11.05
CA GLY B 23 8.75 35.53 12.20
C GLY B 23 8.04 35.37 13.52
N GLY B 24 6.80 34.91 13.52
CA GLY B 24 6.05 34.75 14.74
C GLY B 24 4.98 35.80 14.98
N GLU B 25 5.03 36.92 14.27
CA GLU B 25 4.11 38.02 14.49
C GLU B 25 3.54 38.49 13.17
N PHE B 26 2.36 39.11 13.25
CA PHE B 26 1.80 39.86 12.14
C PHE B 26 2.44 41.24 12.09
N VAL B 27 2.88 41.64 10.90
CA VAL B 27 3.58 42.90 10.69
C VAL B 27 3.21 43.44 9.32
N ASP B 28 3.50 44.72 9.10
CA ASP B 28 3.16 45.40 7.86
C ASP B 28 4.20 45.10 6.79
N ALA B 29 3.92 45.59 5.58
CA ALA B 29 4.77 45.37 4.43
C ALA B 29 5.93 46.37 4.45
N GLU B 30 6.60 46.49 3.31
CA GLU B 30 7.65 47.50 3.14
C GLU B 30 7.10 48.89 3.45
N GLY B 31 7.74 49.55 4.42
CA GLY B 31 7.42 50.94 4.72
C GLY B 31 5.99 51.21 5.10
N ALA B 32 5.29 50.19 5.62
CA ALA B 32 3.86 50.28 5.88
C ALA B 32 3.06 50.44 4.60
N LYS B 33 3.51 49.78 3.53
CA LYS B 33 2.67 49.65 2.34
C LYS B 33 1.39 48.90 2.68
N THR B 34 0.42 49.01 1.78
CA THR B 34 -0.88 48.38 1.98
C THR B 34 -1.42 47.88 0.65
N SER B 35 -2.61 47.28 0.73
CA SER B 35 -3.39 46.82 -0.43
C SER B 35 -4.79 46.52 0.07
N GLU B 36 -5.77 47.12 -0.57
CA GLU B 36 -7.13 47.10 -0.04
C GLU B 36 -7.84 45.80 -0.39
N THR B 37 -9.08 45.70 0.05
CA THR B 37 -9.96 44.62 -0.32
C THR B 37 -11.31 45.20 -0.70
N ILE B 38 -12.02 44.50 -1.58
CA ILE B 38 -13.25 45.02 -2.17
C ILE B 38 -14.44 44.25 -1.61
N ASN B 39 -15.52 44.96 -1.34
CA ASN B 39 -16.80 44.33 -1.00
C ASN B 39 -17.53 43.97 -2.28
N PRO B 40 -17.48 42.72 -2.73
CA PRO B 40 -18.05 42.38 -4.04
C PRO B 40 -19.57 42.50 -4.10
N THR B 41 -20.25 42.54 -2.96
CA THR B 41 -21.70 42.66 -2.98
C THR B 41 -22.13 44.05 -3.43
N ASP B 42 -21.26 45.05 -3.22
CA ASP B 42 -21.61 46.43 -3.45
C ASP B 42 -20.55 47.21 -4.20
N GLY B 43 -19.36 46.63 -4.41
CA GLY B 43 -18.22 47.39 -4.86
C GLY B 43 -17.54 48.18 -3.78
N SER B 44 -18.03 48.11 -2.54
CA SER B 44 -17.45 48.86 -1.43
C SER B 44 -16.06 48.30 -1.07
N VAL B 45 -15.34 49.06 -0.26
CA VAL B 45 -14.09 48.59 0.34
C VAL B 45 -14.38 48.20 1.79
N ILE B 46 -13.61 47.25 2.30
CA ILE B 46 -13.78 46.76 3.67
C ILE B 46 -12.77 47.40 4.62
N CYS B 47 -11.48 47.30 4.34
CA CYS B 47 -10.48 47.76 5.29
C CYS B 47 -9.11 47.76 4.60
N GLN B 48 -8.08 48.07 5.38
CA GLN B 48 -6.71 48.22 4.86
C GLN B 48 -5.88 46.98 5.18
N VAL B 49 -5.09 46.54 4.21
CA VAL B 49 -4.25 45.36 4.31
C VAL B 49 -2.91 45.70 3.71
N SER B 50 -1.83 45.53 4.47
CA SER B 50 -0.50 45.79 3.94
C SER B 50 -0.19 44.83 2.80
N LEU B 51 0.54 45.31 1.80
CA LEU B 51 0.93 44.51 0.64
C LEU B 51 2.45 44.45 0.57
N ALA B 52 2.99 43.26 0.81
CA ALA B 52 4.44 43.11 0.89
C ALA B 52 5.11 43.40 -0.45
N GLN B 53 6.43 43.33 -0.44
CA GLN B 53 7.25 43.66 -1.60
C GLN B 53 8.27 42.54 -1.83
N VAL B 54 9.24 42.81 -2.70
CA VAL B 54 10.43 41.97 -2.77
C VAL B 54 11.32 42.19 -1.55
N THR B 55 11.01 43.20 -0.74
CA THR B 55 11.61 43.31 0.58
C THR B 55 11.22 42.13 1.47
N ASP B 56 10.02 41.57 1.25
CA ASP B 56 9.50 40.55 2.16
C ASP B 56 9.95 39.15 1.77
N VAL B 57 9.93 38.83 0.48
CA VAL B 57 10.37 37.52 0.00
C VAL B 57 11.79 37.19 0.45
N ASP B 58 12.57 38.21 0.79
CA ASP B 58 13.81 37.99 1.51
C ASP B 58 13.55 37.59 2.96
N LYS B 59 12.38 37.91 3.50
CA LYS B 59 12.04 37.68 4.89
C LYS B 59 11.25 36.40 5.14
N ALA B 60 10.24 36.12 4.32
CA ALA B 60 9.42 34.93 4.54
C ALA B 60 10.25 33.67 4.42
N VAL B 61 10.83 33.44 3.25
CA VAL B 61 11.57 32.21 3.01
C VAL B 61 12.87 32.13 3.80
N ALA B 62 13.18 33.16 4.60
CA ALA B 62 14.27 33.08 5.56
C ALA B 62 13.76 33.00 6.99
N ALA B 63 12.60 33.59 7.28
CA ALA B 63 12.06 33.53 8.64
C ALA B 63 11.25 32.25 8.85
N ALA B 64 10.50 31.80 7.85
CA ALA B 64 9.81 30.52 7.93
C ALA B 64 10.77 29.35 7.78
N LYS B 65 12.05 29.62 7.47
CA LYS B 65 13.06 28.59 7.60
C LYS B 65 13.50 28.42 9.05
N ASP B 66 12.89 29.16 9.96
CA ASP B 66 13.13 28.96 11.39
C ASP B 66 12.36 27.74 11.92
N ALA B 67 11.06 27.70 11.68
CA ALA B 67 10.25 26.55 12.11
C ALA B 67 10.82 25.26 11.55
N PHE B 68 11.13 25.23 10.26
CA PHE B 68 11.72 24.06 9.62
C PHE B 68 12.97 23.59 10.33
N GLU B 69 13.77 24.50 10.89
CA GLU B 69 15.12 24.13 11.28
C GLU B 69 15.28 23.92 12.78
N ASN B 70 14.84 24.89 13.59
CA ASN B 70 15.32 24.93 14.97
C ASN B 70 14.25 24.77 16.03
N GLY B 71 13.08 25.37 15.90
CA GLY B 71 12.15 25.43 17.00
C GLY B 71 11.44 24.12 17.27
N ARG B 72 10.16 24.21 17.62
CA ARG B 72 9.38 23.02 17.93
C ARG B 72 9.08 22.20 16.68
N TRP B 73 8.50 22.81 15.65
CA TRP B 73 8.02 22.06 14.48
C TRP B 73 9.14 21.30 13.80
N GLY B 74 10.38 21.79 13.88
CA GLY B 74 11.45 21.12 13.17
C GLY B 74 11.73 19.71 13.67
N LYS B 75 11.44 19.43 14.94
CA LYS B 75 11.90 18.17 15.52
C LYS B 75 10.89 17.43 16.39
N ILE B 76 9.75 18.02 16.78
CA ILE B 76 8.87 17.35 17.72
C ILE B 76 8.35 16.05 17.13
N SER B 77 8.10 15.08 18.02
CA SER B 77 7.74 13.74 17.60
C SER B 77 6.41 13.76 16.85
N ALA B 78 6.13 12.64 16.18
CA ALA B 78 5.04 12.60 15.21
C ALA B 78 3.68 12.91 15.84
N ARG B 79 3.50 12.65 17.12
CA ARG B 79 2.18 12.78 17.71
C ARG B 79 1.72 14.22 17.82
N ASP B 80 2.41 15.04 18.61
CA ASP B 80 1.91 16.37 18.91
C ASP B 80 1.80 17.27 17.69
N ARG B 81 2.55 16.97 16.62
CA ARG B 81 2.44 17.75 15.39
C ARG B 81 1.01 17.73 14.87
N GLY B 82 0.50 16.53 14.59
CA GLY B 82 -0.93 16.40 14.35
C GLY B 82 -1.74 16.86 15.54
N ARG B 83 -1.31 16.47 16.74
CA ARG B 83 -2.02 16.88 17.95
C ARG B 83 -2.06 18.38 18.10
N LEU B 84 -1.03 19.07 17.61
CA LEU B 84 -1.16 20.53 17.56
C LEU B 84 -1.96 20.96 16.34
N MET B 85 -1.75 20.31 15.19
CA MET B 85 -2.56 20.60 14.02
C MET B 85 -4.03 20.27 14.29
N TYR B 86 -4.27 19.22 15.07
CA TYR B 86 -5.65 18.83 15.36
C TYR B 86 -6.34 19.85 16.25
N ARG B 87 -5.59 20.43 17.21
CA ARG B 87 -6.18 21.43 18.08
C ARG B 87 -6.62 22.67 17.31
N LEU B 88 -5.96 22.95 16.17
CA LEU B 88 -6.45 23.97 15.26
C LEU B 88 -7.91 23.79 14.91
N ALA B 89 -8.29 22.56 14.53
CA ALA B 89 -9.68 22.29 14.20
C ALA B 89 -10.59 22.49 15.40
N ASP B 90 -10.03 22.41 16.62
CA ASP B 90 -10.82 22.65 17.83
C ASP B 90 -11.24 24.11 17.93
N LEU B 91 -10.30 25.03 17.71
CA LEU B 91 -10.63 26.45 17.75
C LEU B 91 -11.43 26.87 16.53
N MET B 92 -11.04 26.41 15.34
CA MET B 92 -11.47 27.07 14.11
C MET B 92 -12.96 26.90 13.86
N GLU B 93 -13.46 25.67 13.91
CA GLU B 93 -14.88 25.46 13.62
C GLU B 93 -15.77 26.16 14.64
N GLN B 94 -15.29 26.35 15.87
CA GLN B 94 -16.01 27.14 16.85
C GLN B 94 -16.31 28.54 16.32
N HIS B 95 -15.39 29.09 15.53
CA HIS B 95 -15.53 30.42 14.96
C HIS B 95 -15.88 30.38 13.49
N GLN B 96 -16.76 29.46 13.08
CA GLN B 96 -17.21 29.42 11.70
C GLN B 96 -17.88 30.72 11.29
N GLU B 97 -18.68 31.31 12.19
CA GLU B 97 -19.28 32.62 11.93
C GLU B 97 -18.22 33.67 11.62
N GLU B 98 -17.01 33.49 12.15
CA GLU B 98 -15.88 34.26 11.66
C GLU B 98 -15.59 33.91 10.20
N LEU B 99 -15.22 32.65 9.93
CA LEU B 99 -14.83 32.31 8.57
C LEU B 99 -16.02 32.17 7.62
N ALA B 100 -17.23 31.97 8.16
CA ALA B 100 -18.41 31.95 7.30
C ALA B 100 -18.76 33.36 6.82
N THR B 101 -19.04 34.27 7.77
CA THR B 101 -19.42 35.62 7.42
C THR B 101 -18.30 36.36 6.72
N ILE B 102 -17.07 36.21 7.22
CA ILE B 102 -15.90 36.83 6.57
C ILE B 102 -15.84 36.42 5.11
N GLU B 103 -15.81 35.12 4.84
CA GLU B 103 -15.85 34.69 3.45
C GLU B 103 -17.20 34.97 2.83
N ALA B 104 -18.25 35.06 3.65
CA ALA B 104 -19.48 35.68 3.17
C ALA B 104 -19.26 37.15 2.84
N LEU B 105 -18.32 37.80 3.53
CA LEU B 105 -18.05 39.22 3.36
C LEU B 105 -16.88 39.49 2.43
N ASP B 106 -15.79 38.74 2.59
CA ASP B 106 -14.61 38.97 1.77
C ASP B 106 -14.90 38.71 0.30
N ALA B 107 -15.24 37.46 -0.04
CA ALA B 107 -15.48 37.06 -1.42
C ALA B 107 -16.97 36.99 -1.75
N GLY B 108 -17.81 37.63 -0.95
CA GLY B 108 -19.24 37.69 -1.22
C GLY B 108 -19.95 36.36 -1.29
N ALA B 109 -19.33 35.30 -0.76
CA ALA B 109 -19.93 33.98 -0.83
C ALA B 109 -21.18 33.91 0.04
N VAL B 110 -22.20 33.23 -0.47
CA VAL B 110 -23.47 33.16 0.24
C VAL B 110 -23.28 32.49 1.60
N TYR B 111 -24.09 32.90 2.56
CA TYR B 111 -23.97 32.39 3.92
C TYR B 111 -24.36 30.92 4.01
N THR B 112 -25.32 30.51 3.17
CA THR B 112 -25.80 29.14 3.19
C THR B 112 -24.67 28.13 2.98
N LEU B 113 -23.77 28.43 2.05
CA LEU B 113 -22.55 27.64 1.91
C LEU B 113 -21.42 28.21 2.74
N ALA B 114 -21.52 29.47 3.16
CA ALA B 114 -20.51 30.03 4.05
C ALA B 114 -20.44 29.27 5.35
N LEU B 115 -21.55 28.66 5.77
CA LEU B 115 -21.52 27.83 6.97
C LEU B 115 -21.13 26.40 6.64
N LYS B 116 -21.77 25.79 5.65
CA LYS B 116 -21.52 24.38 5.35
C LYS B 116 -20.12 24.19 4.77
N THR B 117 -19.77 24.95 3.75
CA THR B 117 -18.47 24.82 3.10
C THR B 117 -17.42 25.75 3.67
N HIS B 118 -17.71 27.05 3.74
CA HIS B 118 -16.64 28.02 3.95
C HIS B 118 -16.08 27.98 5.37
N VAL B 119 -16.71 27.22 6.28
CA VAL B 119 -16.04 26.74 7.48
C VAL B 119 -16.18 25.23 7.63
N GLY B 120 -17.39 24.71 7.43
CA GLY B 120 -17.59 23.27 7.59
C GLY B 120 -16.70 22.45 6.69
N MET B 121 -16.70 22.75 5.39
CA MET B 121 -15.87 22.01 4.45
C MET B 121 -14.39 22.17 4.74
N SER B 122 -14.01 23.24 5.45
CA SER B 122 -12.64 23.35 5.95
C SER B 122 -12.44 22.52 7.22
N ILE B 123 -13.49 22.34 8.01
CA ILE B 123 -13.31 21.59 9.26
C ILE B 123 -12.93 20.15 8.97
N GLN B 124 -13.47 19.59 7.89
CA GLN B 124 -13.11 18.23 7.49
C GLN B 124 -11.63 18.11 7.19
N THR B 125 -11.16 18.87 6.19
CA THR B 125 -9.81 18.69 5.70
C THR B 125 -8.76 19.03 6.74
N PHE B 126 -9.13 19.75 7.80
CA PHE B 126 -8.23 19.84 8.94
C PHE B 126 -8.05 18.47 9.59
N ARG B 127 -9.13 17.73 9.78
CA ARG B 127 -9.05 16.51 10.57
C ARG B 127 -8.78 15.27 9.72
N TYR B 128 -9.21 15.23 8.47
CA TYR B 128 -8.83 14.11 7.61
C TYR B 128 -7.36 14.14 7.25
N PHE B 129 -6.83 15.32 6.93
CA PHE B 129 -5.42 15.41 6.59
C PHE B 129 -4.51 15.71 7.76
N ALA B 130 -5.06 15.99 8.95
CA ALA B 130 -4.23 15.93 10.14
C ALA B 130 -3.98 14.48 10.54
N GLY B 131 -4.65 13.54 9.87
CA GLY B 131 -4.42 12.14 10.15
C GLY B 131 -2.98 11.73 9.93
N TRP B 132 -2.51 11.84 8.71
CA TRP B 132 -1.32 11.09 8.32
C TRP B 132 -0.02 11.65 8.93
N CYS B 133 -0.07 12.54 9.91
CA CYS B 133 1.14 13.00 10.59
C CYS B 133 1.92 11.82 11.17
N ASP B 134 1.30 11.10 12.11
CA ASP B 134 1.94 9.98 12.77
C ASP B 134 1.52 8.64 12.16
N LYS B 135 1.36 8.58 10.85
CA LYS B 135 0.82 7.39 10.24
C LYS B 135 1.49 7.04 8.93
N ILE B 136 2.35 7.91 8.41
CA ILE B 136 2.95 7.74 7.09
C ILE B 136 4.14 6.80 7.17
N GLN B 137 4.42 6.10 6.07
CA GLN B 137 5.21 4.89 6.10
C GLN B 137 6.39 4.95 5.15
N GLY B 138 7.38 4.12 5.44
CA GLY B 138 8.33 3.71 4.44
C GLY B 138 7.71 2.67 3.55
N SER B 139 8.49 2.21 2.58
CA SER B 139 8.13 1.00 1.86
C SER B 139 9.40 0.48 1.21
N THR B 140 10.07 -0.46 1.86
CA THR B 140 11.50 -0.63 1.66
C THR B 140 11.80 -2.06 1.23
N ILE B 141 12.42 -2.18 0.07
CA ILE B 141 12.22 -3.29 -0.85
C ILE B 141 13.32 -4.34 -0.76
N PRO B 142 13.24 -5.44 -1.52
CA PRO B 142 14.31 -6.43 -1.50
C PRO B 142 15.46 -6.04 -2.40
N ILE B 143 16.39 -5.25 -1.87
CA ILE B 143 17.68 -5.02 -2.52
C ILE B 143 18.35 -6.35 -2.84
N ASN B 144 19.23 -6.35 -3.85
CA ASN B 144 20.07 -7.52 -4.11
C ASN B 144 20.72 -8.02 -2.82
N GLN B 145 20.30 -9.21 -2.39
CA GLN B 145 20.96 -9.87 -1.27
C GLN B 145 22.24 -10.48 -1.82
N ALA B 146 23.33 -9.72 -1.76
CA ALA B 146 24.54 -10.04 -2.52
C ALA B 146 25.35 -11.09 -1.77
N ARG B 147 25.27 -12.32 -2.26
CA ARG B 147 26.12 -13.39 -1.77
C ARG B 147 27.54 -13.19 -2.29
N PRO B 148 28.56 -13.55 -1.49
CA PRO B 148 28.49 -14.14 -0.16
C PRO B 148 28.31 -13.16 1.00
N ASN B 149 27.67 -12.02 0.75
CA ASN B 149 27.35 -11.08 1.82
C ASN B 149 25.86 -11.12 2.10
N ARG B 150 25.40 -10.21 2.97
CA ARG B 150 23.97 -10.10 3.26
C ARG B 150 23.58 -8.63 3.35
N ASN B 151 22.57 -8.24 2.56
CA ASN B 151 22.23 -6.86 2.25
C ASN B 151 20.91 -6.45 2.89
N LEU B 152 20.52 -5.19 2.67
CA LEU B 152 19.23 -4.69 3.13
C LEU B 152 18.94 -3.34 2.48
N THR B 153 17.85 -2.71 2.91
CA THR B 153 17.41 -1.41 2.42
C THR B 153 16.40 -0.85 3.40
N LEU B 154 16.25 0.47 3.43
CA LEU B 154 15.00 1.04 3.91
C LEU B 154 14.87 2.46 3.39
N THR B 155 14.06 2.63 2.35
CA THR B 155 13.74 3.95 1.83
C THR B 155 12.84 4.65 2.85
N ARG B 156 12.37 5.84 2.53
CA ARG B 156 11.54 6.54 3.51
C ARG B 156 10.87 7.72 2.81
N LYS B 157 10.09 8.47 3.58
CA LYS B 157 9.38 9.65 3.10
C LYS B 157 9.80 10.83 3.98
N GLU B 158 10.41 11.84 3.36
CA GLU B 158 11.03 12.93 4.10
C GLU B 158 10.49 14.27 3.62
N PRO B 159 10.40 15.26 4.51
CA PRO B 159 9.97 16.59 4.08
C PRO B 159 10.94 17.14 3.04
N VAL B 160 10.50 18.15 2.30
CA VAL B 160 11.29 18.71 1.22
C VAL B 160 12.03 19.97 1.65
N GLY B 161 11.31 21.04 1.99
CA GLY B 161 11.95 22.33 2.22
C GLY B 161 10.91 23.38 2.60
N VAL B 162 11.01 24.54 1.95
CA VAL B 162 9.96 25.54 2.06
C VAL B 162 9.17 25.60 0.77
N CYS B 163 7.91 25.99 0.87
CA CYS B 163 6.94 25.81 -0.20
C CYS B 163 6.33 27.14 -0.62
N GLY B 164 5.73 27.11 -1.80
CA GLY B 164 5.05 28.28 -2.32
C GLY B 164 3.54 28.11 -2.25
N ILE B 165 2.84 29.16 -1.84
CA ILE B 165 1.41 29.09 -1.59
C ILE B 165 0.70 30.18 -2.38
N ILE B 166 0.13 29.83 -3.51
CA ILE B 166 -0.68 30.74 -4.29
C ILE B 166 -2.10 30.18 -4.24
N ILE B 167 -2.88 30.64 -3.28
CA ILE B 167 -4.29 30.30 -3.25
C ILE B 167 -4.91 31.02 -4.44
N PRO B 168 -5.86 30.43 -5.13
CA PRO B 168 -6.53 31.16 -6.21
C PRO B 168 -7.39 32.29 -5.69
N TRP B 169 -8.12 32.95 -6.58
CA TRP B 169 -9.00 34.04 -6.19
C TRP B 169 -10.41 33.59 -5.82
N ASN B 170 -10.89 32.46 -6.37
CA ASN B 170 -12.32 32.15 -6.31
C ASN B 170 -12.72 31.59 -4.95
N TYR B 171 -12.06 30.52 -4.51
CA TYR B 171 -12.41 29.88 -3.26
C TYR B 171 -11.35 30.23 -2.22
N PRO B 172 -11.47 31.39 -1.58
CA PRO B 172 -10.31 31.95 -0.86
C PRO B 172 -9.93 31.21 0.41
N LEU B 173 -10.87 30.97 1.31
CA LEU B 173 -10.51 30.41 2.61
C LEU B 173 -10.43 28.89 2.60
N MET B 174 -11.49 28.22 2.16
CA MET B 174 -11.52 26.77 2.19
C MET B 174 -10.38 26.16 1.38
N MET B 175 -10.00 26.81 0.28
CA MET B 175 -8.87 26.31 -0.51
C MET B 175 -7.53 26.73 0.10
N LEU B 176 -7.56 27.53 1.16
CA LEU B 176 -6.39 27.64 2.01
C LEU B 176 -6.13 26.35 2.78
N SER B 177 -7.15 25.82 3.44
CA SER B 177 -6.97 24.62 4.25
C SER B 177 -6.63 23.42 3.37
N TRP B 178 -7.27 23.32 2.22
CA TRP B 178 -6.95 22.25 1.27
C TRP B 178 -5.49 22.27 0.83
N LYS B 179 -4.81 23.41 0.98
CA LYS B 179 -3.36 23.51 0.85
C LYS B 179 -2.69 23.95 2.14
N THR B 180 -3.40 23.91 3.26
CA THR B 180 -2.73 24.04 4.56
C THR B 180 -2.58 22.70 5.26
N ALA B 181 -3.08 21.61 4.68
CA ALA B 181 -2.96 20.28 5.25
C ALA B 181 -1.85 19.46 4.60
N ALA B 182 -1.93 19.29 3.28
CA ALA B 182 -0.94 18.44 2.60
C ALA B 182 0.45 19.07 2.58
N CYS B 183 0.56 20.33 2.96
CA CYS B 183 1.87 20.99 2.94
C CYS B 183 2.55 20.87 4.29
N LEU B 184 1.87 21.33 5.34
CA LEU B 184 2.44 21.31 6.68
C LEU B 184 2.78 19.89 7.14
N ALA B 185 1.95 18.91 6.78
CA ALA B 185 2.06 17.58 7.38
C ALA B 185 3.36 16.89 7.02
N ALA B 186 3.90 17.15 5.83
CA ALA B 186 5.03 16.40 5.30
C ALA B 186 6.35 16.69 6.01
N GLY B 187 6.34 17.53 7.05
CA GLY B 187 7.53 17.86 7.80
C GLY B 187 7.97 19.29 7.66
N ASN B 188 7.52 19.98 6.61
CA ASN B 188 7.97 21.32 6.25
C ASN B 188 7.12 22.37 6.96
N THR B 189 7.32 23.64 6.58
CA THR B 189 6.50 24.76 6.99
C THR B 189 6.05 25.51 5.73
N VAL B 190 5.19 26.52 5.90
CA VAL B 190 4.47 27.09 4.78
C VAL B 190 4.61 28.61 4.77
N VAL B 191 4.40 29.20 3.59
CA VAL B 191 4.42 30.65 3.42
C VAL B 191 3.46 31.00 2.30
N ILE B 192 2.42 31.77 2.62
CA ILE B 192 1.21 31.84 1.81
C ILE B 192 1.14 33.16 1.04
N LYS B 193 0.95 33.06 -0.27
CA LYS B 193 0.68 34.19 -1.16
C LYS B 193 -0.81 34.11 -1.49
N PRO B 194 -1.67 34.68 -0.67
CA PRO B 194 -3.11 34.56 -0.88
C PRO B 194 -3.59 35.49 -2.00
N ALA B 195 -4.88 35.37 -2.29
CA ALA B 195 -5.53 36.30 -3.21
C ALA B 195 -5.74 37.63 -2.48
N GLN B 196 -5.23 38.72 -3.06
CA GLN B 196 -5.29 40.02 -2.38
C GLN B 196 -6.63 40.70 -2.57
N VAL B 197 -7.43 40.27 -3.55
CA VAL B 197 -8.79 40.79 -3.67
C VAL B 197 -9.63 40.35 -2.47
N THR B 198 -9.55 39.06 -2.11
CA THR B 198 -10.21 38.52 -0.93
C THR B 198 -9.17 37.86 -0.03
N PRO B 199 -8.21 38.62 0.49
CA PRO B 199 -7.20 38.05 1.38
C PRO B 199 -7.59 38.03 2.84
N LEU B 200 -8.82 38.43 3.15
CA LEU B 200 -9.19 38.69 4.54
C LEU B 200 -9.78 37.45 5.20
N THR B 201 -10.28 36.51 4.39
CA THR B 201 -10.50 35.17 4.91
C THR B 201 -9.18 34.44 5.12
N ALA B 202 -8.27 34.56 4.15
CA ALA B 202 -6.97 33.89 4.25
C ALA B 202 -6.21 34.37 5.48
N LEU B 203 -5.96 35.69 5.56
CA LEU B 203 -5.21 36.22 6.70
C LEU B 203 -5.93 36.00 8.02
N LYS B 204 -7.23 35.75 8.00
CA LYS B 204 -7.96 35.53 9.24
C LYS B 204 -7.59 34.19 9.88
N PHE B 205 -7.17 33.22 9.05
CA PHE B 205 -6.93 31.88 9.56
C PHE B 205 -5.74 31.86 10.53
N ALA B 206 -4.64 32.51 10.16
CA ALA B 206 -3.40 32.35 10.91
C ALA B 206 -3.49 32.93 12.31
N GLU B 207 -4.43 33.85 12.54
CA GLU B 207 -4.58 34.39 13.88
C GLU B 207 -4.99 33.31 14.87
N LEU B 208 -5.80 32.36 14.43
CA LEU B 208 -6.22 31.27 15.30
C LEU B 208 -5.03 30.37 15.66
N THR B 209 -4.09 30.18 14.73
CA THR B 209 -2.88 29.43 15.06
C THR B 209 -2.06 30.17 16.10
N LEU B 210 -2.21 31.50 16.18
CA LEU B 210 -1.55 32.27 17.22
C LEU B 210 -1.98 31.80 18.61
N LYS B 211 -3.28 31.83 18.89
CA LYS B 211 -3.77 31.15 20.08
C LYS B 211 -3.43 29.67 20.03
N ALA B 212 -3.60 29.05 18.87
CA ALA B 212 -3.32 27.64 18.68
C ALA B 212 -1.84 27.29 18.82
N GLY B 213 -0.96 28.30 18.89
CA GLY B 213 0.41 28.06 19.30
C GLY B 213 1.19 27.09 18.47
N ILE B 214 0.91 26.99 17.17
CA ILE B 214 1.76 26.18 16.30
C ILE B 214 3.19 26.72 16.40
N PRO B 215 4.22 25.90 16.18
CA PRO B 215 5.59 26.42 16.24
C PRO B 215 5.78 27.66 15.37
N LYS B 216 6.60 28.60 15.87
CA LYS B 216 6.74 29.88 15.22
C LYS B 216 7.31 29.72 13.81
N GLY B 217 6.88 30.60 12.92
CA GLY B 217 7.36 30.56 11.55
C GLY B 217 6.99 29.31 10.78
N VAL B 218 5.98 28.57 11.22
CA VAL B 218 5.52 27.42 10.46
C VAL B 218 4.55 27.85 9.37
N VAL B 219 3.75 28.88 9.63
CA VAL B 219 2.73 29.37 8.71
C VAL B 219 2.88 30.88 8.60
N ASN B 220 3.04 31.38 7.37
CA ASN B 220 3.14 32.82 7.16
C ASN B 220 2.48 33.17 5.84
N VAL B 221 1.50 34.07 5.89
CA VAL B 221 0.71 34.44 4.72
C VAL B 221 1.25 35.76 4.20
N LEU B 222 1.00 36.05 2.92
CA LEU B 222 1.64 37.18 2.26
C LEU B 222 0.79 37.70 1.11
N PRO B 223 -0.08 38.69 1.36
CA PRO B 223 -0.67 39.44 0.25
C PRO B 223 0.39 40.20 -0.52
N GLY B 224 0.08 40.52 -1.77
CA GLY B 224 1.02 41.22 -2.60
C GLY B 224 0.48 41.44 -3.99
N SER B 225 1.32 42.04 -4.82
CA SER B 225 0.96 42.30 -6.21
C SER B 225 0.78 40.99 -6.98
N GLY B 226 0.32 41.12 -8.21
CA GLY B 226 0.03 39.96 -9.03
C GLY B 226 1.23 39.09 -9.33
N SER B 227 2.17 39.59 -10.12
CA SER B 227 3.32 38.80 -10.55
C SER B 227 4.65 39.31 -10.02
N LEU B 228 4.66 40.12 -8.96
CA LEU B 228 5.91 40.40 -8.26
C LEU B 228 6.09 39.49 -7.05
N VAL B 229 5.16 39.56 -6.10
CA VAL B 229 5.22 38.70 -4.93
C VAL B 229 5.18 37.24 -5.37
N GLY B 230 4.30 36.92 -6.33
CA GLY B 230 4.31 35.60 -6.91
C GLY B 230 5.61 35.26 -7.60
N GLN B 231 6.10 36.16 -8.45
CA GLN B 231 7.37 35.91 -9.12
C GLN B 231 8.52 35.91 -8.12
N ARG B 232 8.51 36.87 -7.17
CA ARG B 232 9.58 36.94 -6.20
C ARG B 232 9.65 35.69 -5.34
N LEU B 233 8.50 35.06 -5.08
CA LEU B 233 8.51 33.70 -4.57
C LEU B 233 8.75 32.68 -5.67
N SER B 234 8.59 33.08 -6.93
CA SER B 234 8.76 32.18 -8.07
C SER B 234 10.20 32.03 -8.52
N ASP B 235 11.12 32.75 -7.91
CA ASP B 235 12.49 32.73 -8.34
C ASP B 235 13.50 32.63 -7.22
N HIS B 236 13.09 32.84 -5.98
CA HIS B 236 14.00 32.86 -4.85
C HIS B 236 14.76 31.53 -4.81
N PRO B 237 16.00 31.50 -4.31
CA PRO B 237 16.69 30.21 -4.27
C PRO B 237 16.23 29.32 -3.13
N ASP B 238 15.92 29.94 -1.99
CA ASP B 238 15.57 29.21 -0.78
C ASP B 238 14.34 28.33 -0.97
N VAL B 239 13.33 28.81 -1.70
CA VAL B 239 12.07 28.10 -1.79
C VAL B 239 12.26 26.77 -2.48
N ARG B 240 11.54 25.75 -2.00
CA ARG B 240 11.67 24.37 -2.48
C ARG B 240 10.43 23.85 -3.18
N LYS B 241 9.26 24.37 -2.83
CA LYS B 241 8.02 23.91 -3.44
C LYS B 241 7.12 25.12 -3.66
N ILE B 242 6.07 24.91 -4.43
CA ILE B 242 5.29 26.02 -4.97
C ILE B 242 3.85 25.58 -5.23
N GLY B 243 2.91 26.30 -4.66
CA GLY B 243 1.49 26.00 -4.81
C GLY B 243 0.74 27.19 -5.39
N PHE B 244 -0.07 26.90 -6.41
CA PHE B 244 -0.85 27.93 -7.09
C PHE B 244 -2.03 27.29 -7.81
N THR B 245 -3.15 28.01 -7.83
CA THR B 245 -4.25 27.70 -8.74
C THR B 245 -4.77 29.00 -9.31
N GLY B 246 -4.98 29.04 -10.62
CA GLY B 246 -5.49 30.22 -11.26
C GLY B 246 -5.60 30.07 -12.77
N SER B 247 -5.29 31.14 -13.50
CA SER B 247 -5.39 31.14 -14.95
C SER B 247 -4.44 30.10 -15.55
N THR B 248 -4.72 29.76 -16.82
CA THR B 248 -3.76 29.01 -17.63
C THR B 248 -2.55 29.86 -17.99
N GLU B 249 -2.66 31.18 -17.82
CA GLU B 249 -1.63 32.08 -18.30
C GLU B 249 -0.37 31.97 -17.46
N VAL B 250 -0.50 32.26 -16.17
CA VAL B 250 0.64 32.58 -15.30
C VAL B 250 1.70 31.48 -15.31
N GLY B 251 1.28 30.23 -15.49
CA GLY B 251 2.19 29.10 -15.43
C GLY B 251 3.21 29.04 -16.54
N LYS B 252 2.75 29.04 -17.79
CA LYS B 252 3.66 28.94 -18.92
C LYS B 252 4.69 30.06 -18.92
N HIS B 253 4.42 31.17 -18.23
CA HIS B 253 5.42 32.17 -17.92
C HIS B 253 6.07 31.92 -16.55
N ILE B 254 5.32 31.45 -15.56
CA ILE B 254 5.94 31.16 -14.26
C ILE B 254 6.75 29.88 -14.34
N MET B 255 6.34 28.94 -15.18
CA MET B 255 7.09 27.70 -15.33
C MET B 255 8.40 27.89 -16.08
N LYS B 256 8.75 29.13 -16.44
CA LYS B 256 10.07 29.36 -16.98
C LYS B 256 11.07 29.73 -15.89
N SER B 257 10.60 30.13 -14.71
CA SER B 257 11.48 30.22 -13.55
C SER B 257 11.99 28.86 -13.14
N CYS B 258 11.11 27.85 -13.15
CA CYS B 258 11.47 26.51 -12.71
C CYS B 258 12.41 25.83 -13.68
N ALA B 259 12.47 26.26 -14.92
CA ALA B 259 13.53 25.80 -15.78
C ALA B 259 14.86 26.46 -15.45
N ILE B 260 14.85 27.50 -14.62
CA ILE B 260 16.07 28.27 -14.39
C ILE B 260 16.43 28.39 -12.91
N SER B 261 15.57 29.04 -12.11
CA SER B 261 15.99 29.59 -10.84
C SER B 261 16.54 28.54 -9.88
N ASN B 262 15.68 27.65 -9.42
CA ASN B 262 16.07 26.47 -8.64
C ASN B 262 15.09 25.37 -9.03
N VAL B 263 15.58 24.23 -9.51
CA VAL B 263 14.78 23.31 -10.34
C VAL B 263 13.58 22.70 -9.62
N LYS B 264 13.35 23.13 -8.37
CA LYS B 264 12.34 22.64 -7.45
C LYS B 264 11.01 22.34 -8.11
N LYS B 265 10.34 21.30 -7.62
CA LYS B 265 9.06 20.86 -8.14
C LYS B 265 8.02 21.98 -8.18
N VAL B 266 6.96 21.76 -8.94
CA VAL B 266 5.96 22.77 -9.25
C VAL B 266 4.56 22.17 -9.05
N SER B 267 3.60 23.03 -8.69
CA SER B 267 2.22 22.60 -8.40
C SER B 267 1.26 23.71 -8.85
N LEU B 268 0.69 23.55 -10.05
CA LEU B 268 -0.19 24.57 -10.60
C LEU B 268 -1.45 23.94 -11.15
N GLU B 269 -2.56 24.67 -11.03
CA GLU B 269 -3.89 24.24 -11.44
C GLU B 269 -4.51 25.31 -12.32
N LEU B 270 -5.24 24.89 -13.35
CA LEU B 270 -5.90 25.83 -14.25
C LEU B 270 -7.39 25.50 -14.35
N GLY B 271 -8.20 26.54 -14.56
CA GLY B 271 -9.63 26.36 -14.74
C GLY B 271 -9.93 25.46 -15.93
N GLY B 272 -11.17 25.02 -16.08
CA GLY B 272 -11.47 23.94 -17.00
C GLY B 272 -12.75 24.13 -17.77
N LYS B 273 -13.01 23.15 -18.63
CA LYS B 273 -14.14 23.11 -19.56
C LYS B 273 -14.83 21.75 -19.50
N SER B 274 -15.19 21.34 -18.29
CA SER B 274 -15.92 20.11 -18.00
C SER B 274 -17.20 19.95 -18.82
N PRO B 275 -17.25 18.99 -19.74
CA PRO B 275 -18.49 18.72 -20.48
C PRO B 275 -19.39 17.74 -19.73
N LEU B 276 -20.56 18.21 -19.28
CA LEU B 276 -21.45 17.48 -18.36
C LEU B 276 -22.54 16.73 -19.14
N ILE B 277 -22.17 15.58 -19.69
CA ILE B 277 -22.94 14.98 -20.77
C ILE B 277 -24.21 14.33 -20.25
N ILE B 278 -25.28 15.11 -20.12
CA ILE B 278 -26.55 14.60 -19.61
C ILE B 278 -27.29 13.90 -20.72
N PHE B 279 -27.46 12.59 -20.59
CA PHE B 279 -28.47 11.94 -21.41
C PHE B 279 -29.85 12.31 -20.89
N ALA B 280 -30.89 11.83 -21.55
CA ALA B 280 -32.24 12.03 -21.06
C ALA B 280 -32.73 10.88 -20.20
N ASP B 281 -32.11 9.70 -20.33
CA ASP B 281 -32.57 8.51 -19.64
C ASP B 281 -32.55 8.68 -18.13
N CYS B 282 -31.65 9.49 -17.61
CA CYS B 282 -31.67 9.79 -16.19
C CYS B 282 -32.99 10.47 -15.82
N ASP B 283 -33.29 10.49 -14.53
CA ASP B 283 -34.53 11.10 -14.06
C ASP B 283 -34.55 12.56 -14.45
N LEU B 284 -35.49 12.93 -15.31
CA LEU B 284 -35.49 14.29 -15.86
C LEU B 284 -35.72 15.33 -14.77
N ASN B 285 -36.45 14.97 -13.71
CA ASN B 285 -36.61 15.88 -12.58
C ASN B 285 -35.26 16.23 -11.94
N LYS B 286 -34.37 15.24 -11.82
CA LYS B 286 -33.04 15.52 -11.31
C LYS B 286 -32.03 15.78 -12.41
N ALA B 287 -32.37 15.45 -13.66
CA ALA B 287 -31.51 15.82 -14.78
C ALA B 287 -31.42 17.33 -14.92
N VAL B 288 -32.43 18.05 -14.45
CA VAL B 288 -32.41 19.50 -14.50
C VAL B 288 -31.87 20.08 -13.21
N GLN B 289 -32.38 19.61 -12.06
CA GLN B 289 -32.08 20.24 -10.78
C GLN B 289 -30.61 20.13 -10.44
N MET B 290 -30.11 18.91 -10.26
CA MET B 290 -28.68 18.76 -10.05
C MET B 290 -27.89 19.16 -11.29
N GLY B 291 -28.47 19.01 -12.49
CA GLY B 291 -27.90 19.68 -13.64
C GLY B 291 -27.85 21.18 -13.43
N MET B 292 -28.93 21.76 -12.92
CA MET B 292 -28.94 23.19 -12.60
C MET B 292 -28.03 23.49 -11.42
N SER B 293 -27.88 22.55 -10.49
CA SER B 293 -26.87 22.71 -9.46
C SER B 293 -25.47 22.40 -9.98
N SER B 294 -25.38 21.81 -11.17
CA SER B 294 -24.08 21.45 -11.72
C SER B 294 -23.29 22.67 -12.17
N VAL B 295 -23.95 23.79 -12.44
CA VAL B 295 -23.28 24.96 -13.01
C VAL B 295 -23.44 26.19 -12.11
N PHE B 296 -24.65 26.43 -11.63
CA PHE B 296 -24.96 27.67 -10.93
C PHE B 296 -24.56 27.64 -9.46
N PHE B 297 -23.65 26.75 -9.07
CA PHE B 297 -23.35 26.58 -7.67
C PHE B 297 -22.45 27.71 -7.17
N ASN B 298 -22.74 28.18 -5.96
CA ASN B 298 -22.04 29.30 -5.32
C ASN B 298 -21.88 30.46 -6.28
N LYS B 299 -23.00 30.86 -6.89
CA LYS B 299 -23.06 31.92 -7.89
C LYS B 299 -21.98 31.77 -8.96
N GLY B 300 -21.90 30.56 -9.54
CA GLY B 300 -21.12 30.33 -10.73
C GLY B 300 -19.62 30.31 -10.56
N GLU B 301 -19.09 30.76 -9.42
CA GLU B 301 -17.65 30.83 -9.18
C GLU B 301 -17.13 29.44 -8.78
N ASN B 302 -17.36 28.47 -9.66
CA ASN B 302 -17.04 27.08 -9.38
C ASN B 302 -15.80 26.71 -10.17
N CYS B 303 -14.87 26.04 -9.51
CA CYS B 303 -13.57 25.77 -10.11
C CYS B 303 -13.68 24.82 -11.30
N ILE B 304 -14.39 23.71 -11.15
CA ILE B 304 -14.41 22.72 -12.23
C ILE B 304 -15.72 22.74 -12.99
N ALA B 305 -16.67 23.61 -12.61
CA ALA B 305 -18.07 23.48 -13.01
C ALA B 305 -18.22 23.33 -14.52
N ALA B 306 -19.15 22.47 -14.91
CA ALA B 306 -19.32 22.09 -16.31
C ALA B 306 -20.11 23.18 -17.03
N GLY B 307 -19.41 23.92 -17.89
CA GLY B 307 -20.06 24.97 -18.64
C GLY B 307 -20.34 24.53 -20.05
N ARG B 308 -20.57 23.24 -20.27
CA ARG B 308 -21.04 22.78 -21.59
C ARG B 308 -22.00 21.61 -21.36
N LEU B 309 -23.27 21.96 -21.17
CA LEU B 309 -24.25 21.06 -20.56
C LEU B 309 -25.02 20.34 -21.65
N PHE B 310 -24.41 19.28 -22.18
CA PHE B 310 -25.00 18.57 -23.31
C PHE B 310 -26.33 17.99 -22.86
N VAL B 311 -27.25 17.80 -23.81
CA VAL B 311 -28.56 17.22 -23.53
C VAL B 311 -29.04 16.51 -24.78
N GLU B 312 -29.75 15.41 -24.60
CA GLU B 312 -30.39 14.76 -25.74
C GLU B 312 -31.55 15.63 -26.21
N ASP B 313 -31.94 15.40 -27.46
CA ASP B 313 -33.00 16.20 -28.08
C ASP B 313 -34.29 16.07 -27.32
N SER B 314 -34.58 14.86 -26.83
CA SER B 314 -35.91 14.52 -26.34
C SER B 314 -36.33 15.38 -25.17
N ILE B 315 -35.38 15.99 -24.47
CA ILE B 315 -35.65 16.71 -23.24
C ILE B 315 -35.11 18.13 -23.29
N HIS B 316 -34.57 18.55 -24.43
CA HIS B 316 -33.76 19.76 -24.46
C HIS B 316 -34.58 20.97 -24.07
N ASP B 317 -35.56 21.33 -24.88
CA ASP B 317 -36.48 22.38 -24.50
C ASP B 317 -37.16 22.03 -23.18
N GLU B 318 -37.47 20.75 -22.99
CA GLU B 318 -38.00 20.29 -21.70
C GLU B 318 -37.04 20.66 -20.58
N PHE B 319 -35.85 20.06 -20.61
CA PHE B 319 -34.79 20.46 -19.71
C PHE B 319 -34.57 21.96 -19.77
N VAL B 320 -34.63 22.55 -20.96
CA VAL B 320 -34.49 24.00 -21.08
C VAL B 320 -35.63 24.69 -20.37
N ARG B 321 -36.86 24.50 -20.87
CA ARG B 321 -38.00 25.26 -20.40
C ARG B 321 -38.26 25.04 -18.92
N ARG B 322 -38.03 23.81 -18.44
CA ARG B 322 -38.06 23.61 -17.00
C ARG B 322 -36.91 24.34 -16.34
N VAL B 323 -35.68 24.13 -16.81
CA VAL B 323 -34.54 24.86 -16.25
C VAL B 323 -34.72 26.35 -16.46
N VAL B 324 -35.28 26.74 -17.61
CA VAL B 324 -35.66 28.14 -17.84
C VAL B 324 -36.49 28.66 -16.68
N GLU B 325 -37.46 27.86 -16.22
CA GLU B 325 -38.14 28.19 -14.98
C GLU B 325 -37.15 28.21 -13.82
N GLU B 326 -36.22 27.26 -13.79
CA GLU B 326 -35.30 27.19 -12.67
C GLU B 326 -34.31 28.35 -12.68
N VAL B 327 -33.98 28.87 -13.87
CA VAL B 327 -33.14 30.06 -13.95
C VAL B 327 -33.83 31.23 -13.26
N ARG B 328 -35.17 31.22 -13.22
CA ARG B 328 -35.90 32.28 -12.56
C ARG B 328 -36.00 32.04 -11.05
N LYS B 329 -35.94 30.79 -10.62
CA LYS B 329 -36.21 30.47 -9.23
C LYS B 329 -35.21 31.10 -8.26
N MET B 330 -34.01 31.42 -8.72
CA MET B 330 -32.93 31.77 -7.82
C MET B 330 -33.18 33.11 -7.11
N LYS B 331 -32.51 33.28 -5.97
CA LYS B 331 -32.50 34.52 -5.21
C LYS B 331 -31.21 35.29 -5.46
N VAL B 332 -31.33 36.60 -5.64
CA VAL B 332 -30.19 37.51 -5.68
C VAL B 332 -30.26 38.42 -4.46
N GLY B 333 -29.33 38.24 -3.53
CA GLY B 333 -29.37 39.02 -2.30
C GLY B 333 -28.05 38.99 -1.57
N ASN B 334 -28.07 39.51 -0.34
CA ASN B 334 -26.87 39.52 0.48
C ASN B 334 -26.42 38.08 0.74
N PRO B 335 -25.18 37.74 0.45
CA PRO B 335 -24.73 36.35 0.66
C PRO B 335 -24.88 35.89 2.09
N LEU B 336 -24.68 36.79 3.05
CA LEU B 336 -24.99 36.48 4.44
C LEU B 336 -26.49 36.42 4.69
N ASP B 337 -27.30 36.90 3.76
CA ASP B 337 -28.74 36.77 3.90
C ASP B 337 -29.16 35.36 3.53
N ARG B 338 -29.85 34.70 4.47
CA ARG B 338 -30.12 33.26 4.36
C ARG B 338 -30.85 32.93 3.06
N ASP B 339 -31.79 33.79 2.66
CA ASP B 339 -32.56 33.52 1.45
C ASP B 339 -31.75 33.72 0.18
N THR B 340 -30.57 34.32 0.27
CA THR B 340 -29.79 34.61 -0.92
C THR B 340 -29.38 33.33 -1.63
N ASP B 341 -29.75 33.23 -2.91
CA ASP B 341 -29.38 32.10 -3.73
C ASP B 341 -28.40 32.47 -4.83
N HIS B 342 -28.16 33.76 -5.04
CA HIS B 342 -27.22 34.23 -6.05
C HIS B 342 -26.63 35.55 -5.56
N GLY B 343 -25.31 35.63 -5.54
CA GLY B 343 -24.63 36.85 -5.17
C GLY B 343 -23.87 37.45 -6.34
N PRO B 344 -23.09 38.49 -6.07
CA PRO B 344 -22.28 39.10 -7.11
C PRO B 344 -21.07 38.23 -7.42
N GLN B 345 -20.44 38.54 -8.56
CA GLN B 345 -19.16 37.92 -8.86
C GLN B 345 -18.11 38.41 -7.86
N ASN B 346 -16.90 37.88 -8.02
CA ASN B 346 -15.81 38.32 -7.16
C ASN B 346 -15.54 39.81 -7.32
N HIS B 347 -15.39 40.28 -8.54
CA HIS B 347 -14.74 41.57 -8.73
C HIS B 347 -15.47 42.33 -9.83
N HIS B 348 -15.09 43.60 -9.96
CA HIS B 348 -15.83 44.54 -10.77
C HIS B 348 -15.67 44.24 -12.26
N ALA B 349 -14.44 44.26 -12.75
CA ALA B 349 -14.22 44.05 -14.17
C ALA B 349 -14.60 42.65 -14.61
N HIS B 350 -14.57 41.68 -13.70
CA HIS B 350 -14.86 40.31 -14.10
C HIS B 350 -16.29 40.16 -14.58
N LEU B 351 -17.23 40.85 -13.93
CA LEU B 351 -18.61 40.85 -14.41
C LEU B 351 -18.67 41.36 -15.84
N VAL B 352 -17.87 42.36 -16.15
CA VAL B 352 -17.58 42.69 -17.54
C VAL B 352 -17.02 41.46 -18.24
N LYS B 353 -15.92 40.91 -17.71
CA LYS B 353 -15.24 39.75 -18.29
C LYS B 353 -16.17 38.59 -18.61
N LEU B 354 -17.26 38.44 -17.86
CA LEU B 354 -18.27 37.45 -18.20
C LEU B 354 -19.28 37.95 -19.22
N MET B 355 -19.66 39.23 -19.12
CA MET B 355 -20.75 39.73 -19.95
C MET B 355 -20.39 39.72 -21.43
N GLU B 356 -19.17 40.12 -21.77
CA GLU B 356 -18.77 40.10 -23.17
C GLU B 356 -18.76 38.68 -23.71
N TYR B 357 -18.31 37.72 -22.89
CA TYR B 357 -18.49 36.30 -23.21
C TYR B 357 -19.92 36.04 -23.67
N CYS B 358 -20.89 36.45 -22.84
CA CYS B 358 -22.28 36.47 -23.30
C CYS B 358 -22.41 37.25 -24.60
N GLN B 359 -21.85 38.47 -24.63
CA GLN B 359 -21.92 39.30 -25.82
C GLN B 359 -21.20 38.66 -26.99
N HIS B 360 -20.08 37.98 -26.72
CA HIS B 360 -19.37 37.28 -27.79
C HIS B 360 -20.29 36.28 -28.48
N GLY B 361 -20.80 35.30 -27.72
CA GLY B 361 -21.58 34.24 -28.32
C GLY B 361 -22.86 34.75 -28.96
N VAL B 362 -23.52 35.71 -28.32
CA VAL B 362 -24.77 36.25 -28.85
C VAL B 362 -24.54 36.87 -30.22
N LYS B 363 -23.43 37.58 -30.40
CA LYS B 363 -23.08 38.06 -31.72
C LYS B 363 -22.82 36.92 -32.70
N GLU B 364 -22.33 35.79 -32.22
CA GLU B 364 -22.06 34.68 -33.12
C GLU B 364 -23.34 34.13 -33.73
N GLY B 365 -24.48 34.35 -33.07
CA GLY B 365 -25.72 33.72 -33.46
C GLY B 365 -26.29 32.88 -32.32
N ALA B 366 -25.97 33.27 -31.08
CA ALA B 366 -26.33 32.45 -29.93
C ALA B 366 -27.71 32.81 -29.39
N THR B 367 -28.50 31.78 -29.09
CA THR B 367 -29.84 31.92 -28.54
C THR B 367 -29.72 32.37 -27.09
N LEU B 368 -29.72 33.68 -26.87
CA LEU B 368 -29.63 34.23 -25.52
C LEU B 368 -30.97 34.02 -24.83
N VAL B 369 -31.17 32.80 -24.32
CA VAL B 369 -32.48 32.40 -23.80
C VAL B 369 -32.83 33.11 -22.51
N CYS B 370 -31.95 33.93 -21.95
CA CYS B 370 -32.31 34.83 -20.88
C CYS B 370 -31.12 35.72 -20.52
N GLY B 371 -31.45 36.91 -20.03
CA GLY B 371 -30.47 37.77 -19.37
C GLY B 371 -29.23 38.04 -20.21
N GLY B 372 -28.07 37.82 -19.61
CA GLY B 372 -26.80 38.02 -20.27
C GLY B 372 -26.07 39.29 -19.88
N ASN B 373 -26.69 40.16 -19.09
CA ASN B 373 -26.08 41.42 -18.69
C ASN B 373 -26.20 41.60 -17.19
N GLN B 374 -25.65 42.71 -16.70
CA GLN B 374 -25.52 42.92 -15.27
C GLN B 374 -26.89 43.05 -14.60
N VAL B 375 -27.02 42.41 -13.44
CA VAL B 375 -28.19 42.68 -12.60
C VAL B 375 -28.16 44.15 -12.19
N PRO B 376 -29.23 44.88 -12.38
CA PRO B 376 -29.20 46.35 -12.15
C PRO B 376 -29.21 46.74 -10.67
N ARG B 377 -28.09 46.47 -10.00
CA ARG B 377 -27.92 46.83 -8.60
C ARG B 377 -26.42 46.98 -8.35
N PRO B 378 -26.05 47.73 -7.32
CA PRO B 378 -24.63 47.83 -6.95
C PRO B 378 -24.03 46.48 -6.59
N GLY B 379 -22.72 46.49 -6.38
CA GLY B 379 -22.04 45.23 -6.52
C GLY B 379 -22.03 44.86 -7.99
N PHE B 380 -21.88 43.56 -8.27
CA PHE B 380 -21.81 43.09 -9.64
C PHE B 380 -22.65 41.83 -9.82
N PHE B 381 -23.90 41.88 -9.35
CA PHE B 381 -24.84 40.80 -9.62
C PHE B 381 -25.02 40.63 -11.12
N PHE B 382 -25.03 39.38 -11.58
CA PHE B 382 -25.19 39.07 -12.99
C PHE B 382 -26.38 38.15 -13.18
N GLU B 383 -27.10 38.36 -14.27
CA GLU B 383 -28.29 37.59 -14.56
C GLU B 383 -27.91 36.20 -15.03
N PRO B 384 -28.37 35.14 -14.36
CA PRO B 384 -28.03 33.78 -14.82
C PRO B 384 -28.51 33.53 -16.24
N THR B 385 -27.55 33.41 -17.14
CA THR B 385 -27.80 33.34 -18.57
C THR B 385 -27.90 31.89 -19.00
N VAL B 386 -28.70 31.65 -20.04
CA VAL B 386 -28.83 30.32 -20.62
C VAL B 386 -28.80 30.47 -22.13
N PHE B 387 -27.74 29.99 -22.76
CA PHE B 387 -27.65 29.98 -24.19
C PHE B 387 -28.32 28.71 -24.70
N THR B 388 -28.08 28.38 -25.96
CA THR B 388 -28.62 27.15 -26.51
C THR B 388 -27.87 26.80 -27.76
N ASP B 389 -27.67 25.50 -27.96
CA ASP B 389 -27.28 24.89 -29.23
C ASP B 389 -25.99 25.46 -29.80
N VAL B 390 -25.22 26.20 -29.01
CA VAL B 390 -23.98 26.79 -29.48
C VAL B 390 -22.98 25.68 -29.79
N GLU B 391 -22.51 25.67 -31.03
CA GLU B 391 -21.56 24.67 -31.51
C GLU B 391 -20.14 25.13 -31.13
N ASP B 392 -19.15 24.35 -31.55
CA ASP B 392 -17.85 24.40 -30.88
C ASP B 392 -17.02 25.56 -31.42
N HIS B 393 -17.07 25.80 -32.74
CA HIS B 393 -16.23 26.83 -33.35
C HIS B 393 -16.41 28.20 -32.74
N MET B 394 -17.57 28.48 -32.15
CA MET B 394 -17.82 29.80 -31.58
C MET B 394 -16.88 30.06 -30.41
N PHE B 395 -16.94 31.28 -29.88
CA PHE B 395 -15.98 31.69 -28.86
C PHE B 395 -16.46 31.32 -27.47
N ILE B 396 -17.77 31.28 -27.27
CA ILE B 396 -18.32 30.91 -25.97
C ILE B 396 -18.14 29.42 -25.69
N ALA B 397 -18.25 28.58 -26.71
CA ALA B 397 -18.09 27.14 -26.53
C ALA B 397 -16.63 26.69 -26.53
N LYS B 398 -15.70 27.60 -26.37
CA LYS B 398 -14.30 27.28 -26.19
C LYS B 398 -13.68 27.99 -24.99
N GLU B 399 -14.06 29.23 -24.73
CA GLU B 399 -13.49 30.00 -23.65
C GLU B 399 -14.05 29.56 -22.32
N GLU B 400 -13.25 29.73 -21.28
CA GLU B 400 -13.74 29.59 -19.92
C GLU B 400 -14.50 30.85 -19.55
N SER B 401 -15.80 30.71 -19.30
CA SER B 401 -16.59 31.85 -18.90
C SER B 401 -16.13 32.39 -17.55
N PHE B 402 -16.02 31.52 -16.56
CA PHE B 402 -15.87 31.90 -15.17
C PHE B 402 -17.13 32.61 -14.67
N GLY B 403 -18.29 32.01 -14.95
CA GLY B 403 -19.54 32.53 -14.47
C GLY B 403 -20.62 31.47 -14.46
N PRO B 404 -21.74 31.76 -13.80
CA PRO B 404 -22.90 30.85 -13.83
C PRO B 404 -23.70 30.94 -15.11
N VAL B 405 -23.03 30.70 -16.24
CA VAL B 405 -23.61 30.91 -17.56
C VAL B 405 -23.80 29.54 -18.19
N MET B 406 -24.99 28.98 -18.01
CA MET B 406 -25.28 27.66 -18.53
C MET B 406 -25.26 27.70 -20.05
N ILE B 407 -24.26 27.09 -20.67
CA ILE B 407 -24.01 27.22 -22.10
C ILE B 407 -24.17 25.85 -22.73
N ILE B 408 -25.39 25.55 -23.17
CA ILE B 408 -25.79 24.23 -23.64
C ILE B 408 -25.15 23.94 -25.00
N SER B 409 -25.29 22.70 -25.45
CA SER B 409 -25.09 22.31 -26.83
C SER B 409 -26.10 21.21 -27.10
N ARG B 410 -25.91 20.45 -28.17
CA ARG B 410 -26.85 19.37 -28.42
C ARG B 410 -26.25 18.38 -29.41
N PHE B 411 -26.93 17.23 -29.53
CA PHE B 411 -26.43 16.08 -30.27
C PHE B 411 -27.60 15.21 -30.74
N ALA B 412 -27.27 14.00 -31.16
CA ALA B 412 -28.27 13.04 -31.61
C ALA B 412 -28.77 12.19 -30.44
N ASP B 413 -30.00 11.71 -30.57
CA ASP B 413 -30.64 10.96 -29.51
C ASP B 413 -29.88 9.65 -29.25
N GLY B 414 -29.16 9.59 -28.13
CA GLY B 414 -28.46 8.39 -27.73
C GLY B 414 -27.00 8.30 -28.13
N ASP B 415 -26.45 9.38 -28.71
CA ASP B 415 -25.06 9.36 -29.17
C ASP B 415 -24.10 9.14 -28.01
N LEU B 416 -23.05 8.37 -28.26
CA LEU B 416 -22.10 7.99 -27.22
C LEU B 416 -20.74 8.66 -27.41
N ASP B 417 -20.09 8.46 -28.55
CA ASP B 417 -18.70 8.88 -28.68
C ASP B 417 -18.53 10.16 -29.48
N ALA B 418 -19.45 10.47 -30.40
CA ALA B 418 -19.25 11.61 -31.27
C ALA B 418 -19.44 12.92 -30.52
N VAL B 419 -20.64 13.17 -30.01
CA VAL B 419 -20.86 14.42 -29.29
C VAL B 419 -20.02 14.45 -28.04
N LEU B 420 -19.77 13.31 -27.43
CA LEU B 420 -18.86 13.26 -26.29
C LEU B 420 -17.42 13.48 -26.76
N SER B 421 -17.18 13.33 -28.06
CA SER B 421 -15.97 13.87 -28.66
C SER B 421 -16.07 15.38 -28.87
N ARG B 422 -17.27 15.95 -28.69
CA ARG B 422 -17.39 17.37 -28.36
C ARG B 422 -17.31 17.61 -26.86
N ALA B 423 -17.38 16.54 -26.06
CA ALA B 423 -16.97 16.56 -24.67
C ALA B 423 -15.52 16.12 -24.49
N ASN B 424 -14.99 15.38 -25.45
CA ASN B 424 -13.63 14.88 -25.45
C ASN B 424 -12.63 15.85 -26.08
N ALA B 425 -13.08 16.74 -26.98
CA ALA B 425 -12.19 17.56 -27.78
C ALA B 425 -11.62 18.77 -27.04
N THR B 426 -12.29 19.26 -26.00
CA THR B 426 -11.83 20.43 -25.28
C THR B 426 -10.54 20.09 -24.54
N GLU B 427 -9.54 20.98 -24.64
CA GLU B 427 -8.25 20.69 -24.02
C GLU B 427 -8.23 20.99 -22.52
N PHE B 428 -9.18 21.77 -22.02
CA PHE B 428 -9.35 21.90 -20.57
C PHE B 428 -9.82 20.57 -20.03
N GLY B 429 -8.90 19.82 -19.39
CA GLY B 429 -9.17 18.43 -19.06
C GLY B 429 -9.24 18.12 -17.59
N LEU B 430 -9.94 18.97 -16.83
CA LEU B 430 -10.01 18.78 -15.38
C LEU B 430 -11.10 17.79 -14.98
N ALA B 431 -12.36 18.15 -15.19
CA ALA B 431 -13.50 17.44 -14.65
C ALA B 431 -14.21 16.71 -15.77
N SER B 432 -15.39 16.20 -15.44
CA SER B 432 -16.36 15.74 -16.41
C SER B 432 -17.68 15.61 -15.68
N GLY B 433 -18.61 14.90 -16.29
CA GLY B 433 -19.83 14.52 -15.59
C GLY B 433 -20.58 13.55 -16.47
N VAL B 434 -21.68 13.03 -15.91
CA VAL B 434 -22.71 12.41 -16.73
C VAL B 434 -23.91 12.11 -15.86
N PHE B 435 -25.09 12.06 -16.47
CA PHE B 435 -26.26 11.46 -15.86
C PHE B 435 -26.67 10.28 -16.72
N THR B 436 -27.29 9.29 -16.09
CA THR B 436 -27.80 8.10 -16.76
C THR B 436 -28.45 7.19 -15.74
N ARG B 437 -29.35 6.30 -16.16
CA ARG B 437 -29.79 5.23 -15.29
C ARG B 437 -29.52 3.85 -15.86
N ASP B 438 -29.94 3.55 -17.08
CA ASP B 438 -29.45 2.36 -17.75
C ASP B 438 -27.96 2.56 -17.95
N ILE B 439 -27.15 1.77 -17.26
CA ILE B 439 -25.72 1.99 -17.32
C ILE B 439 -25.08 1.02 -18.32
N ASN B 440 -25.88 0.59 -19.30
CA ASN B 440 -25.29 0.35 -20.61
C ASN B 440 -25.02 1.65 -21.35
N LYS B 441 -25.36 2.80 -20.73
CA LYS B 441 -25.03 4.11 -21.25
C LYS B 441 -24.04 4.87 -20.38
N ALA B 442 -23.59 4.27 -19.26
CA ALA B 442 -22.44 4.74 -18.49
C ALA B 442 -21.24 3.81 -18.61
N LEU B 443 -21.25 2.91 -19.58
CA LEU B 443 -20.11 2.05 -19.86
C LEU B 443 -19.14 2.70 -20.84
N TYR B 444 -19.64 3.64 -21.64
CA TYR B 444 -18.83 4.33 -22.62
C TYR B 444 -18.78 5.83 -22.37
N VAL B 445 -19.46 6.30 -21.32
CA VAL B 445 -19.37 7.70 -20.92
C VAL B 445 -18.05 7.99 -20.25
N SER B 446 -17.59 7.11 -19.35
CA SER B 446 -16.47 7.43 -18.46
C SER B 446 -15.14 6.79 -18.85
N ASP B 447 -15.15 5.77 -19.71
CA ASP B 447 -13.87 5.19 -20.10
C ASP B 447 -13.04 6.17 -20.92
N LYS B 448 -13.64 6.76 -21.97
CA LYS B 448 -12.89 7.43 -23.02
C LYS B 448 -12.62 8.90 -22.75
N LEU B 449 -13.37 9.55 -21.86
CA LEU B 449 -13.14 10.96 -21.58
C LEU B 449 -11.76 11.14 -20.97
N GLN B 450 -10.85 11.79 -21.69
CA GLN B 450 -9.54 12.11 -21.14
C GLN B 450 -9.69 13.28 -20.17
N ALA B 451 -10.25 12.97 -19.01
CA ALA B 451 -10.43 13.95 -17.95
C ALA B 451 -9.88 13.38 -16.64
N GLY B 452 -9.85 14.23 -15.62
CA GLY B 452 -9.13 13.89 -14.40
C GLY B 452 -9.98 13.31 -13.30
N THR B 453 -11.32 13.43 -13.38
CA THR B 453 -12.21 12.78 -12.43
C THR B 453 -13.48 12.41 -13.21
N VAL B 454 -13.52 11.20 -13.78
CA VAL B 454 -14.44 10.92 -14.87
C VAL B 454 -15.76 10.49 -14.24
N PHE B 455 -16.52 11.48 -13.76
CA PHE B 455 -17.70 11.21 -12.95
C PHE B 455 -18.71 10.35 -13.70
N VAL B 456 -19.67 9.81 -12.95
CA VAL B 456 -20.89 9.21 -13.50
C VAL B 456 -22.00 9.36 -12.49
N ASN B 457 -23.15 9.87 -12.94
CA ASN B 457 -24.36 9.98 -12.15
C ASN B 457 -24.21 10.85 -10.92
N THR B 458 -23.18 11.69 -10.84
CA THR B 458 -23.20 12.75 -9.83
C THR B 458 -22.12 13.78 -10.14
N TYR B 459 -21.92 14.68 -9.18
CA TYR B 459 -21.09 15.87 -9.36
C TYR B 459 -21.06 16.58 -8.02
N ASN B 460 -20.29 17.66 -7.95
CA ASN B 460 -20.36 18.63 -6.86
C ASN B 460 -19.90 18.04 -5.53
N LYS B 461 -19.07 17.01 -5.57
CA LYS B 461 -18.75 16.24 -4.37
C LYS B 461 -17.41 16.68 -3.78
N THR B 462 -17.38 17.90 -3.25
CA THR B 462 -16.19 18.38 -2.58
C THR B 462 -16.05 17.65 -1.26
N ASP B 463 -15.23 16.60 -1.23
CA ASP B 463 -15.02 15.85 -0.02
C ASP B 463 -13.56 15.46 0.10
N VAL B 464 -13.10 15.34 1.34
CA VAL B 464 -11.69 15.50 1.67
C VAL B 464 -10.84 14.40 1.04
N ALA B 465 -11.29 13.15 1.12
CA ALA B 465 -10.52 12.04 0.59
C ALA B 465 -10.88 11.70 -0.84
N ALA B 466 -11.40 12.66 -1.59
CA ALA B 466 -11.48 12.51 -3.02
C ALA B 466 -10.19 13.05 -3.61
N PRO B 467 -9.19 12.21 -3.88
CA PRO B 467 -7.92 12.71 -4.41
C PRO B 467 -8.12 13.31 -5.78
N PHE B 468 -7.60 14.52 -5.95
CA PHE B 468 -7.97 15.33 -7.11
C PHE B 468 -6.74 15.91 -7.77
N GLY B 469 -6.82 16.05 -9.09
CA GLY B 469 -5.85 16.83 -9.83
C GLY B 469 -6.44 17.29 -11.14
N GLY B 470 -5.56 17.57 -12.09
CA GLY B 470 -5.97 17.90 -13.44
C GLY B 470 -5.12 17.18 -14.46
N PHE B 471 -5.65 17.09 -15.66
CA PHE B 471 -4.90 16.61 -16.81
C PHE B 471 -4.40 17.81 -17.64
N LYS B 472 -3.93 17.53 -18.87
CA LYS B 472 -2.90 18.31 -19.55
C LYS B 472 -3.04 19.81 -19.39
N GLN B 473 -4.14 20.37 -19.87
CA GLN B 473 -4.24 21.83 -19.99
C GLN B 473 -4.82 22.49 -18.74
N SER B 474 -4.66 21.90 -17.58
CA SER B 474 -4.96 22.66 -16.38
C SER B 474 -3.97 22.39 -15.24
N GLY B 475 -2.84 21.77 -15.52
CA GLY B 475 -1.76 21.72 -14.55
C GLY B 475 -1.17 20.33 -14.42
N PHE B 476 -0.48 20.10 -13.31
CA PHE B 476 -0.13 18.75 -12.89
C PHE B 476 0.26 18.79 -11.41
N GLY B 477 0.04 17.67 -10.72
CA GLY B 477 0.11 17.61 -9.27
C GLY B 477 -1.25 17.57 -8.61
N LYS B 478 -1.51 16.52 -7.83
CA LYS B 478 -2.85 16.21 -7.33
C LYS B 478 -3.07 16.76 -5.92
N ASP B 479 -4.28 17.23 -5.68
CA ASP B 479 -4.68 17.82 -4.41
C ASP B 479 -5.85 17.02 -3.83
N LEU B 480 -5.98 17.08 -2.50
CA LEU B 480 -7.12 16.55 -1.77
C LEU B 480 -7.13 15.03 -1.80
N GLY B 481 -5.98 14.42 -1.51
CA GLY B 481 -5.90 12.98 -1.65
C GLY B 481 -4.61 12.46 -1.08
N GLU B 482 -4.39 11.16 -1.31
CA GLU B 482 -3.22 10.51 -0.75
C GLU B 482 -1.95 10.88 -1.51
N ALA B 483 -2.05 11.08 -2.82
CA ALA B 483 -0.86 11.49 -3.57
C ALA B 483 -0.40 12.88 -3.15
N ALA B 484 -1.30 13.66 -2.53
CA ALA B 484 -0.91 14.95 -1.96
C ALA B 484 0.26 14.80 -1.00
N LEU B 485 0.31 13.71 -0.25
CA LEU B 485 1.51 13.36 0.47
C LEU B 485 2.31 12.30 -0.27
N ASN B 486 2.15 12.23 -1.58
CA ASN B 486 3.05 11.44 -2.42
C ASN B 486 4.19 12.27 -3.00
N GLU B 487 3.92 13.50 -3.47
CA GLU B 487 5.00 14.34 -4.00
C GLU B 487 5.63 15.21 -2.92
N TYR B 488 4.82 15.72 -1.98
CA TYR B 488 5.31 16.62 -0.94
C TYR B 488 6.43 16.03 -0.09
N LEU B 489 6.67 14.74 -0.16
CA LEU B 489 7.62 14.04 0.70
C LEU B 489 8.67 13.40 -0.18
N ARG B 490 9.94 13.63 0.15
CA ARG B 490 11.02 13.19 -0.72
C ARG B 490 11.41 11.77 -0.40
N VAL B 491 11.80 11.03 -1.44
CA VAL B 491 12.11 9.62 -1.31
C VAL B 491 13.62 9.48 -1.12
N LYS B 492 14.02 8.89 0.00
CA LYS B 492 15.42 8.59 0.25
C LYS B 492 15.67 7.13 -0.09
N THR B 493 16.92 6.78 -0.33
CA THR B 493 17.32 5.38 -0.41
C THR B 493 18.41 5.13 0.63
N VAL B 494 18.61 3.86 0.98
CA VAL B 494 19.77 3.39 1.74
C VAL B 494 20.15 2.05 1.14
N THR B 495 21.36 1.58 1.41
CA THR B 495 21.75 0.24 0.97
C THR B 495 22.89 -0.27 1.85
N PHE B 496 22.53 -1.06 2.87
CA PHE B 496 23.50 -1.61 3.81
C PHE B 496 24.23 -2.81 3.23
N GLU B 497 25.07 -3.41 4.05
CA GLU B 497 25.64 -4.71 3.72
C GLU B 497 26.39 -5.26 4.92
N TYR B 498 26.31 -6.57 5.07
CA TYR B 498 27.11 -7.32 6.04
C TYR B 498 27.30 -8.72 5.49
N SER C 1 15.11 -42.38 -12.15
CA SER C 1 14.61 -43.46 -13.00
C SER C 1 13.21 -43.88 -12.58
N ILE C 2 12.30 -42.91 -12.48
CA ILE C 2 10.93 -43.19 -12.05
C ILE C 2 10.28 -44.11 -13.06
N ASP C 3 9.49 -45.06 -12.57
CA ASP C 3 8.74 -45.95 -13.44
C ASP C 3 7.36 -45.38 -13.80
N TYR C 4 6.94 -45.61 -15.04
CA TYR C 4 5.61 -45.27 -15.52
C TYR C 4 5.11 -46.37 -16.43
N VAL C 5 3.87 -46.78 -16.22
CA VAL C 5 3.18 -47.65 -17.19
C VAL C 5 2.71 -46.72 -18.29
N GLU C 6 3.54 -46.61 -19.33
CA GLU C 6 3.36 -45.58 -20.34
C GLU C 6 2.01 -45.72 -21.03
N MET C 7 1.25 -44.63 -21.03
CA MET C 7 -0.12 -44.60 -21.53
C MET C 7 -0.13 -43.67 -22.75
N ALA C 8 0.01 -44.25 -23.94
CA ALA C 8 -0.06 -43.48 -25.18
C ALA C 8 -1.53 -43.26 -25.53
N VAL C 9 -2.16 -42.35 -24.79
CA VAL C 9 -3.59 -42.09 -24.93
C VAL C 9 -3.81 -40.63 -25.30
N ASN C 10 -4.84 -40.39 -26.11
CA ASN C 10 -5.17 -39.06 -26.59
C ASN C 10 -4.02 -38.48 -27.43
N LYS C 11 -3.39 -39.35 -28.23
CA LYS C 11 -2.30 -38.98 -29.12
C LYS C 11 -1.03 -38.58 -28.38
N ARG C 12 -0.94 -38.87 -27.08
CA ARG C 12 0.18 -38.43 -26.27
C ARG C 12 0.48 -39.48 -25.20
N THR C 13 1.75 -39.57 -24.83
CA THR C 13 2.22 -40.60 -23.89
C THR C 13 1.97 -40.10 -22.47
N VAL C 14 0.77 -40.38 -21.95
CA VAL C 14 0.43 -39.97 -20.60
C VAL C 14 1.30 -40.73 -19.61
N ARG C 15 2.07 -39.99 -18.81
CA ARG C 15 2.89 -40.55 -17.75
C ARG C 15 2.34 -40.01 -16.43
N MET C 16 1.34 -40.69 -15.90
CA MET C 16 0.95 -39.93 -14.71
C MET C 16 1.69 -40.48 -13.49
N PRO C 17 2.42 -39.63 -12.76
CA PRO C 17 3.28 -40.12 -11.68
C PRO C 17 2.50 -40.82 -10.57
N HIS C 18 3.08 -41.94 -10.09
CA HIS C 18 2.40 -42.82 -9.15
C HIS C 18 2.94 -42.63 -7.74
N GLN C 19 4.20 -42.26 -7.60
CA GLN C 19 4.94 -42.44 -6.38
C GLN C 19 4.62 -41.32 -5.40
N LEU C 20 5.45 -41.23 -4.37
CA LEU C 20 5.37 -40.17 -3.38
C LEU C 20 6.68 -39.39 -3.48
N PHE C 21 6.66 -38.32 -4.27
CA PHE C 21 7.88 -37.57 -4.55
C PHE C 21 8.35 -36.92 -3.25
N ILE C 22 9.41 -37.49 -2.66
CA ILE C 22 9.93 -37.02 -1.39
C ILE C 22 11.45 -37.05 -1.44
N GLY C 23 12.07 -36.11 -0.72
CA GLY C 23 13.51 -36.04 -0.63
C GLY C 23 14.23 -35.87 -1.95
N GLY C 24 13.55 -35.35 -2.97
CA GLY C 24 14.16 -35.17 -4.26
C GLY C 24 13.72 -36.17 -5.31
N GLU C 25 13.12 -37.28 -4.91
CA GLU C 25 12.76 -38.35 -5.83
C GLU C 25 11.31 -38.77 -5.59
N PHE C 26 10.70 -39.34 -6.62
CA PHE C 26 9.44 -40.05 -6.51
C PHE C 26 9.70 -41.45 -5.97
N VAL C 27 8.93 -41.84 -4.96
CA VAL C 27 9.10 -43.13 -4.29
C VAL C 27 7.73 -43.64 -3.85
N ASP C 28 7.67 -44.93 -3.53
CA ASP C 28 6.43 -45.57 -3.14
C ASP C 28 6.11 -45.29 -1.68
N ALA C 29 4.94 -45.75 -1.26
CA ALA C 29 4.47 -45.55 0.10
C ALA C 29 5.08 -46.60 1.02
N GLU C 30 4.50 -46.74 2.21
CA GLU C 30 4.90 -47.79 3.14
C GLU C 30 4.80 -49.16 2.48
N GLY C 31 5.93 -49.87 2.45
CA GLY C 31 5.96 -51.25 1.98
C GLY C 31 5.47 -51.45 0.57
N ALA C 32 5.55 -50.41 -0.27
CA ALA C 32 4.97 -50.44 -1.61
C ALA C 32 3.45 -50.53 -1.56
N LYS C 33 2.84 -49.88 -0.56
CA LYS C 33 1.40 -49.70 -0.61
C LYS C 33 0.99 -48.89 -1.83
N THR C 34 -0.30 -48.95 -2.15
CA THR C 34 -0.83 -48.26 -3.32
C THR C 34 -2.21 -47.70 -3.01
N SER C 35 -2.79 -47.06 -4.03
CA SER C 35 -4.15 -46.54 -4.02
C SER C 35 -4.50 -46.19 -5.45
N GLU C 36 -5.61 -46.73 -5.94
CA GLU C 36 -5.92 -46.67 -7.34
C GLU C 36 -6.55 -45.33 -7.70
N THR C 37 -6.86 -45.18 -8.98
CA THR C 37 -7.63 -44.05 -9.48
C THR C 37 -8.72 -44.56 -10.41
N ILE C 38 -9.82 -43.82 -10.49
CA ILE C 38 -11.01 -44.27 -11.20
C ILE C 38 -11.17 -43.45 -12.47
N ASN C 39 -11.58 -44.11 -13.54
CA ASN C 39 -11.96 -43.44 -14.78
C ASN C 39 -13.42 -43.02 -14.67
N PRO C 40 -13.73 -41.76 -14.33
CA PRO C 40 -15.12 -41.38 -14.07
C PRO C 40 -16.01 -41.43 -15.30
N THR C 41 -15.45 -41.46 -16.50
CA THR C 41 -16.27 -41.51 -17.70
C THR C 41 -16.94 -42.87 -17.85
N ASP C 42 -16.33 -43.91 -17.27
CA ASP C 42 -16.76 -45.28 -17.48
C ASP C 42 -16.82 -46.08 -16.19
N GLY C 43 -16.32 -45.56 -15.08
CA GLY C 43 -16.09 -46.37 -13.90
C GLY C 43 -14.84 -47.21 -13.95
N SER C 44 -14.08 -47.13 -15.04
CA SER C 44 -12.86 -47.92 -15.20
C SER C 44 -11.78 -47.44 -14.24
N VAL C 45 -10.74 -48.24 -14.11
CA VAL C 45 -9.53 -47.84 -13.40
C VAL C 45 -8.46 -47.47 -14.42
N ILE C 46 -7.58 -46.55 -14.04
CA ILE C 46 -6.51 -46.09 -14.93
C ILE C 46 -5.19 -46.79 -14.65
N CYS C 47 -4.71 -46.73 -13.41
CA CYS C 47 -3.37 -47.26 -13.11
C CYS C 47 -3.19 -47.32 -11.60
N GLN C 48 -1.98 -47.68 -11.18
CA GLN C 48 -1.66 -47.88 -9.77
C GLN C 48 -0.88 -46.69 -9.22
N VAL C 49 -1.24 -46.27 -8.01
CA VAL C 49 -0.64 -45.13 -7.33
C VAL C 49 -0.40 -45.52 -5.88
N SER C 50 0.83 -45.41 -5.41
CA SER C 50 1.11 -45.72 -4.02
C SER C 50 0.38 -44.76 -3.09
N LEU C 51 -0.06 -45.26 -1.94
CA LEU C 51 -0.79 -44.45 -0.96
C LEU C 51 0.00 -44.45 0.34
N ALA C 52 0.56 -43.31 0.70
CA ALA C 52 1.43 -43.22 1.85
C ALA C 52 0.67 -43.52 3.15
N GLN C 53 1.41 -43.51 4.25
CA GLN C 53 0.89 -43.85 5.56
C GLN C 53 1.31 -42.77 6.56
N VAL C 54 1.12 -43.08 7.84
CA VAL C 54 1.75 -42.29 8.90
C VAL C 54 3.25 -42.57 8.95
N THR C 55 3.71 -43.58 8.21
CA THR C 55 5.14 -43.74 7.97
C THR C 55 5.71 -42.57 7.19
N ASP C 56 4.88 -41.94 6.34
CA ASP C 56 5.39 -40.92 5.42
C ASP C 56 5.37 -39.53 6.06
N VAL C 57 4.30 -39.19 6.77
CA VAL C 57 4.19 -37.90 7.44
C VAL C 57 5.36 -37.64 8.38
N ASP C 58 6.04 -38.69 8.82
CA ASP C 58 7.34 -38.54 9.45
C ASP C 58 8.42 -38.17 8.44
N LYS C 59 8.20 -38.43 7.15
CA LYS C 59 9.19 -38.21 6.11
C LYS C 59 9.01 -36.90 5.35
N ALA C 60 7.77 -36.56 4.96
CA ALA C 60 7.54 -35.34 4.19
C ALA C 60 7.95 -34.11 5.00
N VAL C 61 7.31 -33.90 6.14
CA VAL C 61 7.58 -32.69 6.92
C VAL C 61 8.96 -32.69 7.56
N ALA C 62 9.74 -33.74 7.35
CA ALA C 62 11.15 -33.73 7.72
C ALA C 62 12.06 -33.66 6.50
N ALA C 63 11.64 -34.20 5.36
CA ALA C 63 12.47 -34.13 4.15
C ALA C 63 12.25 -32.83 3.40
N ALA C 64 11.02 -32.32 3.35
CA ALA C 64 10.75 -31.01 2.76
C ALA C 64 11.20 -29.88 3.68
N LYS C 65 11.64 -30.21 4.90
CA LYS C 65 12.35 -29.22 5.71
C LYS C 65 13.80 -29.09 5.27
N ASP C 66 14.20 -29.82 4.22
CA ASP C 66 15.53 -29.66 3.65
C ASP C 66 15.59 -28.43 2.75
N ALA C 67 14.67 -28.32 1.79
CA ALA C 67 14.63 -27.14 0.93
C ALA C 67 14.53 -25.86 1.75
N PHE C 68 13.62 -25.82 2.73
CA PHE C 68 13.47 -24.67 3.59
C PHE C 68 14.78 -24.27 4.26
N GLU C 69 15.64 -25.23 4.58
CA GLU C 69 16.74 -24.93 5.50
C GLU C 69 18.07 -24.76 4.80
N ASN C 70 18.47 -25.70 3.96
CA ASN C 70 19.88 -25.80 3.58
C ASN C 70 20.18 -25.60 2.11
N GLY C 71 19.39 -26.15 1.20
CA GLY C 71 19.79 -26.18 -0.19
C GLY C 71 19.67 -24.85 -0.90
N ARG C 72 19.25 -24.89 -2.16
CA ARG C 72 19.12 -23.66 -2.93
C ARG C 72 17.95 -22.81 -2.46
N TRP C 73 16.74 -23.38 -2.39
CA TRP C 73 15.54 -22.58 -2.12
C TRP C 73 15.63 -21.86 -0.78
N GLY C 74 16.36 -22.41 0.18
CA GLY C 74 16.39 -21.78 1.48
C GLY C 74 17.01 -20.40 1.47
N LYS C 75 17.92 -20.12 0.55
CA LYS C 75 18.70 -18.90 0.64
C LYS C 75 18.90 -18.12 -0.66
N ILE C 76 18.57 -18.67 -1.84
CA ILE C 76 18.89 -17.99 -3.09
C ILE C 76 18.16 -16.64 -3.15
N SER C 77 18.80 -15.68 -3.82
CA SER C 77 18.30 -14.32 -3.85
C SER C 77 16.94 -14.26 -4.55
N ALA C 78 16.27 -13.12 -4.37
CA ALA C 78 14.87 -13.02 -4.74
C ALA C 78 14.62 -13.28 -6.21
N ARG C 79 15.60 -13.03 -7.08
CA ARG C 79 15.34 -13.10 -8.50
C ARG C 79 15.13 -14.52 -8.99
N ASP C 80 16.13 -15.39 -8.88
CA ASP C 80 16.06 -16.70 -9.50
C ASP C 80 14.95 -17.57 -8.93
N ARG C 81 14.48 -17.29 -7.70
CA ARG C 81 13.37 -18.05 -7.15
C ARG C 81 12.14 -17.94 -8.04
N GLY C 82 11.67 -16.72 -8.28
CA GLY C 82 10.68 -16.53 -9.32
C GLY C 82 11.21 -16.96 -10.68
N ARG C 83 12.46 -16.61 -10.98
CA ARG C 83 13.06 -17.00 -12.25
C ARG C 83 13.11 -18.52 -12.40
N LEU C 84 13.23 -19.25 -11.31
CA LEU C 84 13.07 -20.69 -11.41
C LEU C 84 11.59 -21.06 -11.42
N MET C 85 10.78 -20.41 -10.57
CA MET C 85 9.34 -20.64 -10.62
C MET C 85 8.76 -20.24 -11.97
N TYR C 86 9.31 -19.20 -12.58
CA TYR C 86 8.82 -18.75 -13.87
C TYR C 86 9.14 -19.77 -14.96
N ARG C 87 10.31 -20.39 -14.90
CA ARG C 87 10.68 -21.37 -15.90
C ARG C 87 9.74 -22.58 -15.87
N LEU C 88 9.15 -22.86 -14.71
CA LEU C 88 8.09 -23.85 -14.63
C LEU C 88 7.00 -23.59 -15.65
N ALA C 89 6.51 -22.36 -15.71
CA ALA C 89 5.49 -22.01 -16.68
C ALA C 89 5.97 -22.17 -18.11
N ASP C 90 7.30 -22.15 -18.32
CA ASP C 90 7.85 -22.38 -19.65
C ASP C 90 7.64 -23.82 -20.10
N LEU C 91 7.94 -24.77 -19.22
CA LEU C 91 7.74 -26.17 -19.55
C LEU C 91 6.27 -26.54 -19.55
N MET C 92 5.52 -26.08 -18.56
CA MET C 92 4.22 -26.69 -18.25
C MET C 92 3.19 -26.45 -19.35
N GLU C 93 3.00 -25.20 -19.76
CA GLU C 93 1.99 -24.92 -20.77
C GLU C 93 2.31 -25.60 -22.10
N GLN C 94 3.59 -25.83 -22.38
CA GLN C 94 3.98 -26.61 -23.55
C GLN C 94 3.32 -27.98 -23.54
N HIS C 95 3.15 -28.56 -22.35
CA HIS C 95 2.55 -29.87 -22.19
C HIS C 95 1.12 -29.80 -21.66
N GLN C 96 0.34 -28.82 -22.14
CA GLN C 96 -1.06 -28.74 -21.75
C GLN C 96 -1.82 -30.01 -22.13
N GLU C 97 -1.53 -30.58 -23.30
CA GLU C 97 -2.13 -31.84 -23.69
C GLU C 97 -1.85 -32.94 -22.66
N GLU C 98 -0.73 -32.83 -21.95
CA GLU C 98 -0.55 -33.64 -20.76
C GLU C 98 -1.58 -33.28 -19.70
N LEU C 99 -1.55 -32.04 -19.20
CA LEU C 99 -2.46 -31.69 -18.11
C LEU C 99 -3.89 -31.47 -18.57
N ALA C 100 -4.12 -31.22 -19.86
CA ALA C 100 -5.49 -31.14 -20.37
C ALA C 100 -6.12 -32.52 -20.44
N THR C 101 -5.53 -33.43 -21.22
CA THR C 101 -6.09 -34.76 -21.39
C THR C 101 -6.08 -35.54 -20.07
N ILE C 102 -4.97 -35.46 -19.33
CA ILE C 102 -4.88 -36.11 -18.03
C ILE C 102 -6.05 -35.69 -17.15
N GLU C 103 -6.20 -34.38 -16.94
CA GLU C 103 -7.36 -33.93 -16.18
C GLU C 103 -8.65 -34.14 -16.97
N ALA C 104 -8.54 -34.21 -18.30
CA ALA C 104 -9.65 -34.75 -19.07
C ALA C 104 -9.87 -36.22 -18.75
N LEU C 105 -8.79 -36.92 -18.37
CA LEU C 105 -8.84 -38.35 -18.10
C LEU C 105 -8.97 -38.65 -16.61
N ASP C 106 -8.21 -37.96 -15.78
CA ASP C 106 -8.24 -38.23 -14.34
C ASP C 106 -9.62 -37.93 -13.77
N ALA C 107 -10.04 -36.67 -13.82
CA ALA C 107 -11.31 -36.24 -13.24
C ALA C 107 -12.40 -36.08 -14.30
N GLY C 108 -12.23 -36.70 -15.46
CA GLY C 108 -13.25 -36.70 -16.49
C GLY C 108 -13.65 -35.33 -17.00
N ALA C 109 -12.83 -34.31 -16.76
CA ALA C 109 -13.16 -32.96 -17.18
C ALA C 109 -13.12 -32.85 -18.69
N VAL C 110 -14.09 -32.12 -19.25
CA VAL C 110 -14.20 -32.01 -20.69
C VAL C 110 -12.95 -31.36 -21.26
N TYR C 111 -12.60 -31.75 -22.50
CA TYR C 111 -11.38 -31.27 -23.12
C TYR C 111 -11.48 -29.79 -23.47
N THR C 112 -12.69 -29.31 -23.78
CA THR C 112 -12.88 -27.92 -24.15
C THR C 112 -12.39 -26.97 -23.07
N LEU C 113 -12.68 -27.29 -21.81
CA LEU C 113 -12.09 -26.55 -20.70
C LEU C 113 -10.79 -27.19 -20.22
N ALA C 114 -10.55 -28.45 -20.59
CA ALA C 114 -9.27 -29.08 -20.26
C ALA C 114 -8.11 -28.34 -20.90
N LEU C 115 -8.37 -27.68 -22.03
CA LEU C 115 -7.32 -26.88 -22.66
C LEU C 115 -7.31 -25.46 -22.10
N LYS C 116 -8.48 -24.80 -22.07
CA LYS C 116 -8.53 -23.41 -21.66
C LYS C 116 -8.22 -23.26 -20.17
N THR C 117 -8.91 -24.02 -19.33
CA THR C 117 -8.72 -23.94 -17.88
C THR C 117 -7.69 -24.94 -17.36
N HIS C 118 -7.85 -26.21 -17.67
CA HIS C 118 -7.13 -27.24 -16.93
C HIS C 118 -5.63 -27.24 -17.25
N VAL C 119 -5.20 -26.48 -18.25
CA VAL C 119 -3.82 -26.05 -18.36
C VAL C 119 -3.70 -24.55 -18.51
N GLY C 120 -4.52 -23.96 -19.39
CA GLY C 120 -4.45 -22.52 -19.61
C GLY C 120 -4.66 -21.72 -18.34
N MET C 121 -5.76 -22.00 -17.63
CA MET C 121 -6.05 -21.28 -16.39
C MET C 121 -4.98 -21.51 -15.32
N SER C 122 -4.22 -22.61 -15.44
CA SER C 122 -3.07 -22.78 -14.58
C SER C 122 -1.87 -22.00 -15.09
N ILE C 123 -1.78 -21.78 -16.41
CA ILE C 123 -0.62 -21.06 -16.93
C ILE C 123 -0.59 -19.64 -16.41
N GLN C 124 -1.76 -19.03 -16.25
CA GLN C 124 -1.84 -17.68 -15.69
C GLN C 124 -1.27 -17.63 -14.29
N THR C 125 -1.87 -18.39 -13.36
CA THR C 125 -1.51 -18.25 -11.96
C THR C 125 -0.09 -18.68 -11.67
N PHE C 126 0.57 -19.39 -12.59
CA PHE C 126 2.01 -19.53 -12.48
C PHE C 126 2.70 -18.19 -12.65
N ARG C 127 2.29 -17.40 -13.64
CA ARG C 127 3.03 -16.19 -13.97
C ARG C 127 2.53 -14.95 -13.24
N TYR C 128 1.25 -14.88 -12.90
CA TYR C 128 0.80 -13.76 -12.08
C TYR C 128 1.31 -13.86 -10.66
N PHE C 129 1.29 -15.05 -10.06
CA PHE C 129 1.79 -15.21 -8.70
C PHE C 129 3.25 -15.56 -8.62
N ALA C 130 3.92 -15.84 -9.75
CA ALA C 130 5.37 -15.83 -9.71
C ALA C 130 5.91 -14.40 -9.68
N GLY C 131 5.02 -13.43 -9.85
CA GLY C 131 5.43 -12.04 -9.77
C GLY C 131 6.07 -11.69 -8.45
N TRP C 132 5.31 -11.80 -7.38
CA TRP C 132 5.67 -11.10 -6.15
C TRP C 132 6.87 -11.73 -5.42
N CYS C 133 7.63 -12.64 -6.04
CA CYS C 133 8.84 -13.16 -5.42
C CYS C 133 9.80 -12.03 -5.06
N ASP C 134 10.26 -11.30 -6.08
CA ASP C 134 11.21 -10.21 -5.88
C ASP C 134 10.53 -8.85 -5.85
N LYS C 135 9.36 -8.76 -5.25
CA LYS C 135 8.60 -7.54 -5.34
C LYS C 135 7.90 -7.19 -4.03
N ILE C 136 7.91 -8.10 -3.05
CA ILE C 136 7.15 -7.94 -1.81
C ILE C 136 7.91 -7.05 -0.84
N GLN C 137 7.18 -6.35 0.01
CA GLN C 137 7.69 -5.17 0.69
C GLN C 137 7.55 -5.27 2.20
N GLY C 138 8.38 -4.49 2.89
CA GLY C 138 8.08 -4.10 4.24
C GLY C 138 7.03 -3.02 4.25
N SER C 139 6.69 -2.59 5.44
CA SER C 139 5.93 -1.34 5.59
C SER C 139 6.13 -0.88 7.02
N THR C 140 7.07 0.03 7.24
CA THR C 140 7.70 0.14 8.54
C THR C 140 7.57 1.56 9.07
N ILE C 141 6.95 1.67 10.23
CA ILE C 141 6.12 2.80 10.61
C ILE C 141 6.86 3.80 11.50
N PRO C 142 6.22 4.91 11.90
CA PRO C 142 6.86 5.85 12.80
C PRO C 142 6.74 5.42 14.24
N ILE C 143 7.66 4.58 14.71
CA ILE C 143 7.83 4.31 16.13
C ILE C 143 7.98 5.61 16.90
N ASN C 144 7.64 5.59 18.18
CA ASN C 144 7.93 6.71 19.07
C ASN C 144 9.37 7.17 18.91
N GLN C 145 9.55 8.37 18.35
CA GLN C 145 10.88 8.98 18.29
C GLN C 145 11.16 9.54 19.68
N ALA C 146 11.79 8.73 20.54
CA ALA C 146 11.83 9.01 21.96
C ALA C 146 12.95 10.01 22.25
N ARG C 147 12.54 11.26 22.50
CA ARG C 147 13.46 12.27 22.96
C ARG C 147 13.81 12.01 24.43
N PRO C 148 15.06 12.31 24.85
CA PRO C 148 16.15 12.88 24.06
C PRO C 148 16.96 11.89 23.23
N ASN C 149 16.36 10.79 22.80
CA ASN C 149 17.04 9.84 21.92
C ASN C 149 16.45 9.94 20.52
N ARG C 150 16.88 9.04 19.64
CA ARG C 150 16.33 9.00 18.28
C ARG C 150 16.12 7.55 17.86
N ASN C 151 14.90 7.23 17.45
CA ASN C 151 14.39 5.85 17.31
C ASN C 151 14.18 5.50 15.84
N LEU C 152 13.73 4.26 15.61
CA LEU C 152 13.38 3.81 14.26
C LEU C 152 12.62 2.49 14.35
N THR C 153 12.34 1.91 13.18
CA THR C 153 11.64 0.63 13.06
C THR C 153 11.88 0.10 11.65
N LEU C 154 11.77 -1.21 11.47
CA LEU C 154 11.45 -1.73 10.15
C LEU C 154 10.88 -3.14 10.29
N THR C 155 9.56 -3.25 10.20
CA THR C 155 8.90 -4.55 10.18
C THR C 155 9.23 -5.22 8.85
N ARG C 156 8.66 -6.38 8.59
CA ARG C 156 8.98 -7.06 7.35
C ARG C 156 7.98 -8.19 7.14
N LYS C 157 8.16 -8.93 6.04
CA LYS C 157 7.32 -10.07 5.69
C LYS C 157 8.23 -11.27 5.51
N GLU C 158 8.02 -12.31 6.34
CA GLU C 158 8.93 -13.43 6.42
C GLU C 158 8.19 -14.74 6.19
N PRO C 159 8.83 -15.73 5.59
CA PRO C 159 8.19 -17.04 5.44
C PRO C 159 7.84 -17.61 6.80
N VAL C 160 6.94 -18.59 6.81
CA VAL C 160 6.46 -19.18 8.06
C VAL C 160 7.18 -20.48 8.41
N GLY C 161 7.01 -21.51 7.59
CA GLY C 161 7.52 -22.83 7.95
C GLY C 161 7.22 -23.84 6.84
N VAL C 162 6.68 -24.99 7.26
CA VAL C 162 6.16 -25.95 6.28
C VAL C 162 4.64 -25.95 6.36
N CYS C 163 4.01 -26.27 5.24
CA CYS C 163 2.59 -26.03 5.03
C CYS C 163 1.85 -27.33 4.72
N GLY C 164 0.53 -27.26 4.88
CA GLY C 164 -0.32 -28.38 4.56
C GLY C 164 -1.09 -28.15 3.28
N ILE C 165 -1.19 -29.17 2.44
CA ILE C 165 -1.77 -29.04 1.12
C ILE C 165 -2.85 -30.09 0.94
N ILE C 166 -4.10 -29.69 1.10
CA ILE C 166 -5.23 -30.55 0.83
C ILE C 166 -5.96 -29.92 -0.35
N ILE C 167 -5.61 -30.36 -1.55
CA ILE C 167 -6.36 -29.97 -2.73
C ILE C 167 -7.72 -30.63 -2.60
N PRO C 168 -8.79 -29.99 -3.00
CA PRO C 168 -10.09 -30.66 -2.97
C PRO C 168 -10.18 -31.76 -4.01
N TRP C 169 -11.35 -32.38 -4.14
CA TRP C 169 -11.57 -33.43 -5.12
C TRP C 169 -12.01 -32.92 -6.48
N ASN C 170 -12.69 -31.77 -6.53
CA ASN C 170 -13.42 -31.40 -7.74
C ASN C 170 -12.49 -30.83 -8.82
N TYR C 171 -11.71 -29.80 -8.49
CA TYR C 171 -10.84 -29.17 -9.47
C TYR C 171 -9.41 -29.59 -9.18
N PRO C 172 -8.99 -30.75 -9.64
CA PRO C 172 -7.77 -31.38 -9.11
C PRO C 172 -6.47 -30.67 -9.47
N LEU C 173 -6.24 -30.40 -10.75
CA LEU C 173 -4.94 -29.88 -11.15
C LEU C 173 -4.84 -28.37 -11.04
N MET C 174 -5.77 -27.64 -11.66
CA MET C 174 -5.70 -26.19 -11.67
C MET C 174 -5.72 -25.62 -10.25
N MET C 175 -6.45 -26.27 -9.33
CA MET C 175 -6.46 -25.82 -7.94
C MET C 175 -5.23 -26.29 -7.19
N LEU C 176 -4.39 -27.11 -7.82
CA LEU C 176 -3.04 -27.29 -7.32
C LEU C 176 -2.21 -26.03 -7.49
N SER C 177 -2.21 -25.46 -8.70
CA SER C 177 -1.38 -24.29 -8.96
C SER C 177 -1.88 -23.09 -8.17
N TRP C 178 -3.19 -22.94 -8.04
CA TRP C 178 -3.75 -21.87 -7.22
C TRP C 178 -3.30 -21.94 -5.77
N LYS C 179 -2.86 -23.12 -5.33
CA LYS C 179 -2.17 -23.29 -4.05
C LYS C 179 -0.74 -23.78 -4.22
N THR C 180 -0.18 -23.73 -5.43
CA THR C 180 1.25 -23.91 -5.60
C THR C 180 1.97 -22.59 -5.83
N ALA C 181 1.25 -21.47 -5.88
CA ALA C 181 1.85 -20.16 -6.07
C ALA C 181 1.95 -19.37 -4.76
N ALA C 182 0.83 -19.17 -4.08
CA ALA C 182 0.84 -18.37 -2.86
C ALA C 182 1.57 -19.05 -1.72
N CYS C 183 1.89 -20.33 -1.86
CA CYS C 183 2.57 -21.04 -0.79
C CYS C 183 4.08 -20.98 -0.96
N LEU C 184 4.56 -21.42 -2.13
CA LEU C 184 5.99 -21.45 -2.40
C LEU C 184 6.62 -20.06 -2.34
N ALA C 185 5.89 -19.04 -2.79
CA ALA C 185 6.50 -17.72 -3.00
C ALA C 185 6.95 -17.08 -1.70
N ALA C 186 6.25 -17.35 -0.60
CA ALA C 186 6.47 -16.64 0.66
C ALA C 186 7.78 -17.01 1.35
N GLY C 187 8.60 -17.86 0.75
CA GLY C 187 9.88 -18.26 1.31
C GLY C 187 9.95 -19.71 1.71
N ASN C 188 8.79 -20.35 1.90
CA ASN C 188 8.70 -21.70 2.43
C ASN C 188 8.77 -22.73 1.30
N THR C 189 8.51 -23.99 1.64
CA THR C 189 8.35 -25.10 0.70
C THR C 189 7.03 -25.80 1.00
N VAL C 190 6.66 -26.77 0.17
CA VAL C 190 5.30 -27.29 0.17
C VAL C 190 5.31 -28.81 0.25
N VAL C 191 4.20 -29.37 0.72
CA VAL C 191 4.01 -30.82 0.79
C VAL C 191 2.53 -31.11 0.60
N ILE C 192 2.19 -31.83 -0.45
CA ILE C 192 0.84 -31.84 -1.02
C ILE C 192 0.11 -33.13 -0.69
N LYS C 193 -1.08 -33.00 -0.11
CA LYS C 193 -2.01 -34.10 0.12
C LYS C 193 -3.11 -33.96 -0.92
N PRO C 194 -2.92 -34.50 -2.12
CA PRO C 194 -3.90 -34.31 -3.18
C PRO C 194 -5.12 -35.20 -2.99
N ALA C 195 -6.09 -35.01 -3.89
CA ALA C 195 -7.24 -35.90 -3.97
C ALA C 195 -6.81 -37.23 -4.57
N GLN C 196 -7.04 -38.33 -3.86
CA GLN C 196 -6.56 -39.63 -4.32
C GLN C 196 -7.50 -40.25 -5.35
N VAL C 197 -8.73 -39.77 -5.46
CA VAL C 197 -9.60 -40.22 -6.53
C VAL C 197 -9.06 -39.77 -7.89
N THR C 198 -8.67 -38.50 -7.99
CA THR C 198 -8.02 -37.93 -9.18
C THR C 198 -6.67 -37.34 -8.78
N PRO C 199 -5.75 -38.15 -8.31
CA PRO C 199 -4.42 -37.64 -7.94
C PRO C 199 -3.42 -37.63 -9.08
N LEU C 200 -3.86 -37.98 -10.29
CA LEU C 200 -2.93 -38.25 -11.37
C LEU C 200 -2.66 -37.00 -12.19
N THR C 201 -3.57 -36.02 -12.13
CA THR C 201 -3.20 -34.67 -12.56
C THR C 201 -2.26 -34.02 -11.56
N ALA C 202 -2.57 -34.15 -10.27
CA ALA C 202 -1.75 -33.55 -9.23
C ALA C 202 -0.32 -34.09 -9.29
N LEU C 203 -0.17 -35.42 -9.18
CA LEU C 203 1.17 -36.00 -9.19
C LEU C 203 1.89 -35.77 -10.51
N LYS C 204 1.15 -35.46 -11.58
CA LYS C 204 1.80 -35.23 -12.88
C LYS C 204 2.57 -33.92 -12.88
N PHE C 205 2.15 -32.95 -12.05
CA PHE C 205 2.78 -31.64 -12.08
C PHE C 205 4.23 -31.69 -11.64
N ALA C 206 4.51 -32.37 -10.53
CA ALA C 206 5.83 -32.29 -9.92
C ALA C 206 6.92 -32.88 -10.79
N GLU C 207 6.56 -33.76 -11.72
CA GLU C 207 7.57 -34.32 -12.61
C GLU C 207 8.20 -33.24 -13.48
N LEU C 208 7.42 -32.24 -13.87
CA LEU C 208 7.96 -31.15 -14.66
C LEU C 208 8.96 -30.31 -13.86
N THR C 209 8.71 -30.15 -12.56
CA THR C 209 9.68 -29.47 -11.71
C THR C 209 10.98 -30.26 -11.63
N LEU C 210 10.90 -31.58 -11.84
CA LEU C 210 12.11 -32.40 -11.89
C LEU C 210 13.04 -31.94 -13.00
N LYS C 211 12.55 -31.92 -14.24
CA LYS C 211 13.29 -31.23 -15.29
C LYS C 211 13.50 -29.77 -14.93
N ALA C 212 12.45 -29.12 -14.41
CA ALA C 212 12.52 -27.71 -14.05
C ALA C 212 13.46 -27.45 -12.88
N GLY C 213 13.98 -28.49 -12.22
CA GLY C 213 15.09 -28.33 -11.30
C GLY C 213 14.86 -27.37 -10.15
N ILE C 214 13.63 -27.23 -9.67
CA ILE C 214 13.42 -26.45 -8.45
C ILE C 214 14.27 -27.06 -7.34
N PRO C 215 14.69 -26.28 -6.33
CA PRO C 215 15.48 -26.87 -5.23
C PRO C 215 14.81 -28.10 -4.64
N LYS C 216 15.64 -29.07 -4.26
CA LYS C 216 15.12 -30.36 -3.81
C LYS C 216 14.28 -30.19 -2.56
N GLY C 217 13.27 -31.04 -2.44
CA GLY C 217 12.40 -31.00 -1.29
C GLY C 217 11.60 -29.73 -1.13
N VAL C 218 11.45 -28.94 -2.19
CA VAL C 218 10.59 -27.76 -2.12
C VAL C 218 9.14 -28.12 -2.33
N VAL C 219 8.87 -29.12 -3.17
CA VAL C 219 7.52 -29.55 -3.51
C VAL C 219 7.45 -31.07 -3.37
N ASN C 220 6.50 -31.55 -2.58
CA ASN C 220 6.32 -32.99 -2.42
C ASN C 220 4.84 -33.29 -2.24
N VAL C 221 4.30 -34.14 -3.11
CA VAL C 221 2.88 -34.45 -3.13
C VAL C 221 2.70 -35.79 -2.42
N LEU C 222 1.48 -36.04 -1.93
CA LEU C 222 1.25 -37.20 -1.07
C LEU C 222 -0.20 -37.65 -1.14
N PRO C 223 -0.51 -38.60 -2.03
CA PRO C 223 -1.79 -39.31 -1.93
C PRO C 223 -1.88 -40.10 -0.63
N GLY C 224 -3.10 -40.39 -0.22
CA GLY C 224 -3.29 -41.13 1.02
C GLY C 224 -4.77 -41.29 1.33
N SER C 225 -5.01 -41.92 2.47
CA SER C 225 -6.37 -42.14 2.93
C SER C 225 -7.05 -40.81 3.25
N GLY C 226 -8.34 -40.89 3.55
CA GLY C 226 -9.14 -39.70 3.80
C GLY C 226 -8.70 -38.88 4.98
N SER C 227 -8.85 -39.42 6.19
CA SER C 227 -8.54 -38.67 7.40
C SER C 227 -7.38 -39.26 8.20
N LEU C 228 -6.52 -40.08 7.59
CA LEU C 228 -5.26 -40.43 8.23
C LEU C 228 -4.12 -39.54 7.74
N VAL C 229 -3.84 -39.59 6.44
CA VAL C 229 -2.82 -38.75 5.87
C VAL C 229 -3.15 -37.29 6.11
N GLY C 230 -4.41 -36.92 5.94
CA GLY C 230 -4.83 -35.57 6.29
C GLY C 230 -4.67 -35.29 7.77
N GLN C 231 -5.14 -36.20 8.63
CA GLN C 231 -4.98 -35.99 10.06
C GLN C 231 -3.52 -36.06 10.46
N ARG C 232 -2.78 -37.03 9.90
CA ARG C 232 -1.37 -37.17 10.25
C ARG C 232 -0.57 -35.94 9.86
N LEU C 233 -0.97 -35.27 8.79
CA LEU C 233 -0.48 -33.92 8.54
C LEU C 233 -1.23 -32.89 9.38
N SER C 234 -2.38 -33.25 9.94
CA SER C 234 -3.20 -32.35 10.73
C SER C 234 -2.77 -32.26 12.18
N ASP C 235 -1.77 -33.02 12.59
CA ASP C 235 -1.37 -33.06 13.98
C ASP C 235 0.12 -33.03 14.19
N HIS C 236 0.91 -33.24 13.15
CA HIS C 236 2.36 -33.31 13.28
C HIS C 236 2.87 -32.03 13.93
N PRO C 237 3.97 -32.06 14.67
CA PRO C 237 4.43 -30.80 15.27
C PRO C 237 5.16 -29.92 14.29
N ASP C 238 5.92 -30.54 13.37
CA ASP C 238 6.76 -29.81 12.42
C ASP C 238 5.95 -28.88 11.54
N VAL C 239 4.77 -29.30 11.09
CA VAL C 239 4.02 -28.54 10.11
C VAL C 239 3.60 -27.20 10.70
N ARG C 240 3.64 -26.15 9.87
CA ARG C 240 3.37 -24.78 10.27
C ARG C 240 2.12 -24.19 9.65
N LYS C 241 1.74 -24.67 8.46
CA LYS C 241 0.57 -24.14 7.79
C LYS C 241 -0.16 -25.29 7.13
N ILE C 242 -1.38 -25.02 6.69
CA ILE C 242 -2.30 -26.09 6.31
C ILE C 242 -3.30 -25.57 5.28
N GLY C 243 -3.38 -26.26 4.14
CA GLY C 243 -4.28 -25.90 3.06
C GLY C 243 -5.21 -27.04 2.73
N PHE C 244 -6.50 -26.70 2.63
CA PHE C 244 -7.54 -27.68 2.33
C PHE C 244 -8.76 -26.98 1.76
N THR C 245 -9.43 -27.64 0.83
CA THR C 245 -10.79 -27.27 0.43
C THR C 245 -11.61 -28.54 0.27
N GLY C 246 -12.82 -28.54 0.82
CA GLY C 246 -13.68 -29.70 0.73
C GLY C 246 -14.98 -29.50 1.48
N SER C 247 -15.46 -30.58 2.10
CA SER C 247 -16.71 -30.56 2.84
C SER C 247 -16.66 -29.55 3.98
N THR C 248 -17.84 -29.16 4.46
CA THR C 248 -17.96 -28.45 5.73
C THR C 248 -17.63 -29.35 6.92
N GLU C 249 -17.59 -30.65 6.70
CA GLU C 249 -17.46 -31.60 7.79
C GLU C 249 -16.06 -31.56 8.38
N VAL C 250 -15.06 -31.87 7.54
CA VAL C 250 -13.72 -32.26 8.00
C VAL C 250 -13.12 -31.20 8.92
N GLY C 251 -13.44 -29.93 8.70
CA GLY C 251 -12.84 -28.85 9.45
C GLY C 251 -13.18 -28.82 10.92
N LYS C 252 -14.48 -28.77 11.23
CA LYS C 252 -14.91 -28.70 12.63
C LYS C 252 -14.39 -29.86 13.46
N HIS C 253 -14.01 -30.96 12.81
CA HIS C 253 -13.23 -32.02 13.44
C HIS C 253 -11.73 -31.82 13.23
N ILE C 254 -11.30 -31.34 12.06
CA ILE C 254 -9.88 -31.09 11.86
C ILE C 254 -9.43 -29.86 12.62
N MET C 255 -10.32 -28.88 12.77
CA MET C 255 -9.98 -27.67 13.51
C MET C 255 -9.88 -27.92 15.01
N LYS C 256 -10.04 -29.16 15.46
CA LYS C 256 -9.76 -29.44 16.86
C LYS C 256 -8.32 -29.88 17.08
N SER C 257 -7.62 -30.28 16.00
CA SER C 257 -6.17 -30.43 16.09
C SER C 257 -5.49 -29.09 16.33
N CYS C 258 -5.95 -28.05 15.64
CA CYS C 258 -5.34 -26.74 15.72
C CYS C 258 -5.57 -26.08 17.07
N ALA C 259 -6.60 -26.50 17.80
CA ALA C 259 -6.70 -26.05 19.18
C ALA C 259 -5.73 -26.79 20.07
N ILE C 260 -5.08 -27.84 19.57
CA ILE C 260 -4.24 -28.67 20.43
C ILE C 260 -2.82 -28.83 19.91
N SER C 261 -2.66 -29.45 18.73
CA SER C 261 -1.38 -30.05 18.36
C SER C 261 -0.23 -29.04 18.31
N ASN C 262 -0.30 -28.11 17.36
CA ASN C 262 0.60 -26.97 17.29
C ASN C 262 -0.22 -25.82 16.72
N VAL C 263 -0.30 -24.70 17.43
CA VAL C 263 -1.39 -23.72 17.26
C VAL C 263 -1.43 -23.08 15.87
N LYS C 264 -0.54 -23.52 14.99
CA LYS C 264 -0.31 -23.00 13.64
C LYS C 264 -1.59 -22.63 12.91
N LYS C 265 -1.51 -21.56 12.11
CA LYS C 265 -2.64 -21.05 11.34
C LYS C 265 -3.29 -22.13 10.47
N VAL C 266 -4.51 -21.85 10.02
CA VAL C 266 -5.36 -22.79 9.33
C VAL C 266 -5.95 -22.15 8.08
N SER C 267 -6.21 -22.96 7.05
CA SER C 267 -6.72 -22.48 5.77
C SER C 267 -7.67 -23.53 5.19
N LEU C 268 -8.97 -23.34 5.38
CA LEU C 268 -9.96 -24.30 4.93
C LEU C 268 -11.10 -23.60 4.21
N GLU C 269 -11.64 -24.28 3.18
CA GLU C 269 -12.70 -23.78 2.33
C GLU C 269 -13.82 -24.81 2.27
N LEU C 270 -15.05 -24.35 2.26
CA LEU C 270 -16.21 -25.23 2.18
C LEU C 270 -17.10 -24.84 1.00
N GLY C 271 -17.77 -25.84 0.41
CA GLY C 271 -18.71 -25.58 -0.66
C GLY C 271 -19.83 -24.65 -0.22
N GLY C 272 -20.63 -24.15 -1.17
CA GLY C 272 -21.51 -23.05 -0.87
C GLY C 272 -22.88 -23.16 -1.52
N LYS C 273 -23.70 -22.15 -1.23
CA LYS C 273 -25.09 -22.04 -1.64
C LYS C 273 -25.36 -20.65 -2.21
N SER C 274 -24.54 -20.25 -3.16
CA SER C 274 -24.66 -19.00 -3.91
C SER C 274 -26.04 -18.77 -4.51
N PRO C 275 -26.80 -17.80 -4.01
CA PRO C 275 -28.10 -17.45 -4.64
C PRO C 275 -27.93 -16.44 -5.76
N LEU C 276 -28.23 -16.87 -6.99
CA LEU C 276 -27.93 -16.12 -8.23
C LEU C 276 -29.14 -15.30 -8.68
N ILE C 277 -29.35 -14.16 -8.04
CA ILE C 277 -30.65 -13.51 -8.06
C ILE C 277 -30.91 -12.81 -9.38
N ILE C 278 -31.42 -13.54 -10.37
CA ILE C 278 -31.67 -12.99 -11.69
C ILE C 278 -32.99 -12.23 -11.67
N PHE C 279 -32.92 -10.91 -11.85
CA PHE C 279 -34.13 -10.20 -12.20
C PHE C 279 -34.48 -10.53 -13.65
N ALA C 280 -35.59 -9.99 -14.14
CA ALA C 280 -35.94 -10.13 -15.54
C ALA C 280 -35.45 -8.97 -16.39
N ASP C 281 -35.17 -7.82 -15.77
CA ASP C 281 -34.80 -6.63 -16.50
C ASP C 281 -33.55 -6.81 -17.32
N CYS C 282 -32.64 -7.69 -16.90
CA CYS C 282 -31.48 -8.01 -17.71
C CYS C 282 -31.94 -8.63 -19.02
N ASP C 283 -31.04 -8.66 -20.00
CA ASP C 283 -31.35 -9.21 -21.30
C ASP C 283 -31.74 -10.68 -21.14
N LEU C 284 -33.00 -10.98 -21.46
CA LEU C 284 -33.50 -12.32 -21.20
C LEU C 284 -32.76 -13.37 -22.02
N ASN C 285 -32.27 -13.01 -23.20
CA ASN C 285 -31.46 -13.93 -23.99
C ASN C 285 -30.21 -14.34 -23.23
N LYS C 286 -29.57 -13.41 -22.53
CA LYS C 286 -28.41 -13.74 -21.72
C LYS C 286 -28.78 -14.03 -20.28
N ALA C 287 -29.99 -13.68 -19.85
CA ALA C 287 -30.47 -14.06 -18.54
C ALA C 287 -30.59 -15.56 -18.42
N VAL C 288 -30.78 -16.24 -19.54
CA VAL C 288 -30.87 -17.70 -19.53
C VAL C 288 -29.52 -18.33 -19.83
N GLN C 289 -28.84 -17.85 -20.87
CA GLN C 289 -27.62 -18.52 -21.35
C GLN C 289 -26.52 -18.48 -20.31
N MET C 290 -26.04 -17.29 -19.96
CA MET C 290 -25.08 -17.21 -18.88
C MET C 290 -25.69 -17.62 -17.55
N GLY C 291 -26.99 -17.42 -17.37
CA GLY C 291 -27.67 -18.10 -16.27
C GLY C 291 -27.52 -19.60 -16.38
N MET C 292 -27.73 -20.15 -17.59
CA MET C 292 -27.51 -21.58 -17.81
C MET C 292 -26.04 -21.93 -17.72
N SER C 293 -25.15 -21.02 -18.08
CA SER C 293 -23.74 -21.24 -17.82
C SER C 293 -23.39 -20.99 -16.37
N SER C 294 -24.29 -20.38 -15.61
CA SER C 294 -24.01 -20.08 -14.22
C SER C 294 -23.99 -21.32 -13.35
N VAL C 295 -24.63 -22.41 -13.76
CA VAL C 295 -24.78 -23.60 -12.93
C VAL C 295 -24.17 -24.82 -13.60
N PHE C 296 -24.45 -25.03 -14.88
CA PHE C 296 -24.09 -26.26 -15.56
C PHE C 296 -22.66 -26.27 -16.04
N PHE C 297 -21.79 -25.43 -15.49
CA PHE C 297 -20.44 -25.30 -16.01
C PHE C 297 -19.57 -26.47 -15.57
N ASN C 298 -18.75 -26.96 -16.49
CA ASN C 298 -17.88 -28.11 -16.30
C ASN C 298 -18.64 -29.27 -15.66
N LYS C 299 -19.77 -29.61 -16.27
CA LYS C 299 -20.69 -30.64 -15.79
C LYS C 299 -20.97 -30.52 -14.30
N GLY C 300 -21.36 -29.31 -13.87
CA GLY C 300 -21.91 -29.09 -12.56
C GLY C 300 -20.93 -29.14 -11.41
N GLU C 301 -19.71 -29.64 -11.62
CA GLU C 301 -18.71 -29.77 -10.55
C GLU C 301 -18.03 -28.42 -10.30
N ASN C 302 -18.86 -27.43 -9.98
CA ASN C 302 -18.39 -26.06 -9.82
C ASN C 302 -18.35 -25.73 -8.35
N CYS C 303 -17.25 -25.12 -7.92
CA CYS C 303 -17.02 -24.90 -6.50
C CYS C 303 -18.04 -23.93 -5.90
N ILE C 304 -18.26 -22.78 -6.54
CA ILE C 304 -19.12 -21.78 -5.93
C ILE C 304 -20.49 -21.72 -6.60
N ALA C 305 -20.74 -22.55 -7.62
CA ALA C 305 -21.84 -22.35 -8.56
C ALA C 305 -23.17 -22.17 -7.84
N ALA C 306 -23.98 -21.26 -8.38
CA ALA C 306 -25.22 -20.85 -7.73
C ALA C 306 -26.30 -21.89 -8.01
N GLY C 307 -26.66 -22.65 -6.99
CA GLY C 307 -27.68 -23.65 -7.13
C GLY C 307 -29.00 -23.18 -6.56
N ARG C 308 -29.26 -21.88 -6.60
CA ARG C 308 -30.58 -21.37 -6.25
C ARG C 308 -30.88 -20.17 -7.14
N LEU C 309 -31.44 -20.46 -8.31
CA LEU C 309 -31.45 -19.52 -9.44
C LEU C 309 -32.76 -18.74 -9.45
N PHE C 310 -32.81 -17.72 -8.62
CA PHE C 310 -34.04 -16.96 -8.46
C PHE C 310 -34.39 -16.33 -9.80
N VAL C 311 -35.69 -16.08 -10.03
CA VAL C 311 -36.16 -15.44 -11.25
C VAL C 311 -37.43 -14.69 -10.93
N GLU C 312 -37.63 -13.55 -11.60
CA GLU C 312 -38.90 -12.87 -11.48
C GLU C 312 -39.97 -13.66 -12.20
N ASP C 313 -41.23 -13.41 -11.83
CA ASP C 313 -42.36 -14.14 -12.38
C ASP C 313 -42.44 -13.96 -13.88
N SER C 314 -42.14 -12.76 -14.35
CA SER C 314 -42.46 -12.36 -15.72
C SER C 314 -41.75 -13.23 -16.75
N ILE C 315 -40.67 -13.89 -16.36
CA ILE C 315 -39.83 -14.62 -17.29
C ILE C 315 -39.62 -16.06 -16.86
N HIS C 316 -40.29 -16.48 -15.78
CA HIS C 316 -39.91 -17.72 -15.13
C HIS C 316 -40.08 -18.91 -16.06
N ASP C 317 -41.33 -19.21 -16.44
CA ASP C 317 -41.55 -20.22 -17.45
C ASP C 317 -40.82 -19.86 -18.73
N GLU C 318 -40.77 -18.57 -19.06
CA GLU C 318 -39.99 -18.12 -20.19
C GLU C 318 -38.55 -18.54 -20.03
N PHE C 319 -37.88 -18.00 -19.01
CA PHE C 319 -36.56 -18.47 -18.64
C PHE C 319 -36.55 -19.97 -18.47
N VAL C 320 -37.60 -20.54 -17.88
CA VAL C 320 -37.66 -21.98 -17.74
C VAL C 320 -37.74 -22.64 -19.10
N ARG C 321 -38.83 -22.38 -19.83
CA ARG C 321 -39.11 -23.10 -21.08
C ARG C 321 -38.01 -22.89 -22.10
N ARG C 322 -37.44 -21.68 -22.15
CA ARG C 322 -36.25 -21.50 -22.95
C ARG C 322 -35.09 -22.30 -22.40
N VAL C 323 -34.78 -22.13 -21.11
CA VAL C 323 -33.73 -22.92 -20.49
C VAL C 323 -34.05 -24.40 -20.56
N VAL C 324 -35.33 -24.75 -20.40
CA VAL C 324 -35.78 -26.12 -20.63
C VAL C 324 -35.31 -26.62 -21.98
N GLU C 325 -35.43 -25.79 -23.01
CA GLU C 325 -34.79 -26.10 -24.27
C GLU C 325 -33.28 -26.19 -24.11
N GLU C 326 -32.69 -25.29 -23.32
CA GLU C 326 -31.25 -25.28 -23.17
C GLU C 326 -30.76 -26.49 -22.38
N VAL C 327 -31.59 -26.99 -21.46
CA VAL C 327 -31.23 -28.22 -20.75
C VAL C 327 -31.09 -29.37 -21.74
N ARG C 328 -31.80 -29.30 -22.86
CA ARG C 328 -31.70 -30.34 -23.89
C ARG C 328 -30.49 -30.13 -24.79
N LYS C 329 -30.05 -28.88 -24.95
CA LYS C 329 -29.01 -28.57 -25.94
C LYS C 329 -27.69 -29.25 -25.66
N MET C 330 -27.42 -29.63 -24.42
CA MET C 330 -26.09 -30.05 -24.03
C MET C 330 -25.69 -31.38 -24.66
N LYS C 331 -24.39 -31.60 -24.75
CA LYS C 331 -23.79 -32.85 -25.19
C LYS C 331 -23.31 -33.68 -24.02
N VAL C 332 -23.58 -34.98 -24.05
CA VAL C 332 -23.02 -35.94 -23.11
C VAL C 332 -22.08 -36.86 -23.87
N GLY C 333 -20.79 -36.74 -23.60
CA GLY C 333 -19.82 -37.54 -24.34
C GLY C 333 -18.48 -37.59 -23.65
N ASN C 334 -17.49 -38.12 -24.36
CA ASN C 334 -16.14 -38.20 -23.82
C ASN C 334 -15.62 -36.79 -23.56
N PRO C 335 -15.16 -36.49 -22.36
CA PRO C 335 -14.68 -35.13 -22.06
C PRO C 335 -13.56 -34.70 -22.97
N LEU C 336 -12.68 -35.62 -23.36
CA LEU C 336 -11.69 -35.32 -24.38
C LEU C 336 -12.30 -35.19 -25.77
N ASP C 337 -13.54 -35.62 -25.94
CA ASP C 337 -14.23 -35.42 -27.21
C ASP C 337 -14.70 -33.98 -27.30
N ARG C 338 -14.28 -33.32 -28.38
CA ARG C 338 -14.47 -31.87 -28.51
C ARG C 338 -15.94 -31.48 -28.38
N ASP C 339 -16.82 -32.28 -28.96
CA ASP C 339 -18.24 -31.97 -28.93
C ASP C 339 -18.86 -32.18 -27.56
N THR C 340 -18.16 -32.83 -26.64
CA THR C 340 -18.72 -33.14 -25.34
C THR C 340 -19.04 -31.87 -24.56
N ASP C 341 -20.30 -31.74 -24.16
CA ASP C 341 -20.73 -30.60 -23.37
C ASP C 341 -21.12 -30.99 -21.96
N HIS C 342 -21.21 -32.29 -21.66
CA HIS C 342 -21.56 -32.80 -20.34
C HIS C 342 -20.87 -34.14 -20.16
N GLY C 343 -20.12 -34.28 -19.08
CA GLY C 343 -19.49 -35.54 -18.75
C GLY C 343 -20.05 -36.15 -17.49
N PRO C 344 -19.44 -37.24 -17.02
CA PRO C 344 -19.89 -37.86 -15.78
C PRO C 344 -19.44 -37.05 -14.58
N GLN C 345 -20.04 -37.36 -13.43
CA GLN C 345 -19.57 -36.80 -12.19
C GLN C 345 -18.17 -37.35 -11.88
N ASN C 346 -17.61 -36.87 -10.78
CA ASN C 346 -16.30 -37.38 -10.36
C ASN C 346 -16.35 -38.88 -10.09
N HIS C 347 -17.30 -39.33 -9.29
CA HIS C 347 -17.16 -40.63 -8.68
C HIS C 347 -18.50 -41.35 -8.70
N HIS C 348 -18.44 -42.63 -8.35
CA HIS C 348 -19.57 -43.53 -8.54
C HIS C 348 -20.70 -43.22 -7.58
N ALA C 349 -20.44 -43.29 -6.28
CA ALA C 349 -21.48 -43.07 -5.30
C ALA C 349 -22.00 -41.63 -5.33
N HIS C 350 -21.18 -40.68 -5.79
CA HIS C 350 -21.63 -39.29 -5.77
C HIS C 350 -22.82 -39.07 -6.70
N LEU C 351 -22.83 -39.73 -7.85
CA LEU C 351 -23.99 -39.64 -8.73
C LEU C 351 -25.23 -40.14 -8.01
N VAL C 352 -25.08 -41.17 -7.19
CA VAL C 352 -26.09 -41.48 -6.19
C VAL C 352 -26.32 -40.27 -5.29
N LYS C 353 -25.25 -39.78 -4.66
CA LYS C 353 -25.29 -38.65 -3.74
C LYS C 353 -26.03 -37.44 -4.30
N LEU C 354 -26.02 -37.25 -5.62
CA LEU C 354 -26.81 -36.21 -6.25
C LEU C 354 -28.24 -36.65 -6.53
N MET C 355 -28.42 -37.91 -6.95
CA MET C 355 -29.73 -38.35 -7.40
C MET C 355 -30.76 -38.33 -6.28
N GLU C 356 -30.39 -38.78 -5.08
CA GLU C 356 -31.34 -38.74 -3.97
C GLU C 356 -31.72 -37.32 -3.62
N TYR C 357 -30.75 -36.40 -3.67
CA TYR C 357 -31.05 -34.97 -3.60
C TYR C 357 -32.21 -34.64 -4.53
N CYS C 358 -32.09 -35.01 -5.81
CA CYS C 358 -33.24 -34.97 -6.71
C CYS C 358 -34.42 -35.72 -6.12
N GLN C 359 -34.18 -36.95 -5.67
CA GLN C 359 -35.24 -37.77 -5.10
C GLN C 359 -35.79 -37.13 -3.82
N HIS C 360 -34.92 -36.50 -3.03
CA HIS C 360 -35.39 -35.82 -1.82
C HIS C 360 -36.43 -34.78 -2.17
N GLY C 361 -36.04 -33.79 -2.99
CA GLY C 361 -36.94 -32.69 -3.28
C GLY C 361 -38.20 -33.13 -4.00
N VAL C 362 -38.06 -34.06 -4.93
CA VAL C 362 -39.22 -34.53 -5.69
C VAL C 362 -40.25 -35.14 -4.76
N LYS C 363 -39.82 -35.90 -3.75
CA LYS C 363 -40.75 -36.38 -2.74
C LYS C 363 -41.37 -35.23 -1.96
N GLU C 364 -40.66 -34.13 -1.78
CA GLU C 364 -41.20 -33.01 -1.02
C GLU C 364 -42.40 -32.39 -1.73
N GLY C 365 -42.50 -32.57 -3.04
CA GLY C 365 -43.48 -31.88 -3.85
C GLY C 365 -42.81 -31.05 -4.92
N ALA C 366 -41.63 -31.46 -5.37
CA ALA C 366 -40.84 -30.65 -6.28
C ALA C 366 -41.17 -30.95 -7.74
N THR C 367 -41.32 -29.89 -8.53
CA THR C 367 -41.60 -29.99 -9.96
C THR C 367 -40.35 -30.46 -10.67
N LEU C 368 -40.22 -31.78 -10.82
CA LEU C 368 -39.07 -32.34 -11.52
C LEU C 368 -39.23 -32.09 -13.02
N VAL C 369 -38.87 -30.87 -13.43
CA VAL C 369 -39.15 -30.42 -14.79
C VAL C 369 -38.30 -31.13 -15.83
N CYS C 370 -37.37 -32.00 -15.42
CA CYS C 370 -36.73 -32.91 -16.35
C CYS C 370 -35.81 -33.86 -15.59
N GLY C 371 -35.61 -35.04 -16.16
CA GLY C 371 -34.56 -35.96 -15.73
C GLY C 371 -34.58 -36.27 -14.25
N GLY C 372 -33.44 -36.11 -13.61
CA GLY C 372 -33.29 -36.36 -12.19
C GLY C 372 -32.61 -37.66 -11.85
N ASN C 373 -32.33 -38.53 -12.83
CA ASN C 373 -31.71 -39.81 -12.58
C ASN C 373 -30.54 -40.01 -13.51
N GLN C 374 -29.87 -41.16 -13.35
CA GLN C 374 -28.62 -41.39 -14.06
C GLN C 374 -28.82 -41.47 -15.57
N VAL C 375 -27.91 -40.84 -16.30
CA VAL C 375 -27.86 -41.09 -17.75
C VAL C 375 -27.57 -42.55 -17.99
N PRO C 376 -28.35 -43.23 -18.79
CA PRO C 376 -28.20 -44.69 -18.94
C PRO C 376 -26.99 -45.11 -19.77
N ARG C 377 -25.81 -44.91 -19.21
CA ARG C 377 -24.57 -45.31 -19.86
C ARG C 377 -23.52 -45.53 -18.77
N PRO C 378 -22.49 -46.31 -19.05
CA PRO C 378 -21.40 -46.49 -18.07
C PRO C 378 -20.72 -45.16 -17.74
N GLY C 379 -19.81 -45.23 -16.77
CA GLY C 379 -19.50 -44.00 -16.08
C GLY C 379 -20.70 -43.60 -15.25
N PHE C 380 -20.79 -42.32 -14.93
CA PHE C 380 -21.88 -41.82 -14.10
C PHE C 380 -22.45 -40.52 -14.66
N PHE C 381 -22.76 -40.52 -15.96
CA PHE C 381 -23.45 -39.39 -16.56
C PHE C 381 -24.80 -39.19 -15.87
N PHE C 382 -25.14 -37.94 -15.60
CA PHE C 382 -26.38 -37.60 -14.94
C PHE C 382 -27.17 -36.62 -15.79
N GLU C 383 -28.48 -36.79 -15.79
CA GLU C 383 -29.36 -35.96 -16.60
C GLU C 383 -29.47 -34.57 -15.98
N PRO C 384 -29.13 -33.51 -16.71
CA PRO C 384 -29.28 -32.16 -16.13
C PRO C 384 -30.71 -31.86 -15.73
N THR C 385 -30.92 -31.78 -14.43
CA THR C 385 -32.25 -31.67 -13.84
C THR C 385 -32.61 -30.20 -13.64
N VAL C 386 -33.90 -29.92 -13.72
CA VAL C 386 -34.41 -28.57 -13.47
C VAL C 386 -35.65 -28.69 -12.61
N PHE C 387 -35.57 -28.26 -11.37
CA PHE C 387 -36.71 -28.22 -10.49
C PHE C 387 -37.45 -26.91 -10.73
N THR C 388 -38.35 -26.57 -9.83
CA THR C 388 -39.06 -25.31 -9.94
C THR C 388 -39.67 -24.97 -8.60
N ASP C 389 -39.67 -23.68 -8.29
CA ASP C 389 -40.49 -23.08 -7.25
C ASP C 389 -40.26 -23.69 -5.86
N VAL C 390 -39.20 -24.47 -5.69
CA VAL C 390 -38.93 -25.11 -4.42
C VAL C 390 -38.60 -24.05 -3.37
N GLU C 391 -39.37 -24.04 -2.30
CA GLU C 391 -39.19 -23.08 -1.22
C GLU C 391 -38.12 -23.59 -0.26
N ASP C 392 -37.88 -22.86 0.82
CA ASP C 392 -36.61 -22.98 1.52
C ASP C 392 -36.64 -24.17 2.48
N HIS C 393 -37.77 -24.39 3.16
CA HIS C 393 -37.85 -25.43 4.17
C HIS C 393 -37.50 -26.81 3.64
N MET C 394 -37.67 -27.05 2.34
CA MET C 394 -37.38 -28.36 1.79
C MET C 394 -35.90 -28.68 1.92
N PHE C 395 -35.54 -29.90 1.52
CA PHE C 395 -34.18 -30.37 1.75
C PHE C 395 -33.27 -30.01 0.59
N ILE C 396 -33.83 -29.91 -0.61
CA ILE C 396 -33.04 -29.53 -1.78
C ILE C 396 -32.65 -28.07 -1.75
N ALA C 397 -33.53 -27.20 -1.25
CA ALA C 397 -33.23 -25.77 -1.17
C ALA C 397 -32.41 -25.39 0.05
N LYS C 398 -31.79 -26.36 0.71
CA LYS C 398 -30.85 -26.10 1.79
C LYS C 398 -29.54 -26.85 1.61
N GLU C 399 -29.60 -28.08 1.12
CA GLU C 399 -28.40 -28.90 0.97
C GLU C 399 -27.59 -28.45 -0.23
N GLU C 400 -26.28 -28.67 -0.14
CA GLU C 400 -25.42 -28.54 -1.30
C GLU C 400 -25.59 -29.77 -2.17
N SER C 401 -26.09 -29.57 -3.39
CA SER C 401 -26.24 -30.69 -4.31
C SER C 401 -24.89 -31.27 -4.68
N PHE C 402 -23.97 -30.41 -5.12
CA PHE C 402 -22.74 -30.83 -5.78
C PHE C 402 -23.05 -31.49 -7.12
N GLY C 403 -23.90 -30.83 -7.90
CA GLY C 403 -24.22 -31.30 -9.23
C GLY C 403 -24.77 -30.19 -10.11
N PRO C 404 -24.87 -30.44 -11.41
CA PRO C 404 -25.48 -29.47 -12.33
C PRO C 404 -27.01 -29.51 -12.28
N VAL C 405 -27.56 -29.28 -11.10
CA VAL C 405 -28.99 -29.45 -10.85
C VAL C 405 -29.55 -28.05 -10.63
N MET C 406 -30.04 -27.44 -11.69
CA MET C 406 -30.60 -26.10 -11.60
C MET C 406 -31.85 -26.13 -10.74
N ILE C 407 -31.78 -25.55 -9.55
CA ILE C 407 -32.83 -25.67 -8.55
C ILE C 407 -33.39 -24.28 -8.29
N ILE C 408 -34.42 -23.92 -9.06
CA ILE C 408 -34.98 -22.57 -9.09
C ILE C 408 -35.75 -22.28 -7.80
N SER C 409 -36.16 -21.04 -7.63
CA SER C 409 -37.17 -20.63 -6.68
C SER C 409 -37.91 -19.48 -7.33
N ARG C 410 -38.67 -18.71 -6.56
CA ARG C 410 -39.36 -17.58 -7.18
C ARG C 410 -39.80 -16.60 -6.11
N PHE C 411 -40.25 -15.42 -6.56
CA PHE C 411 -40.53 -14.29 -5.70
C PHE C 411 -41.54 -13.36 -6.39
N ALA C 412 -41.66 -12.15 -5.85
CA ALA C 412 -42.55 -11.15 -6.41
C ALA C 412 -41.82 -10.30 -7.44
N ASP C 413 -42.59 -9.75 -8.38
CA ASP C 413 -42.03 -8.98 -9.49
C ASP C 413 -41.35 -7.73 -8.96
N GLY C 414 -40.01 -7.71 -8.99
CA GLY C 414 -39.24 -6.55 -8.58
C GLY C 414 -38.76 -6.54 -7.15
N ASP C 415 -38.98 -7.62 -6.39
CA ASP C 415 -38.59 -7.67 -4.99
C ASP C 415 -37.08 -7.50 -4.83
N LEU C 416 -36.68 -6.78 -3.79
CA LEU C 416 -35.28 -6.46 -3.56
C LEU C 416 -34.70 -7.19 -2.35
N ASP C 417 -35.28 -7.00 -1.18
CA ASP C 417 -34.64 -7.49 0.04
C ASP C 417 -35.26 -8.75 0.59
N ALA C 418 -36.54 -8.99 0.33
CA ALA C 418 -37.21 -10.14 0.94
C ALA C 418 -36.74 -11.45 0.33
N VAL C 419 -37.00 -11.65 -0.96
CA VAL C 419 -36.56 -12.90 -1.58
C VAL C 419 -35.05 -13.00 -1.57
N LEU C 420 -34.37 -11.86 -1.67
CA LEU C 420 -32.92 -11.88 -1.55
C LEU C 420 -32.52 -12.16 -0.11
N SER C 421 -33.45 -12.00 0.84
CA SER C 421 -33.31 -12.59 2.16
C SER C 421 -33.59 -14.09 2.14
N ARG C 422 -34.13 -14.60 1.04
CA ARG C 422 -33.98 -16.02 0.71
C ARG C 422 -32.69 -16.29 -0.06
N ALA C 423 -32.03 -15.24 -0.54
CA ALA C 423 -30.64 -15.30 -0.98
C ALA C 423 -29.68 -14.92 0.13
N ASN C 424 -30.15 -14.19 1.14
CA ASN C 424 -29.38 -13.76 2.28
C ASN C 424 -29.39 -14.77 3.44
N ALA C 425 -30.41 -15.61 3.54
CA ALA C 425 -30.62 -16.46 4.71
C ALA C 425 -29.75 -17.71 4.72
N THR C 426 -29.27 -18.18 3.58
CA THR C 426 -28.45 -19.38 3.52
C THR C 426 -27.11 -19.12 4.20
N GLU C 427 -26.68 -20.04 5.05
CA GLU C 427 -25.44 -19.83 5.80
C GLU C 427 -24.20 -20.16 4.97
N PHE C 428 -24.33 -20.90 3.88
CA PHE C 428 -23.23 -21.04 2.93
C PHE C 428 -22.98 -19.70 2.27
N GLY C 429 -21.92 -19.02 2.69
CA GLY C 429 -21.73 -17.62 2.35
C GLY C 429 -20.53 -17.33 1.47
N LEU C 430 -20.32 -18.15 0.45
CA LEU C 430 -19.16 -17.99 -0.42
C LEU C 430 -19.39 -16.96 -1.51
N ALA C 431 -20.27 -17.26 -2.45
CA ALA C 431 -20.42 -16.50 -3.68
C ALA C 431 -21.73 -15.72 -3.63
N SER C 432 -22.08 -15.16 -4.77
CA SER C 432 -23.41 -14.64 -5.03
C SER C 432 -23.53 -14.47 -6.53
N GLY C 433 -24.53 -13.71 -6.95
CA GLY C 433 -24.60 -13.28 -8.33
C GLY C 433 -25.71 -12.27 -8.45
N VAL C 434 -25.85 -11.70 -9.64
CA VAL C 434 -27.07 -11.01 -10.03
C VAL C 434 -27.00 -10.69 -11.51
N PHE C 435 -28.16 -10.56 -12.15
CA PHE C 435 -28.28 -9.93 -13.44
C PHE C 435 -29.17 -8.71 -13.27
N THR C 436 -28.95 -7.71 -14.11
CA THR C 436 -29.76 -6.49 -14.12
C THR C 436 -29.22 -5.56 -15.20
N ARG C 437 -30.04 -4.63 -15.69
CA ARG C 437 -29.51 -3.55 -16.51
C ARG C 437 -29.78 -2.17 -15.93
N ASP C 438 -31.02 -1.84 -15.59
CA ASP C 438 -31.25 -0.66 -14.78
C ASP C 438 -30.60 -0.92 -13.44
N ILE C 439 -29.55 -0.17 -13.13
CA ILE C 439 -28.81 -0.46 -11.91
C ILE C 439 -29.26 0.49 -10.80
N ASN C 440 -30.49 0.98 -10.90
CA ASN C 440 -31.24 1.21 -9.67
C ASN C 440 -31.76 -0.10 -9.08
N LYS C 441 -31.49 -1.23 -9.73
CA LYS C 441 -31.79 -2.55 -9.21
C LYS C 441 -30.54 -3.36 -8.89
N ALA C 442 -29.34 -2.80 -9.13
CA ALA C 442 -28.08 -3.34 -8.61
C ALA C 442 -27.48 -2.47 -7.53
N LEU C 443 -28.25 -1.55 -6.97
CA LEU C 443 -27.82 -0.74 -5.85
C LEU C 443 -28.11 -1.42 -4.51
N TYR C 444 -29.10 -2.32 -4.50
CA TYR C 444 -29.51 -3.04 -3.30
C TYR C 444 -29.32 -4.53 -3.45
N VAL C 445 -28.85 -4.99 -4.61
CA VAL C 445 -28.52 -6.39 -4.79
C VAL C 445 -27.23 -6.76 -4.08
N SER C 446 -26.20 -5.92 -4.18
CA SER C 446 -24.85 -6.29 -3.74
C SER C 446 -24.42 -5.72 -2.42
N ASP C 447 -25.09 -4.68 -1.91
CA ASP C 447 -24.68 -4.15 -0.62
C ASP C 447 -24.94 -5.16 0.51
N LYS C 448 -26.17 -5.70 0.57
CA LYS C 448 -26.64 -6.39 1.76
C LYS C 448 -26.34 -7.88 1.79
N LEU C 449 -26.03 -8.51 0.66
CA LEU C 449 -25.73 -9.93 0.65
C LEU C 449 -24.47 -10.19 1.46
N GLN C 450 -24.60 -10.86 2.59
CA GLN C 450 -23.42 -11.24 3.37
C GLN C 450 -22.75 -12.43 2.67
N ALA C 451 -22.07 -12.11 1.57
CA ALA C 451 -21.32 -13.09 0.80
C ALA C 451 -19.92 -12.58 0.55
N GLY C 452 -19.08 -13.44 -0.02
CA GLY C 452 -17.66 -13.16 -0.09
C GLY C 452 -17.19 -12.55 -1.39
N THR C 453 -18.00 -12.62 -2.46
CA THR C 453 -17.69 -11.94 -3.71
C THR C 453 -19.02 -11.49 -4.32
N VAL C 454 -19.46 -10.29 -4.01
CA VAL C 454 -20.88 -9.94 -4.15
C VAL C 454 -21.07 -9.46 -5.59
N PHE C 455 -21.13 -10.42 -6.52
CA PHE C 455 -21.10 -10.11 -7.93
C PHE C 455 -22.25 -9.21 -8.34
N VAL C 456 -22.13 -8.62 -9.53
CA VAL C 456 -23.25 -7.96 -10.22
C VAL C 456 -23.04 -8.08 -11.72
N ASN C 457 -24.06 -8.54 -12.43
CA ASN C 457 -24.08 -8.60 -13.88
C ASN C 457 -23.01 -9.50 -14.47
N THR C 458 -22.41 -10.38 -13.69
CA THR C 458 -21.62 -11.45 -14.28
C THR C 458 -21.31 -12.53 -13.24
N TYR C 459 -20.45 -13.45 -13.64
CA TYR C 459 -20.18 -14.67 -12.88
C TYR C 459 -19.08 -15.41 -13.62
N ASN C 460 -18.64 -16.53 -13.06
CA ASN C 460 -17.80 -17.50 -13.75
C ASN C 460 -16.42 -16.96 -14.08
N LYS C 461 -15.95 -15.97 -13.34
CA LYS C 461 -14.74 -15.23 -13.71
C LYS C 461 -13.53 -15.75 -12.96
N THR C 462 -13.13 -16.99 -13.25
CA THR C 462 -11.92 -17.53 -12.65
C THR C 462 -10.71 -16.83 -13.25
N ASP C 463 -10.21 -15.81 -12.55
CA ASP C 463 -9.05 -15.09 -13.03
C ASP C 463 -8.12 -14.77 -11.86
N VAL C 464 -6.82 -14.70 -12.18
CA VAL C 464 -5.79 -14.93 -11.18
C VAL C 464 -5.79 -13.85 -10.10
N ALA C 465 -5.93 -12.59 -10.48
CA ALA C 465 -5.89 -11.49 -9.52
C ALA C 465 -7.28 -11.12 -9.02
N ALA C 466 -8.21 -12.04 -9.07
CA ALA C 466 -9.45 -11.86 -8.32
C ALA C 466 -9.24 -12.46 -6.93
N PRO C 467 -8.88 -11.66 -5.93
CA PRO C 467 -8.63 -12.21 -4.60
C PRO C 467 -9.91 -12.77 -4.02
N PHE C 468 -9.82 -13.99 -3.53
CA PHE C 468 -11.01 -14.77 -3.22
C PHE C 468 -10.90 -15.40 -1.84
N GLY C 469 -12.04 -15.51 -1.18
CA GLY C 469 -12.16 -16.32 0.01
C GLY C 469 -13.59 -16.74 0.23
N GLY C 470 -13.91 -17.03 1.49
CA GLY C 470 -15.26 -17.32 1.88
C GLY C 470 -15.61 -16.63 3.19
N PHE C 471 -16.91 -16.49 3.41
CA PHE C 471 -17.43 -16.03 4.69
C PHE C 471 -17.88 -17.22 5.52
N LYS C 472 -18.63 -16.95 6.61
CA LYS C 472 -18.65 -17.77 7.83
C LYS C 472 -18.66 -19.26 7.58
N GLN C 473 -19.70 -19.77 6.91
CA GLN C 473 -19.90 -21.21 6.85
C GLN C 473 -19.22 -21.87 5.66
N SER C 474 -18.13 -21.31 5.17
CA SER C 474 -17.33 -22.07 4.23
C SER C 474 -15.84 -21.86 4.42
N GLY C 475 -15.41 -21.30 5.54
CA GLY C 475 -14.01 -21.30 5.90
C GLY C 475 -13.51 -19.95 6.36
N PHE C 476 -12.20 -19.77 6.32
CA PHE C 476 -11.60 -18.44 6.41
C PHE C 476 -10.16 -18.53 5.91
N GLY C 477 -9.66 -17.41 5.38
CA GLY C 477 -8.41 -17.37 4.64
C GLY C 477 -8.62 -17.29 3.14
N LYS C 478 -8.08 -16.24 2.51
CA LYS C 478 -8.39 -15.88 1.13
C LYS C 478 -7.36 -16.44 0.16
N ASP C 479 -7.85 -16.87 -1.01
CA ASP C 479 -7.04 -17.45 -2.06
C ASP C 479 -7.17 -16.61 -3.32
N LEU C 480 -6.14 -16.69 -4.17
CA LEU C 480 -6.15 -16.12 -5.52
C LEU C 480 -6.11 -14.60 -5.46
N GLY C 481 -5.22 -14.05 -4.66
CA GLY C 481 -5.23 -12.62 -4.47
C GLY C 481 -4.03 -12.15 -3.70
N GLU C 482 -4.04 -10.87 -3.35
CA GLU C 482 -2.89 -10.29 -2.67
C GLU C 482 -2.84 -10.69 -1.20
N ALA C 483 -4.00 -10.87 -0.56
CA ALA C 483 -3.97 -11.32 0.83
C ALA C 483 -3.42 -12.73 0.94
N ALA C 484 -3.43 -13.49 -0.17
CA ALA C 484 -2.80 -14.80 -0.20
C ALA C 484 -1.35 -14.73 0.24
N LEU C 485 -0.66 -13.65 -0.10
CA LEU C 485 0.63 -13.35 0.51
C LEU C 485 0.49 -12.33 1.61
N ASN C 486 -0.69 -12.23 2.22
CA ASN C 486 -0.86 -11.47 3.44
C ASN C 486 -0.73 -12.34 4.68
N GLU C 487 -1.31 -13.55 4.69
CA GLU C 487 -1.18 -14.42 5.86
C GLU C 487 0.03 -15.34 5.76
N TYR C 488 0.34 -15.82 4.54
CA TYR C 488 1.44 -16.76 4.36
C TYR C 488 2.79 -16.25 4.83
N LEU C 489 2.91 -14.96 5.11
CA LEU C 489 4.18 -14.34 5.43
C LEU C 489 4.05 -13.72 6.82
N ARG C 490 5.01 -14.01 7.68
CA ARG C 490 4.91 -13.61 9.07
C ARG C 490 5.46 -12.21 9.26
N VAL C 491 4.84 -11.48 10.17
CA VAL C 491 5.17 -10.08 10.41
C VAL C 491 6.17 -10.01 11.56
N LYS C 492 7.34 -9.47 11.29
CA LYS C 492 8.34 -9.23 12.32
C LYS C 492 8.25 -7.77 12.76
N THR C 493 8.77 -7.48 13.94
CA THR C 493 8.97 -6.10 14.36
C THR C 493 10.45 -5.92 14.69
N VAL C 494 10.91 -4.66 14.69
CA VAL C 494 12.19 -4.26 15.25
C VAL C 494 11.96 -2.93 15.94
N THR C 495 12.87 -2.52 16.81
CA THR C 495 12.78 -1.20 17.41
C THR C 495 14.16 -0.75 17.88
N PHE C 496 14.84 0.05 17.05
CA PHE C 496 16.19 0.53 17.34
C PHE C 496 16.15 1.70 18.31
N GLU C 497 17.33 2.25 18.57
CA GLU C 497 17.41 3.52 19.27
C GLU C 497 18.85 4.02 19.24
N TYR C 498 18.99 5.34 19.11
CA TYR C 498 20.27 6.03 19.27
C TYR C 498 19.97 7.43 19.78
N SER D 1 -30.31 5.12 38.59
CA SER D 1 -30.15 5.23 40.03
C SER D 1 -29.30 4.08 40.58
N ILE D 2 -28.13 3.87 40.01
CA ILE D 2 -27.26 2.79 40.41
C ILE D 2 -26.83 3.00 41.86
N ASP D 3 -26.78 1.92 42.62
CA ASP D 3 -26.31 1.99 44.00
C ASP D 3 -24.80 1.81 44.12
N TYR D 4 -24.19 2.55 45.04
CA TYR D 4 -22.79 2.41 45.37
C TYR D 4 -22.61 2.58 46.87
N VAL D 5 -21.84 1.67 47.47
CA VAL D 5 -21.39 1.85 48.85
C VAL D 5 -20.24 2.83 48.77
N GLU D 6 -20.56 4.12 48.97
CA GLU D 6 -19.62 5.18 48.66
C GLU D 6 -18.36 5.06 49.50
N MET D 7 -17.22 5.05 48.83
CA MET D 7 -15.93 4.82 49.45
C MET D 7 -15.12 6.11 49.29
N ALA D 8 -15.14 6.95 50.32
CA ALA D 8 -14.35 8.19 50.31
C ALA D 8 -12.92 7.84 50.73
N VAL D 9 -12.19 7.23 49.80
CA VAL D 9 -10.85 6.74 50.08
C VAL D 9 -9.87 7.40 49.12
N ASN D 10 -8.66 7.66 49.63
CA ASN D 10 -7.61 8.33 48.85
C ASN D 10 -8.03 9.75 48.47
N LYS D 11 -8.73 10.42 49.39
CA LYS D 11 -9.20 11.78 49.22
C LYS D 11 -10.29 11.91 48.15
N ARG D 12 -10.88 10.79 47.72
CA ARG D 12 -11.85 10.81 46.64
C ARG D 12 -12.91 9.75 46.89
N THR D 13 -14.12 10.01 46.41
CA THR D 13 -15.27 9.15 46.64
C THR D 13 -15.26 8.02 45.62
N VAL D 14 -14.54 6.95 45.94
CA VAL D 14 -14.48 5.80 45.03
C VAL D 14 -15.85 5.17 44.92
N ARG D 15 -16.37 5.11 43.70
CA ARG D 15 -17.64 4.45 43.40
C ARG D 15 -17.31 3.29 42.46
N MET D 16 -16.96 2.15 43.05
CA MET D 16 -16.64 1.25 41.96
C MET D 16 -17.87 0.43 41.58
N PRO D 17 -18.29 0.45 40.31
CA PRO D 17 -19.56 -0.19 39.94
C PRO D 17 -19.58 -1.68 40.19
N HIS D 18 -20.73 -2.15 40.71
CA HIS D 18 -20.86 -3.53 41.16
C HIS D 18 -21.64 -4.37 40.16
N GLN D 19 -22.55 -3.76 39.43
CA GLN D 19 -23.62 -4.47 38.76
C GLN D 19 -23.12 -5.06 37.45
N LEU D 20 -24.06 -5.47 36.62
CA LEU D 20 -23.79 -5.99 35.28
C LEU D 20 -24.48 -5.03 34.33
N PHE D 21 -23.73 -4.06 33.83
CA PHE D 21 -24.29 -3.00 33.00
C PHE D 21 -24.77 -3.62 31.70
N ILE D 22 -26.09 -3.79 31.57
CA ILE D 22 -26.68 -4.42 30.40
C ILE D 22 -27.93 -3.66 30.00
N GLY D 23 -28.23 -3.66 28.70
CA GLY D 23 -29.42 -3.02 28.19
C GLY D 23 -29.53 -1.55 28.48
N GLY D 24 -28.42 -0.86 28.75
CA GLY D 24 -28.45 0.53 29.07
C GLY D 24 -28.26 0.87 30.53
N GLU D 25 -28.40 -0.11 31.42
CA GLU D 25 -28.32 0.13 32.86
C GLU D 25 -27.40 -0.90 33.50
N PHE D 26 -26.86 -0.52 34.65
CA PHE D 26 -26.18 -1.46 35.54
C PHE D 26 -27.22 -2.22 36.35
N VAL D 27 -27.08 -3.53 36.40
CA VAL D 27 -28.01 -4.41 37.08
C VAL D 27 -27.25 -5.59 37.68
N ASP D 28 -27.89 -6.30 38.60
CA ASP D 28 -27.28 -7.42 39.29
C ASP D 28 -27.33 -8.67 38.44
N ALA D 29 -26.70 -9.72 38.94
CA ALA D 29 -26.62 -11.00 38.25
C ALA D 29 -27.90 -11.79 38.48
N GLU D 30 -27.84 -13.09 38.17
CA GLU D 30 -28.95 -14.00 38.47
C GLU D 30 -29.32 -13.94 39.94
N GLY D 31 -30.57 -13.61 40.21
CA GLY D 31 -31.10 -13.66 41.56
C GLY D 31 -30.38 -12.80 42.57
N ALA D 32 -29.71 -11.74 42.11
CA ALA D 32 -28.84 -10.94 42.96
C ALA D 32 -27.64 -11.73 43.45
N LYS D 33 -27.13 -12.61 42.60
CA LYS D 33 -25.83 -13.22 42.89
C LYS D 33 -24.74 -12.14 42.95
N THR D 34 -23.60 -12.52 43.53
CA THR D 34 -22.50 -11.59 43.70
C THR D 34 -21.17 -12.32 43.49
N SER D 35 -20.09 -11.57 43.63
CA SER D 35 -18.72 -12.05 43.60
C SER D 35 -17.83 -10.94 44.12
N GLU D 36 -17.02 -11.25 45.12
CA GLU D 36 -16.31 -10.22 45.85
C GLU D 36 -15.05 -9.80 45.12
N THR D 37 -14.34 -8.85 45.71
CA THR D 37 -13.03 -8.44 45.25
C THR D 37 -12.09 -8.37 46.45
N ILE D 38 -10.80 -8.60 46.19
CA ILE D 38 -9.81 -8.73 47.25
C ILE D 38 -8.92 -7.50 47.25
N ASN D 39 -8.57 -7.03 48.45
CA ASN D 39 -7.56 -5.99 48.61
C ASN D 39 -6.19 -6.65 48.65
N PRO D 40 -5.44 -6.65 47.53
CA PRO D 40 -4.19 -7.41 47.49
C PRO D 40 -3.10 -6.84 48.40
N THR D 41 -3.22 -5.61 48.85
CA THR D 41 -2.21 -5.03 49.73
C THR D 41 -2.26 -5.67 51.11
N ASP D 42 -3.42 -6.19 51.50
CA ASP D 42 -3.65 -6.67 52.84
C ASP D 42 -4.36 -8.01 52.90
N GLY D 43 -4.87 -8.50 51.77
CA GLY D 43 -5.77 -9.61 51.79
C GLY D 43 -7.20 -9.24 52.14
N SER D 44 -7.47 -7.97 52.39
CA SER D 44 -8.80 -7.52 52.77
C SER D 44 -9.76 -7.63 51.58
N VAL D 45 -11.05 -7.49 51.88
CA VAL D 45 -12.07 -7.37 50.84
C VAL D 45 -12.48 -5.91 50.73
N ILE D 46 -12.90 -5.50 49.53
CA ILE D 46 -13.29 -4.12 49.28
C ILE D 46 -14.80 -3.95 49.33
N CYS D 47 -15.55 -4.71 48.54
CA CYS D 47 -16.99 -4.48 48.43
C CYS D 47 -17.62 -5.65 47.68
N GLN D 48 -18.92 -5.53 47.42
CA GLN D 48 -19.70 -6.60 46.80
C GLN D 48 -19.95 -6.29 45.33
N VAL D 49 -19.81 -7.31 44.48
CA VAL D 49 -19.97 -7.22 43.05
C VAL D 49 -20.79 -8.42 42.59
N SER D 50 -21.90 -8.18 41.91
CA SER D 50 -22.69 -9.28 41.40
C SER D 50 -21.90 -10.08 40.35
N LEU D 51 -22.12 -11.39 40.34
CA LEU D 51 -21.43 -12.29 39.40
C LEU D 51 -22.47 -12.97 38.53
N ALA D 52 -22.49 -12.63 37.25
CA ALA D 52 -23.53 -13.12 36.36
C ALA D 52 -23.43 -14.64 36.19
N GLN D 53 -24.35 -15.19 35.42
CA GLN D 53 -24.49 -16.62 35.21
C GLN D 53 -24.61 -16.90 33.71
N VAL D 54 -24.99 -18.14 33.38
CA VAL D 54 -25.45 -18.44 32.03
C VAL D 54 -26.84 -17.86 31.80
N THR D 55 -27.48 -17.36 32.86
CA THR D 55 -28.67 -16.54 32.69
C THR D 55 -28.35 -15.24 31.95
N ASP D 56 -27.12 -14.74 32.10
CA ASP D 56 -26.79 -13.42 31.55
C ASP D 56 -26.31 -13.50 30.12
N VAL D 57 -25.47 -14.48 29.80
CA VAL D 57 -24.97 -14.66 28.43
C VAL D 57 -26.10 -14.79 27.43
N ASP D 58 -27.29 -15.16 27.88
CA ASP D 58 -28.47 -15.01 27.06
C ASP D 58 -28.90 -13.56 26.94
N LYS D 59 -28.45 -12.70 27.85
CA LYS D 59 -28.86 -11.29 27.90
C LYS D 59 -27.86 -10.33 27.26
N ALA D 60 -26.56 -10.50 27.52
CA ALA D 60 -25.57 -9.60 26.96
C ALA D 60 -25.57 -9.65 25.45
N VAL D 61 -25.27 -10.83 24.88
CA VAL D 61 -25.16 -10.95 23.44
C VAL D 61 -26.49 -10.81 22.73
N ALA D 62 -27.58 -10.61 23.47
CA ALA D 62 -28.85 -10.24 22.86
C ALA D 62 -29.21 -8.78 23.13
N ALA D 63 -28.78 -8.23 24.26
CA ALA D 63 -29.06 -6.83 24.56
C ALA D 63 -28.06 -5.88 23.92
N ALA D 64 -26.77 -6.27 23.90
CA ALA D 64 -25.76 -5.49 23.18
C ALA D 64 -25.87 -5.67 21.68
N LYS D 65 -26.75 -6.57 21.21
CA LYS D 65 -27.12 -6.57 19.80
C LYS D 65 -28.13 -5.48 19.49
N ASP D 66 -28.49 -4.66 20.49
CA ASP D 66 -29.34 -3.50 20.25
C ASP D 66 -28.55 -2.34 19.66
N ALA D 67 -27.45 -1.96 20.32
CA ALA D 67 -26.59 -0.90 19.79
C ALA D 67 -26.15 -1.21 18.36
N PHE D 68 -25.68 -2.43 18.12
CA PHE D 68 -25.26 -2.84 16.79
C PHE D 68 -26.35 -2.63 15.75
N GLU D 69 -27.63 -2.79 16.11
CA GLU D 69 -28.66 -2.92 15.10
C GLU D 69 -29.48 -1.65 14.92
N ASN D 70 -30.01 -1.08 16.00
CA ASN D 70 -31.12 -0.14 15.85
C ASN D 70 -30.82 1.27 16.33
N GLY D 71 -30.16 1.46 17.46
CA GLY D 71 -30.10 2.78 18.05
C GLY D 71 -29.15 3.73 17.34
N ARG D 72 -28.45 4.55 18.11
CA ARG D 72 -27.53 5.51 17.52
C ARG D 72 -26.29 4.85 16.94
N TRP D 73 -25.58 4.03 17.72
CA TRP D 73 -24.30 3.49 17.28
C TRP D 73 -24.42 2.67 16.01
N GLY D 74 -25.57 2.05 15.78
CA GLY D 74 -25.69 1.22 14.60
C GLY D 74 -25.55 1.96 13.29
N LYS D 75 -25.90 3.24 13.26
CA LYS D 75 -25.99 3.93 11.99
C LYS D 75 -25.41 5.34 11.93
N ILE D 76 -25.04 5.97 13.05
CA ILE D 76 -24.61 7.36 13.01
C ILE D 76 -23.36 7.50 12.15
N SER D 77 -23.23 8.66 11.51
CA SER D 77 -22.16 8.89 10.55
C SER D 77 -20.80 8.81 11.24
N ALA D 78 -19.76 8.73 10.41
CA ALA D 78 -18.43 8.39 10.91
C ALA D 78 -17.91 9.39 11.93
N ARG D 79 -18.35 10.64 11.86
CA ARG D 79 -17.75 11.67 12.70
C ARG D 79 -18.09 11.50 14.17
N ASP D 80 -19.37 11.62 14.53
CA ASP D 80 -19.74 11.66 15.94
C ASP D 80 -19.40 10.39 16.69
N ARG D 81 -19.25 9.26 16.00
CA ARG D 81 -18.85 8.03 16.67
C ARG D 81 -17.52 8.21 17.38
N GLY D 82 -16.48 8.57 16.62
CA GLY D 82 -15.26 9.01 17.27
C GLY D 82 -15.49 10.22 18.14
N ARG D 83 -16.28 11.19 17.64
CA ARG D 83 -16.57 12.38 18.41
C ARG D 83 -17.28 12.05 19.72
N LEU D 84 -18.07 10.97 19.74
CA LEU D 84 -18.58 10.52 21.02
C LEU D 84 -17.53 9.70 21.76
N MET D 85 -16.80 8.83 21.05
CA MET D 85 -15.70 8.11 21.67
C MET D 85 -14.63 9.06 22.18
N TYR D 86 -14.41 10.17 21.46
CA TYR D 86 -13.40 11.13 21.88
C TYR D 86 -13.83 11.86 23.15
N ARG D 87 -15.11 12.16 23.29
CA ARG D 87 -15.58 12.84 24.49
C ARG D 87 -15.39 11.98 25.73
N LEU D 88 -15.39 10.65 25.57
CA LEU D 88 -14.98 9.75 26.66
C LEU D 88 -13.65 10.16 27.25
N ALA D 89 -12.65 10.37 26.41
CA ALA D 89 -11.34 10.78 26.91
C ALA D 89 -11.40 12.14 27.60
N ASP D 90 -12.42 12.94 27.30
CA ASP D 90 -12.59 14.23 27.98
C ASP D 90 -12.96 14.03 29.44
N LEU D 91 -13.93 13.15 29.70
CA LEU D 91 -14.32 12.87 31.07
C LEU D 91 -13.27 12.05 31.81
N MET D 92 -12.72 11.03 31.15
CA MET D 92 -12.04 9.97 31.88
C MET D 92 -10.75 10.45 32.53
N GLU D 93 -9.88 11.09 31.76
CA GLU D 93 -8.60 11.52 32.32
C GLU D 93 -8.80 12.55 33.43
N GLN D 94 -9.88 13.32 33.39
CA GLN D 94 -10.22 14.21 34.50
C GLN D 94 -10.33 13.44 35.80
N HIS D 95 -10.81 12.21 35.75
CA HIS D 95 -10.98 11.37 36.92
C HIS D 95 -9.93 10.28 37.01
N GLN D 96 -8.67 10.61 36.68
CA GLN D 96 -7.59 9.65 36.83
C GLN D 96 -7.44 9.18 38.26
N GLU D 97 -7.60 10.09 39.23
CA GLU D 97 -7.58 9.72 40.64
C GLU D 97 -8.63 8.67 40.94
N GLU D 98 -9.72 8.65 40.18
CA GLU D 98 -10.62 7.50 40.21
C GLU D 98 -9.90 6.26 39.69
N LEU D 99 -9.50 6.26 38.42
CA LEU D 99 -8.91 5.05 37.85
C LEU D 99 -7.47 4.81 38.32
N ALA D 100 -6.78 5.85 38.81
CA ALA D 100 -5.46 5.63 39.39
C ALA D 100 -5.56 4.94 40.75
N THR D 101 -6.26 5.57 41.70
CA THR D 101 -6.37 5.01 43.05
C THR D 101 -7.13 3.70 43.03
N ILE D 102 -8.24 3.64 42.27
CA ILE D 102 -9.01 2.40 42.15
C ILE D 102 -8.10 1.26 41.71
N GLU D 103 -7.42 1.43 40.58
CA GLU D 103 -6.46 0.42 40.16
C GLU D 103 -5.27 0.38 41.10
N ALA D 104 -4.98 1.49 41.77
CA ALA D 104 -4.10 1.42 42.92
C ALA D 104 -4.71 0.59 44.03
N LEU D 105 -6.04 0.56 44.12
CA LEU D 105 -6.76 -0.14 45.17
C LEU D 105 -7.24 -1.52 44.73
N ASP D 106 -7.79 -1.62 43.52
CA ASP D 106 -8.32 -2.89 43.04
C ASP D 106 -7.21 -3.93 42.92
N ALA D 107 -6.24 -3.68 42.03
CA ALA D 107 -5.16 -4.61 41.76
C ALA D 107 -3.86 -4.23 42.47
N GLY D 108 -3.96 -3.39 43.50
CA GLY D 108 -2.80 -3.04 44.30
C GLY D 108 -1.67 -2.37 43.55
N ALA D 109 -1.95 -1.85 42.36
CA ALA D 109 -0.91 -1.23 41.55
C ALA D 109 -0.42 0.07 42.19
N VAL D 110 0.89 0.29 42.15
CA VAL D 110 1.47 1.46 42.79
C VAL D 110 0.89 2.74 42.18
N TYR D 111 0.79 3.78 43.01
CA TYR D 111 0.20 5.03 42.57
C TYR D 111 1.07 5.74 41.55
N THR D 112 2.39 5.57 41.67
CA THR D 112 3.32 6.23 40.76
C THR D 112 3.04 5.88 39.31
N LEU D 113 2.76 4.61 39.04
CA LEU D 113 2.29 4.22 37.72
C LEU D 113 0.76 4.26 37.63
N ALA D 114 0.07 4.26 38.77
CA ALA D 114 -1.38 4.40 38.75
C ALA D 114 -1.79 5.72 38.11
N LEU D 115 -0.94 6.74 38.22
CA LEU D 115 -1.24 7.99 37.56
C LEU D 115 -0.74 8.01 36.12
N LYS D 116 0.52 7.64 35.91
CA LYS D 116 1.11 7.72 34.57
C LYS D 116 0.48 6.69 33.63
N THR D 117 0.43 5.43 34.04
CA THR D 117 -0.12 4.37 33.21
C THR D 117 -1.58 4.12 33.47
N HIS D 118 -1.98 3.88 34.72
CA HIS D 118 -3.28 3.30 34.97
C HIS D 118 -4.42 4.26 34.71
N VAL D 119 -4.13 5.54 34.45
CA VAL D 119 -5.05 6.42 33.74
C VAL D 119 -4.38 7.09 32.54
N GLY D 120 -3.16 7.60 32.73
CA GLY D 120 -2.47 8.28 31.64
C GLY D 120 -2.30 7.40 30.43
N MET D 121 -1.73 6.20 30.62
CA MET D 121 -1.51 5.29 29.51
C MET D 121 -2.82 4.85 28.87
N SER D 122 -3.94 4.95 29.60
CA SER D 122 -5.24 4.75 28.98
C SER D 122 -5.72 5.98 28.24
N ILE D 123 -5.29 7.18 28.69
CA ILE D 123 -5.76 8.38 28.02
C ILE D 123 -5.26 8.44 26.59
N GLN D 124 -4.05 7.93 26.35
CA GLN D 124 -3.51 7.88 24.99
C GLN D 124 -4.38 7.02 24.09
N THR D 125 -4.52 5.74 24.43
CA THR D 125 -5.17 4.79 23.53
C THR D 125 -6.64 5.10 23.31
N PHE D 126 -7.24 5.94 24.16
CA PHE D 126 -8.54 6.49 23.80
C PHE D 126 -8.44 7.40 22.59
N ARG D 127 -7.42 8.25 22.55
CA ARG D 127 -7.37 9.27 21.50
C ARG D 127 -6.59 8.84 20.28
N TYR D 128 -5.59 7.97 20.42
CA TYR D 128 -4.93 7.44 19.23
C TYR D 128 -5.83 6.49 18.46
N PHE D 129 -6.55 5.61 19.15
CA PHE D 129 -7.43 4.69 18.46
C PHE D 129 -8.85 5.21 18.29
N ALA D 130 -9.19 6.36 18.87
CA ALA D 130 -10.41 7.03 18.43
C ALA D 130 -10.18 7.71 17.09
N GLY D 131 -8.94 7.73 16.63
CA GLY D 131 -8.65 8.32 15.34
C GLY D 131 -9.40 7.65 14.21
N TRP D 132 -9.14 6.38 14.00
CA TRP D 132 -9.48 5.77 12.71
C TRP D 132 -10.98 5.55 12.52
N CYS D 133 -11.86 6.12 13.35
CA CYS D 133 -13.31 6.02 13.12
C CYS D 133 -13.67 6.56 11.74
N ASP D 134 -13.41 7.84 11.50
CA ASP D 134 -13.74 8.49 10.24
C ASP D 134 -12.54 8.58 9.30
N LYS D 135 -11.70 7.55 9.28
CA LYS D 135 -10.46 7.65 8.53
C LYS D 135 -10.11 6.36 7.82
N ILE D 136 -10.84 5.28 8.06
CA ILE D 136 -10.50 3.95 7.55
C ILE D 136 -11.00 3.81 6.13
N GLN D 137 -10.32 2.98 5.34
CA GLN D 137 -10.40 3.06 3.90
C GLN D 137 -10.77 1.72 3.27
N GLY D 138 -11.29 1.80 2.05
CA GLY D 138 -11.27 0.68 1.16
C GLY D 138 -9.89 0.52 0.57
N SER D 139 -9.76 -0.48 -0.28
CA SER D 139 -8.59 -0.56 -1.14
C SER D 139 -8.95 -1.49 -2.28
N THR D 140 -9.36 -0.93 -3.41
CA THR D 140 -10.23 -1.66 -4.34
C THR D 140 -9.61 -1.70 -5.71
N ILE D 141 -9.39 -2.91 -6.20
CA ILE D 141 -8.27 -3.25 -7.07
C ILE D 141 -8.68 -3.30 -8.55
N PRO D 142 -7.74 -3.57 -9.47
CA PRO D 142 -8.11 -3.70 -10.87
C PRO D 142 -8.64 -5.08 -11.20
N ILE D 143 -9.94 -5.29 -11.00
CA ILE D 143 -10.62 -6.47 -11.53
C ILE D 143 -10.37 -6.60 -13.02
N ASN D 144 -10.47 -7.82 -13.53
CA ASN D 144 -10.45 -8.03 -14.98
C ASN D 144 -11.39 -7.07 -15.69
N GLN D 145 -10.81 -6.15 -16.45
CA GLN D 145 -11.59 -5.28 -17.31
C GLN D 145 -11.98 -6.09 -18.54
N ALA D 146 -13.13 -6.75 -18.47
CA ALA D 146 -13.46 -7.81 -19.42
C ALA D 146 -14.00 -7.19 -20.70
N ARG D 147 -13.15 -7.18 -21.72
CA ARG D 147 -13.57 -6.80 -23.06
C ARG D 147 -14.42 -7.91 -23.68
N PRO D 148 -15.44 -7.57 -24.48
CA PRO D 148 -15.84 -6.21 -24.88
C PRO D 148 -16.75 -5.47 -23.90
N ASN D 149 -16.63 -5.76 -22.61
CA ASN D 149 -17.38 -5.03 -21.59
C ASN D 149 -16.42 -4.13 -20.81
N ARG D 150 -16.94 -3.49 -19.77
CA ARG D 150 -16.11 -2.67 -18.91
C ARG D 150 -16.50 -2.88 -17.45
N ASN D 151 -15.51 -3.23 -16.62
CA ASN D 151 -15.69 -3.79 -15.29
C ASN D 151 -15.25 -2.81 -14.20
N LEU D 152 -15.38 -3.23 -12.94
CA LEU D 152 -14.92 -2.44 -11.81
C LEU D 152 -14.93 -3.30 -10.55
N THR D 153 -14.63 -2.67 -9.41
CA THR D 153 -14.62 -3.31 -8.10
C THR D 153 -14.64 -2.22 -7.05
N LEU D 154 -15.12 -2.55 -5.86
CA LEU D 154 -14.71 -1.79 -4.68
C LEU D 154 -14.94 -2.62 -3.43
N THR D 155 -13.87 -3.21 -2.91
CA THR D 155 -13.94 -3.93 -1.64
C THR D 155 -14.12 -2.91 -0.53
N ARG D 156 -14.11 -3.34 0.72
CA ARG D 156 -14.33 -2.39 1.78
C ARG D 156 -13.99 -3.06 3.11
N LYS D 157 -14.15 -2.31 4.21
CA LYS D 157 -13.89 -2.79 5.55
C LYS D 157 -15.16 -2.60 6.37
N GLU D 158 -15.72 -3.70 6.87
CA GLU D 158 -17.03 -3.69 7.49
C GLU D 158 -16.96 -4.29 8.89
N PRO D 159 -17.80 -3.82 9.82
CA PRO D 159 -17.83 -4.42 11.15
C PRO D 159 -18.22 -5.88 11.05
N VAL D 160 -17.93 -6.63 12.11
CA VAL D 160 -18.18 -8.07 12.11
C VAL D 160 -19.50 -8.42 12.80
N GLY D 161 -19.61 -8.17 14.10
CA GLY D 161 -20.75 -8.65 14.86
C GLY D 161 -20.66 -8.22 16.31
N VAL D 162 -20.88 -9.18 17.22
CA VAL D 162 -20.60 -8.94 18.63
C VAL D 162 -19.36 -9.73 19.04
N CYS D 163 -18.67 -9.22 20.04
CA CYS D 163 -17.31 -9.65 20.36
C CYS D 163 -17.22 -10.16 21.78
N GLY D 164 -16.15 -10.89 22.03
CA GLY D 164 -15.87 -11.41 23.36
C GLY D 164 -14.74 -10.65 24.02
N ILE D 165 -14.88 -10.34 25.30
CA ILE D 165 -13.95 -9.49 26.01
C ILE D 165 -13.50 -10.20 27.28
N ILE D 166 -12.32 -10.80 27.23
CA ILE D 166 -11.70 -11.39 28.39
C ILE D 166 -10.46 -10.57 28.68
N ILE D 167 -10.60 -9.57 29.53
CA ILE D 167 -9.44 -8.83 30.00
C ILE D 167 -8.66 -9.81 30.88
N PRO D 168 -7.35 -9.79 30.86
CA PRO D 168 -6.60 -10.65 31.78
C PRO D 168 -6.74 -10.19 33.22
N TRP D 169 -6.01 -10.84 34.13
CA TRP D 169 -6.04 -10.47 35.53
C TRP D 169 -5.02 -9.41 35.91
N ASN D 170 -3.90 -9.32 35.19
CA ASN D 170 -2.76 -8.56 35.69
C ASN D 170 -2.95 -7.06 35.49
N TYR D 171 -3.20 -6.63 34.26
CA TYR D 171 -3.33 -5.21 33.97
C TYR D 171 -4.81 -4.89 33.75
N PRO D 172 -5.57 -4.68 34.82
CA PRO D 172 -7.03 -4.74 34.71
C PRO D 172 -7.66 -3.60 33.94
N LEU D 173 -7.35 -2.35 34.27
CA LEU D 173 -8.08 -1.24 33.66
C LEU D 173 -7.47 -0.80 32.34
N MET D 174 -6.17 -0.50 32.33
CA MET D 174 -5.54 0.01 31.11
C MET D 174 -5.68 -0.98 29.96
N MET D 175 -5.64 -2.29 30.25
CA MET D 175 -5.84 -3.28 29.19
C MET D 175 -7.31 -3.47 28.86
N LEU D 176 -8.21 -2.81 29.60
CA LEU D 176 -9.57 -2.63 29.11
C LEU D 176 -9.60 -1.69 27.91
N SER D 177 -8.97 -0.52 28.04
CA SER D 177 -9.03 0.47 26.97
C SER D 177 -8.29 -0.04 25.74
N TRP D 178 -7.16 -0.71 25.93
CA TRP D 178 -6.43 -1.32 24.82
C TRP D 178 -7.28 -2.30 24.03
N LYS D 179 -8.33 -2.84 24.64
CA LYS D 179 -9.37 -3.60 23.96
C LYS D 179 -10.73 -2.94 24.03
N THR D 180 -10.81 -1.67 24.42
CA THR D 180 -12.03 -0.90 24.23
C THR D 180 -11.94 0.05 23.04
N ALA D 181 -10.79 0.10 22.37
CA ALA D 181 -10.62 0.98 21.21
C ALA D 181 -10.72 0.20 19.90
N ALA D 182 -9.89 -0.83 19.72
CA ALA D 182 -9.88 -1.56 18.46
C ALA D 182 -11.15 -2.37 18.24
N CYS D 183 -11.99 -2.50 19.27
CA CYS D 183 -13.20 -3.28 19.14
C CYS D 183 -14.37 -2.41 18.73
N LEU D 184 -14.63 -1.36 19.52
CA LEU D 184 -15.75 -0.47 19.26
C LEU D 184 -15.63 0.23 17.91
N ALA D 185 -14.41 0.59 17.50
CA ALA D 185 -14.24 1.46 16.35
C ALA D 185 -14.71 0.82 15.06
N ALA D 186 -14.56 -0.50 14.93
CA ALA D 186 -14.79 -1.19 13.68
C ALA D 186 -16.26 -1.25 13.26
N GLY D 187 -17.17 -0.64 14.01
CA GLY D 187 -18.57 -0.62 13.68
C GLY D 187 -19.43 -1.38 14.67
N ASN D 188 -18.84 -2.30 15.44
CA ASN D 188 -19.56 -3.21 16.31
C ASN D 188 -19.77 -2.59 17.69
N THR D 189 -20.25 -3.39 18.63
CA THR D 189 -20.36 -3.05 20.05
C THR D 189 -19.68 -4.16 20.85
N VAL D 190 -19.59 -3.97 22.17
CA VAL D 190 -18.71 -4.78 22.99
C VAL D 190 -19.46 -5.33 24.19
N VAL D 191 -18.94 -6.43 24.75
CA VAL D 191 -19.48 -7.04 25.96
C VAL D 191 -18.34 -7.68 26.71
N ILE D 192 -18.08 -7.21 27.94
CA ILE D 192 -16.80 -7.40 28.60
C ILE D 192 -16.92 -8.43 29.72
N LYS D 193 -16.04 -9.44 29.67
CA LYS D 193 -15.85 -10.42 30.73
C LYS D 193 -14.55 -10.05 31.44
N PRO D 194 -14.61 -9.15 32.42
CA PRO D 194 -13.40 -8.69 33.08
C PRO D 194 -12.85 -9.71 34.06
N ALA D 195 -11.70 -9.37 34.64
CA ALA D 195 -11.15 -10.16 35.74
C ALA D 195 -11.95 -9.88 36.99
N GLN D 196 -12.48 -10.93 37.62
CA GLN D 196 -13.36 -10.74 38.77
C GLN D 196 -12.57 -10.54 40.06
N VAL D 197 -11.28 -10.89 40.08
CA VAL D 197 -10.46 -10.56 41.23
C VAL D 197 -10.29 -9.05 41.36
N THR D 198 -9.98 -8.38 40.25
CA THR D 198 -9.90 -6.92 40.19
C THR D 198 -10.84 -6.40 39.12
N PRO D 199 -12.15 -6.61 39.28
CA PRO D 199 -13.12 -6.12 38.30
C PRO D 199 -13.60 -4.70 38.57
N LEU D 200 -13.04 -4.04 39.57
CA LEU D 200 -13.63 -2.80 40.05
C LEU D 200 -13.01 -1.59 39.34
N THR D 201 -11.80 -1.75 38.79
CA THR D 201 -11.34 -0.79 37.79
C THR D 201 -12.11 -0.95 36.49
N ALA D 202 -12.31 -2.21 36.05
CA ALA D 202 -13.02 -2.47 34.81
C ALA D 202 -14.44 -1.91 34.86
N LEU D 203 -15.23 -2.36 35.84
CA LEU D 203 -16.61 -1.89 35.95
C LEU D 203 -16.69 -0.40 36.20
N LYS D 204 -15.63 0.23 36.69
CA LYS D 204 -15.66 1.66 36.94
C LYS D 204 -15.69 2.46 35.64
N PHE D 205 -15.13 1.90 34.57
CA PHE D 205 -15.01 2.64 33.32
C PHE D 205 -16.38 2.96 32.72
N ALA D 206 -17.27 1.96 32.66
CA ALA D 206 -18.50 2.11 31.90
C ALA D 206 -19.43 3.16 32.50
N GLU D 207 -19.26 3.46 33.79
CA GLU D 207 -20.10 4.49 34.39
C GLU D 207 -19.87 5.84 33.75
N LEU D 208 -18.62 6.12 33.35
CA LEU D 208 -18.32 7.38 32.69
C LEU D 208 -18.99 7.46 31.32
N THR D 209 -19.08 6.33 30.61
CA THR D 209 -19.83 6.32 29.35
C THR D 209 -21.30 6.63 29.59
N LEU D 210 -21.81 6.34 30.79
CA LEU D 210 -23.18 6.68 31.14
C LEU D 210 -23.39 8.19 31.03
N LYS D 211 -22.61 8.97 31.77
CA LYS D 211 -22.59 10.41 31.51
C LYS D 211 -22.18 10.68 30.08
N ALA D 212 -21.16 9.97 29.59
CA ALA D 212 -20.66 10.15 28.23
C ALA D 212 -21.66 9.74 27.17
N GLY D 213 -22.77 9.11 27.55
CA GLY D 213 -23.89 8.94 26.64
C GLY D 213 -23.60 8.20 25.35
N ILE D 214 -22.66 7.26 25.36
CA ILE D 214 -22.47 6.41 24.19
C ILE D 214 -23.79 5.71 23.89
N PRO D 215 -24.09 5.35 22.64
CA PRO D 215 -25.35 4.64 22.35
C PRO D 215 -25.55 3.43 23.25
N LYS D 216 -26.81 3.20 23.63
CA LYS D 216 -27.12 2.18 24.62
C LYS D 216 -26.71 0.81 24.11
N GLY D 217 -26.30 -0.05 25.04
CA GLY D 217 -25.91 -1.39 24.69
C GLY D 217 -24.70 -1.50 23.80
N VAL D 218 -23.88 -0.45 23.71
CA VAL D 218 -22.64 -0.54 22.96
C VAL D 218 -21.54 -1.17 23.79
N VAL D 219 -21.54 -0.94 25.10
CA VAL D 219 -20.52 -1.44 26.02
C VAL D 219 -21.23 -2.07 27.20
N ASN D 220 -20.90 -3.34 27.49
CA ASN D 220 -21.48 -4.01 28.65
C ASN D 220 -20.44 -4.95 29.24
N VAL D 221 -20.14 -4.78 30.52
CA VAL D 221 -19.11 -5.54 31.20
C VAL D 221 -19.79 -6.64 32.00
N LEU D 222 -19.05 -7.69 32.33
CA LEU D 222 -19.65 -8.89 32.90
C LEU D 222 -18.64 -9.66 33.74
N PRO D 223 -18.58 -9.39 35.05
CA PRO D 223 -17.88 -10.31 35.94
C PRO D 223 -18.56 -11.66 35.99
N GLY D 224 -17.81 -12.68 36.37
CA GLY D 224 -18.36 -14.02 36.42
C GLY D 224 -17.32 -15.03 36.83
N SER D 225 -17.75 -16.29 36.86
CA SER D 225 -16.86 -17.39 37.20
C SER D 225 -15.76 -17.55 36.16
N GLY D 226 -14.82 -18.43 36.46
CA GLY D 226 -13.68 -18.63 35.59
C GLY D 226 -14.01 -19.12 34.20
N SER D 227 -14.50 -20.36 34.10
CA SER D 227 -14.77 -20.96 32.79
C SER D 227 -16.23 -21.25 32.54
N LEU D 228 -17.16 -20.61 33.26
CA LEU D 228 -18.56 -20.65 32.87
C LEU D 228 -18.93 -19.41 32.05
N VAL D 229 -18.80 -18.23 32.65
CA VAL D 229 -19.09 -16.99 31.94
C VAL D 229 -18.20 -16.89 30.72
N GLY D 230 -16.92 -17.22 30.87
CA GLY D 230 -16.03 -17.29 29.72
C GLY D 230 -16.48 -18.33 28.71
N GLN D 231 -16.78 -19.54 29.18
CA GLN D 231 -17.24 -20.57 28.25
C GLN D 231 -18.60 -20.22 27.69
N ARG D 232 -19.51 -19.73 28.54
CA ARG D 232 -20.86 -19.38 28.08
C ARG D 232 -20.81 -18.29 27.02
N LEU D 233 -19.84 -17.39 27.11
CA LEU D 233 -19.54 -16.52 25.99
C LEU D 233 -18.68 -17.22 24.95
N SER D 234 -18.07 -18.35 25.30
CA SER D 234 -17.19 -19.10 24.42
C SER D 234 -17.94 -20.05 23.49
N ASP D 235 -19.25 -20.16 23.63
CA ASP D 235 -20.01 -21.12 22.86
C ASP D 235 -21.30 -20.56 22.31
N HIS D 236 -21.75 -19.40 22.76
CA HIS D 236 -23.02 -18.84 22.34
C HIS D 236 -23.02 -18.72 20.81
N PRO D 237 -24.18 -18.81 20.16
CA PRO D 237 -24.14 -18.68 18.69
C PRO D 237 -24.04 -17.24 18.25
N ASP D 238 -24.68 -16.33 18.98
CA ASP D 238 -24.76 -14.92 18.61
C ASP D 238 -23.39 -14.27 18.51
N VAL D 239 -22.47 -14.61 19.42
CA VAL D 239 -21.20 -13.92 19.50
C VAL D 239 -20.39 -14.17 18.23
N ARG D 240 -19.68 -13.13 17.77
CA ARG D 240 -18.93 -13.16 16.52
C ARG D 240 -17.43 -13.06 16.71
N LYS D 241 -16.98 -12.42 17.78
CA LYS D 241 -15.57 -12.25 18.03
C LYS D 241 -15.31 -12.43 19.52
N ILE D 242 -14.03 -12.57 19.87
CA ILE D 242 -13.66 -13.04 21.19
C ILE D 242 -12.29 -12.51 21.57
N GLY D 243 -12.21 -11.84 22.72
CA GLY D 243 -10.97 -11.27 23.21
C GLY D 243 -10.63 -11.81 24.58
N PHE D 244 -9.38 -12.24 24.73
CA PHE D 244 -8.88 -12.80 25.97
C PHE D 244 -7.37 -12.69 26.03
N THR D 245 -6.85 -12.46 27.24
CA THR D 245 -5.43 -12.66 27.52
C THR D 245 -5.30 -13.34 28.88
N GLY D 246 -4.47 -14.36 28.96
CA GLY D 246 -4.27 -15.07 30.21
C GLY D 246 -3.32 -16.24 30.06
N SER D 247 -3.62 -17.33 30.77
CA SER D 247 -2.79 -18.52 30.76
C SER D 247 -2.69 -19.10 29.35
N THR D 248 -1.68 -19.94 29.14
CA THR D 248 -1.62 -20.80 27.96
C THR D 248 -2.67 -21.90 28.03
N GLU D 249 -3.26 -22.12 29.19
CA GLU D 249 -4.14 -23.26 29.39
C GLU D 249 -5.46 -23.06 28.67
N VAL D 250 -6.18 -22.00 29.03
CA VAL D 250 -7.60 -21.85 28.74
C VAL D 250 -7.90 -21.97 27.24
N GLY D 251 -6.95 -21.54 26.41
CA GLY D 251 -7.16 -21.52 24.98
C GLY D 251 -7.30 -22.88 24.33
N LYS D 252 -6.30 -23.75 24.51
CA LYS D 252 -6.32 -25.07 23.89
C LYS D 252 -7.55 -25.87 24.28
N HIS D 253 -8.19 -25.52 25.40
CA HIS D 253 -9.52 -25.98 25.72
C HIS D 253 -10.62 -25.04 25.23
N ILE D 254 -10.39 -23.73 25.28
CA ILE D 254 -11.41 -22.80 24.77
C ILE D 254 -11.41 -22.82 23.25
N MET D 255 -10.26 -23.05 22.63
CA MET D 255 -10.19 -23.10 21.17
C MET D 255 -10.83 -24.36 20.61
N LYS D 256 -11.42 -25.21 21.46
CA LYS D 256 -12.20 -26.31 20.92
C LYS D 256 -13.67 -25.93 20.75
N SER D 257 -14.12 -24.86 21.39
CA SER D 257 -15.42 -24.28 21.06
C SER D 257 -15.42 -23.73 19.64
N CYS D 258 -14.35 -23.05 19.27
CA CYS D 258 -14.26 -22.39 17.97
C CYS D 258 -14.15 -23.40 16.83
N ALA D 259 -13.71 -24.62 17.12
CA ALA D 259 -13.83 -25.65 16.11
C ALA D 259 -15.25 -26.15 15.99
N ILE D 260 -16.14 -25.78 16.90
CA ILE D 260 -17.48 -26.34 16.92
C ILE D 260 -18.59 -25.29 16.90
N SER D 261 -18.66 -24.46 17.94
CA SER D 261 -19.89 -23.73 18.24
C SER D 261 -20.34 -22.82 17.11
N ASN D 262 -19.57 -21.78 16.83
CA ASN D 262 -19.77 -20.92 15.66
C ASN D 262 -18.37 -20.48 15.24
N VAL D 263 -17.98 -20.73 14.00
CA VAL D 263 -16.56 -20.80 13.60
C VAL D 263 -15.81 -19.48 13.76
N LYS D 264 -16.50 -18.46 14.30
CA LYS D 264 -16.03 -17.08 14.47
C LYS D 264 -14.58 -16.98 14.91
N LYS D 265 -13.91 -15.95 14.39
CA LYS D 265 -12.50 -15.70 14.69
C LYS D 265 -12.20 -15.64 16.18
N VAL D 266 -10.93 -15.78 16.52
CA VAL D 266 -10.47 -15.91 17.89
C VAL D 266 -9.31 -14.96 18.14
N SER D 267 -9.16 -14.51 19.39
CA SER D 267 -8.13 -13.55 19.78
C SER D 267 -7.67 -13.86 21.20
N LEU D 268 -6.55 -14.58 21.33
CA LEU D 268 -6.05 -14.99 22.63
C LEU D 268 -4.57 -14.71 22.75
N GLU D 269 -4.14 -14.36 23.96
CA GLU D 269 -2.76 -14.01 24.29
C GLU D 269 -2.31 -14.82 25.47
N LEU D 270 -1.05 -15.25 25.47
CA LEU D 270 -0.48 -16.02 26.56
C LEU D 270 0.79 -15.35 27.08
N GLY D 271 1.05 -15.51 28.38
CA GLY D 271 2.26 -15.00 28.97
C GLY D 271 3.50 -15.59 28.32
N GLY D 272 4.68 -15.05 28.60
CA GLY D 272 5.85 -15.36 27.81
C GLY D 272 7.12 -15.52 28.63
N LYS D 273 8.19 -15.82 27.89
CA LYS D 273 9.52 -16.11 28.41
C LYS D 273 10.57 -15.33 27.63
N SER D 274 10.36 -14.03 27.53
CA SER D 274 11.28 -13.07 26.90
C SER D 274 12.71 -13.17 27.41
N PRO D 275 13.66 -13.63 26.59
CA PRO D 275 15.07 -13.62 26.99
C PRO D 275 15.75 -12.30 26.67
N LEU D 276 16.16 -11.57 27.71
CA LEU D 276 16.64 -10.17 27.61
C LEU D 276 18.16 -10.12 27.52
N ILE D 277 18.68 -10.38 26.33
CA ILE D 277 20.08 -10.77 26.19
C ILE D 277 21.01 -9.58 26.33
N ILE D 278 21.39 -9.27 27.56
CA ILE D 278 22.26 -8.11 27.84
C ILE D 278 23.69 -8.52 27.59
N PHE D 279 24.31 -7.92 26.57
CA PHE D 279 25.76 -7.98 26.52
C PHE D 279 26.32 -7.06 27.61
N ALA D 280 27.64 -7.02 27.72
CA ALA D 280 28.28 -6.09 28.63
C ALA D 280 28.68 -4.78 27.96
N ASP D 281 28.81 -4.80 26.63
CA ASP D 281 29.28 -3.64 25.89
C ASP D 281 28.39 -2.42 26.09
N CYS D 282 27.11 -2.62 26.33
CA CYS D 282 26.24 -1.50 26.66
C CYS D 282 26.72 -0.85 27.95
N ASP D 283 26.24 0.37 28.19
CA ASP D 283 26.63 1.11 29.38
C ASP D 283 26.22 0.32 30.61
N LEU D 284 27.21 -0.12 31.39
CA LEU D 284 26.92 -1.00 32.51
C LEU D 284 26.06 -0.32 33.56
N ASN D 285 26.17 1.01 33.69
CA ASN D 285 25.29 1.73 34.60
C ASN D 285 23.83 1.59 34.21
N LYS D 286 23.54 1.62 32.91
CA LYS D 286 22.18 1.40 32.45
C LYS D 286 21.91 -0.06 32.08
N ALA D 287 22.97 -0.87 31.93
CA ALA D 287 22.78 -2.30 31.73
C ALA D 287 22.14 -2.94 32.95
N VAL D 288 22.31 -2.32 34.12
CA VAL D 288 21.70 -2.85 35.32
C VAL D 288 20.37 -2.16 35.60
N GLN D 289 20.34 -0.82 35.53
CA GLN D 289 19.16 -0.08 35.96
C GLN D 289 17.95 -0.38 35.09
N MET D 290 18.02 -0.05 33.81
CA MET D 290 16.93 -0.45 32.92
C MET D 290 16.84 -1.96 32.78
N GLY D 291 17.96 -2.67 32.91
CA GLY D 291 17.88 -4.10 33.13
C GLY D 291 17.08 -4.43 34.37
N MET D 292 17.35 -3.71 35.47
CA MET D 292 16.56 -3.90 36.68
C MET D 292 15.15 -3.38 36.51
N SER D 293 14.96 -2.36 35.68
CA SER D 293 13.60 -1.98 35.32
C SER D 293 13.00 -2.91 34.30
N SER D 294 13.81 -3.77 33.68
CA SER D 294 13.30 -4.67 32.67
C SER D 294 12.44 -5.78 33.26
N VAL D 295 12.58 -6.09 34.54
CA VAL D 295 11.89 -7.23 35.15
C VAL D 295 11.01 -6.79 36.30
N PHE D 296 11.52 -5.94 37.18
CA PHE D 296 10.85 -5.60 38.43
C PHE D 296 9.79 -4.53 38.26
N PHE D 297 9.31 -4.30 37.05
CA PHE D 297 8.41 -3.19 36.80
C PHE D 297 7.00 -3.51 37.29
N ASN D 298 6.37 -2.52 37.92
CA ASN D 298 5.04 -2.63 38.51
C ASN D 298 4.93 -3.89 39.37
N LYS D 299 5.90 -4.04 40.27
CA LYS D 299 6.03 -5.21 41.15
C LYS D 299 5.87 -6.53 40.39
N GLY D 300 6.63 -6.67 39.31
CA GLY D 300 6.80 -7.94 38.64
C GLY D 300 5.62 -8.42 37.83
N GLU D 301 4.43 -7.83 37.99
CA GLU D 301 3.23 -8.27 37.28
C GLU D 301 3.23 -7.71 35.86
N ASN D 302 4.29 -8.05 35.12
CA ASN D 302 4.50 -7.51 33.78
C ASN D 302 4.18 -8.60 32.77
N CYS D 303 3.43 -8.22 31.75
CA CYS D 303 2.92 -9.20 30.80
C CYS D 303 4.05 -9.87 30.00
N ILE D 304 4.97 -9.08 29.44
CA ILE D 304 5.98 -9.66 28.57
C ILE D 304 7.34 -9.76 29.25
N ALA D 305 7.45 -9.31 30.51
CA ALA D 305 8.74 -9.00 31.13
C ALA D 305 9.71 -10.16 31.01
N ALA D 306 10.98 -9.82 30.76
CA ALA D 306 12.01 -10.81 30.46
C ALA D 306 12.49 -11.43 31.77
N GLY D 307 12.12 -12.68 32.00
CA GLY D 307 12.54 -13.37 33.18
C GLY D 307 13.69 -14.32 32.90
N ARG D 308 14.53 -13.99 31.92
CA ARG D 308 15.76 -14.75 31.72
C ARG D 308 16.85 -13.77 31.26
N LEU D 309 17.53 -13.18 32.23
CA LEU D 309 18.30 -11.96 32.02
C LEU D 309 19.76 -12.32 31.77
N PHE D 310 20.05 -12.71 30.53
CA PHE D 310 21.39 -13.17 30.20
C PHE D 310 22.37 -12.04 30.44
N VAL D 311 23.62 -12.39 30.72
CA VAL D 311 24.68 -11.41 30.93
C VAL D 311 26.00 -12.03 30.54
N GLU D 312 26.89 -11.23 29.99
CA GLU D 312 28.24 -11.70 29.74
C GLU D 312 28.97 -11.88 31.06
N ASP D 313 30.02 -12.71 31.03
CA ASP D 313 30.77 -13.03 32.23
C ASP D 313 31.37 -11.78 32.85
N SER D 314 31.83 -10.87 32.00
CA SER D 314 32.69 -9.76 32.44
C SER D 314 32.01 -8.87 33.45
N ILE D 315 30.68 -8.88 33.49
CA ILE D 315 29.92 -7.95 34.31
C ILE D 315 28.93 -8.67 35.21
N HIS D 316 28.96 -10.00 35.23
CA HIS D 316 27.88 -10.76 35.82
C HIS D 316 27.74 -10.46 37.29
N ASP D 317 28.74 -10.84 38.08
CA ASP D 317 28.75 -10.45 39.47
C ASP D 317 28.69 -8.94 39.60
N GLU D 318 29.36 -8.23 38.69
CA GLU D 318 29.26 -6.78 38.65
C GLU D 318 27.81 -6.36 38.49
N PHE D 319 27.22 -6.71 37.35
CA PHE D 319 25.79 -6.53 37.17
C PHE D 319 25.01 -7.15 38.31
N VAL D 320 25.44 -8.32 38.80
CA VAL D 320 24.77 -8.93 39.94
C VAL D 320 24.94 -8.06 41.17
N ARG D 321 26.18 -7.90 41.63
CA ARG D 321 26.43 -7.25 42.91
C ARG D 321 25.92 -5.82 42.93
N ARG D 322 26.04 -5.12 41.80
CA ARG D 322 25.38 -3.83 41.70
C ARG D 322 23.87 -3.99 41.75
N VAL D 323 23.31 -4.84 40.88
CA VAL D 323 21.87 -5.10 40.92
C VAL D 323 21.48 -5.67 42.27
N VAL D 324 22.33 -6.53 42.85
CA VAL D 324 22.13 -7.00 44.20
C VAL D 324 21.89 -5.83 45.15
N GLU D 325 22.69 -4.78 45.01
CA GLU D 325 22.39 -3.53 45.71
C GLU D 325 21.04 -2.99 45.26
N GLU D 326 20.75 -3.05 43.95
CA GLU D 326 19.51 -2.49 43.46
C GLU D 326 18.30 -3.29 43.91
N VAL D 327 18.47 -4.60 44.11
CA VAL D 327 17.39 -5.40 44.67
C VAL D 327 17.03 -4.91 46.06
N ARG D 328 17.98 -4.29 46.76
CA ARG D 328 17.71 -3.74 48.08
C ARG D 328 17.08 -2.35 48.01
N LYS D 329 17.34 -1.61 46.93
CA LYS D 329 16.93 -0.22 46.86
C LYS D 329 15.43 -0.03 46.91
N MET D 330 14.66 -1.04 46.53
CA MET D 330 13.23 -0.85 46.29
C MET D 330 12.47 -0.58 47.57
N LYS D 331 11.30 0.05 47.42
CA LYS D 331 10.35 0.29 48.49
C LYS D 331 9.21 -0.71 48.46
N VAL D 332 8.84 -1.22 49.62
CA VAL D 332 7.64 -2.04 49.78
C VAL D 332 6.64 -1.26 50.63
N GLY D 333 5.56 -0.82 50.04
CA GLY D 333 4.59 -0.02 50.77
C GLY D 333 3.25 0.04 50.07
N ASN D 334 2.39 0.93 50.58
CA ASN D 334 1.07 1.11 49.98
C ASN D 334 1.23 1.59 48.55
N PRO D 335 0.63 0.92 47.57
CA PRO D 335 0.79 1.34 46.18
C PRO D 335 0.34 2.76 45.94
N LEU D 336 -0.72 3.21 46.64
CA LEU D 336 -1.09 4.61 46.59
C LEU D 336 -0.11 5.49 47.35
N ASP D 337 0.77 4.90 48.16
CA ASP D 337 1.81 5.67 48.81
C ASP D 337 2.91 5.99 47.82
N ARG D 338 3.21 7.29 47.67
CA ARG D 338 4.07 7.76 46.61
C ARG D 338 5.44 7.09 46.66
N ASP D 339 5.97 6.88 47.86
CA ASP D 339 7.29 6.28 47.99
C ASP D 339 7.28 4.80 47.68
N THR D 340 6.12 4.17 47.55
CA THR D 340 6.06 2.73 47.33
C THR D 340 6.69 2.37 46.00
N ASP D 341 7.68 1.47 46.06
CA ASP D 341 8.34 0.98 44.86
C ASP D 341 8.05 -0.49 44.60
N HIS D 342 7.42 -1.18 45.55
CA HIS D 342 7.08 -2.60 45.41
C HIS D 342 5.83 -2.85 46.23
N GLY D 343 4.81 -3.42 45.59
CA GLY D 343 3.60 -3.78 46.28
C GLY D 343 3.40 -5.29 46.32
N PRO D 344 2.24 -5.72 46.81
CA PRO D 344 1.94 -7.15 46.84
C PRO D 344 1.60 -7.67 45.45
N GLN D 345 1.61 -8.99 45.31
CA GLN D 345 1.11 -9.60 44.10
C GLN D 345 -0.40 -9.36 44.00
N ASN D 346 -0.97 -9.83 42.90
CA ASN D 346 -2.42 -9.72 42.73
C ASN D 346 -3.17 -10.44 43.84
N HIS D 347 -2.83 -11.70 44.10
CA HIS D 347 -3.75 -12.55 44.83
C HIS D 347 -2.97 -13.40 45.81
N HIS D 348 -3.73 -14.07 46.68
CA HIS D 348 -3.15 -14.74 47.83
C HIS D 348 -2.35 -15.98 47.43
N ALA D 349 -3.00 -16.93 46.77
CA ALA D 349 -2.31 -18.16 46.40
C ALA D 349 -1.20 -17.92 45.41
N HIS D 350 -1.30 -16.85 44.61
CA HIS D 350 -0.28 -16.63 43.58
C HIS D 350 1.09 -16.37 44.20
N LEU D 351 1.13 -15.65 45.32
CA LEU D 351 2.40 -15.45 46.02
C LEU D 351 2.98 -16.79 46.42
N VAL D 352 2.12 -17.72 46.83
CA VAL D 352 2.52 -19.13 46.89
C VAL D 352 3.01 -19.57 45.51
N LYS D 353 2.17 -19.42 44.50
CA LYS D 353 2.47 -19.84 43.13
C LYS D 353 3.82 -19.34 42.63
N LEU D 354 4.28 -18.19 43.11
CA LEU D 354 5.63 -17.72 42.80
C LEU D 354 6.68 -18.31 43.72
N MET D 355 6.36 -18.47 45.00
CA MET D 355 7.38 -18.86 45.97
C MET D 355 7.91 -20.26 45.69
N GLU D 356 7.03 -21.21 45.38
CA GLU D 356 7.50 -22.56 45.08
C GLU D 356 8.39 -22.56 43.85
N TYR D 357 8.04 -21.77 42.83
CA TYR D 357 8.94 -21.51 41.72
C TYR D 357 10.33 -21.20 42.24
N CYS D 358 10.45 -20.21 43.13
CA CYS D 358 11.68 -20.02 43.88
C CYS D 358 12.13 -21.31 44.54
N GLN D 359 11.22 -21.95 45.26
CA GLN D 359 11.54 -23.19 45.96
C GLN D 359 11.92 -24.29 44.97
N HIS D 360 11.25 -24.33 43.81
CA HIS D 360 11.60 -25.31 42.79
C HIS D 360 13.07 -25.18 42.41
N GLY D 361 13.46 -24.01 41.89
CA GLY D 361 14.80 -23.85 41.39
C GLY D 361 15.85 -24.00 42.46
N VAL D 362 15.58 -23.47 43.66
CA VAL D 362 16.54 -23.56 44.75
C VAL D 362 16.84 -25.01 45.09
N LYS D 363 15.81 -25.86 45.10
CA LYS D 363 16.07 -27.29 45.26
C LYS D 363 16.88 -27.87 44.12
N GLU D 364 16.76 -27.31 42.92
CA GLU D 364 17.51 -27.84 41.79
C GLU D 364 19.01 -27.63 41.97
N GLY D 365 19.40 -26.66 42.80
CA GLY D 365 20.78 -26.24 42.91
C GLY D 365 20.95 -24.77 42.56
N ALA D 366 19.90 -23.99 42.78
CA ALA D 366 19.90 -22.60 42.33
C ALA D 366 20.47 -21.66 43.39
N THR D 367 21.32 -20.75 42.95
CA THR D 367 21.94 -19.75 43.82
C THR D 367 20.89 -18.72 44.19
N LEU D 368 20.20 -18.95 45.31
CA LEU D 368 19.19 -18.01 45.78
C LEU D 368 19.89 -16.79 46.35
N VAL D 369 20.29 -15.88 45.45
CA VAL D 369 21.14 -14.76 45.84
C VAL D 369 20.41 -13.74 46.69
N CYS D 370 19.11 -13.91 46.93
CA CYS D 370 18.42 -13.12 47.94
C CYS D 370 16.99 -13.63 48.08
N GLY D 371 16.43 -13.45 49.28
CA GLY D 371 15.00 -13.58 49.51
C GLY D 371 14.43 -14.91 49.05
N GLY D 372 13.36 -14.82 48.26
CA GLY D 372 12.70 -16.00 47.73
C GLY D 372 11.42 -16.37 48.43
N ASN D 373 11.08 -15.73 49.54
CA ASN D 373 9.87 -16.05 50.29
C ASN D 373 9.09 -14.78 50.58
N GLN D 374 7.94 -14.96 51.24
CA GLN D 374 7.00 -13.87 51.42
C GLN D 374 7.58 -12.75 52.29
N VAL D 375 7.34 -11.52 51.87
CA VAL D 375 7.63 -10.39 52.77
C VAL D 375 6.76 -10.52 54.00
N PRO D 376 7.32 -10.46 55.19
CA PRO D 376 6.55 -10.74 56.42
C PRO D 376 5.59 -9.61 56.82
N ARG D 377 4.54 -9.44 56.03
CA ARG D 377 3.52 -8.45 56.31
C ARG D 377 2.23 -8.91 55.65
N PRO D 378 1.07 -8.43 56.13
CA PRO D 378 -0.19 -8.78 55.48
C PRO D 378 -0.23 -8.31 54.04
N GLY D 379 -1.31 -8.68 53.35
CA GLY D 379 -1.19 -8.69 51.91
C GLY D 379 -0.25 -9.83 51.53
N PHE D 380 0.34 -9.71 50.34
CA PHE D 380 1.23 -10.76 49.84
C PHE D 380 2.47 -10.15 49.21
N PHE D 381 3.12 -9.24 49.94
CA PHE D 381 4.41 -8.71 49.52
C PHE D 381 5.42 -9.85 49.40
N PHE D 382 6.20 -9.84 48.33
CA PHE D 382 7.20 -10.86 48.09
C PHE D 382 8.58 -10.22 47.94
N GLU D 383 9.58 -10.91 48.45
CA GLU D 383 10.95 -10.39 48.43
C GLU D 383 11.51 -10.51 47.02
N PRO D 384 11.94 -9.41 46.40
CA PRO D 384 12.53 -9.51 45.05
C PRO D 384 13.74 -10.43 45.03
N THR D 385 13.57 -11.56 44.38
CA THR D 385 14.54 -12.64 44.39
C THR D 385 15.48 -12.51 43.20
N VAL D 386 16.71 -12.97 43.37
CA VAL D 386 17.68 -12.98 42.30
C VAL D 386 18.41 -14.32 42.33
N PHE D 387 18.16 -15.15 41.34
CA PHE D 387 18.87 -16.40 41.20
C PHE D 387 20.18 -16.14 40.47
N THR D 388 20.82 -17.20 40.00
CA THR D 388 22.03 -17.04 39.23
C THR D 388 22.30 -18.32 38.47
N ASP D 389 22.83 -18.15 37.26
CA ASP D 389 23.48 -19.21 36.48
C ASP D 389 22.59 -20.42 36.24
N VAL D 390 21.28 -20.31 36.50
CA VAL D 390 20.38 -21.43 36.31
C VAL D 390 20.29 -21.79 34.84
N GLU D 391 20.61 -23.03 34.52
CA GLU D 391 20.60 -23.52 33.15
C GLU D 391 19.19 -23.95 32.79
N ASP D 392 19.01 -24.49 31.58
CA ASP D 392 17.69 -24.49 30.96
C ASP D 392 16.87 -25.68 31.48
N HIS D 393 17.50 -26.84 31.65
CA HIS D 393 16.77 -28.04 32.04
C HIS D 393 15.99 -27.88 33.32
N MET D 394 16.40 -26.98 34.21
CA MET D 394 15.71 -26.81 35.47
C MET D 394 14.28 -26.32 35.24
N PHE D 395 13.53 -26.22 36.33
CA PHE D 395 12.11 -25.91 36.21
C PHE D 395 11.87 -24.40 36.22
N ILE D 396 12.74 -23.65 36.90
CA ILE D 396 12.62 -22.20 36.93
C ILE D 396 12.97 -21.56 35.60
N ALA D 397 13.96 -22.12 34.90
CA ALA D 397 14.37 -21.58 33.60
C ALA D 397 13.49 -22.06 32.45
N LYS D 398 12.34 -22.62 32.74
CA LYS D 398 11.35 -22.97 31.72
C LYS D 398 9.97 -22.44 32.05
N GLU D 399 9.57 -22.46 33.31
CA GLU D 399 8.24 -22.03 33.70
C GLU D 399 8.14 -20.52 33.69
N GLU D 400 6.93 -20.04 33.46
CA GLU D 400 6.62 -18.63 33.66
C GLU D 400 6.44 -18.40 35.15
N SER D 401 7.31 -17.58 35.73
CA SER D 401 7.18 -17.27 37.14
C SER D 401 5.90 -16.49 37.41
N PHE D 402 5.67 -15.42 36.66
CA PHE D 402 4.65 -14.43 36.97
C PHE D 402 5.00 -13.70 38.26
N GLY D 403 6.24 -13.25 38.36
CA GLY D 403 6.69 -12.46 39.48
C GLY D 403 7.92 -11.66 39.16
N PRO D 404 8.28 -10.72 40.03
CA PRO D 404 9.52 -9.95 39.88
C PRO D 404 10.75 -10.73 40.33
N VAL D 405 10.97 -11.88 39.71
CA VAL D 405 12.00 -12.82 40.15
C VAL D 405 13.06 -12.83 39.06
N MET D 406 14.07 -11.99 39.22
CA MET D 406 15.13 -11.90 38.24
C MET D 406 15.91 -13.21 38.20
N ILE D 407 15.77 -13.96 37.12
CA ILE D 407 16.29 -15.32 37.04
C ILE D 407 17.34 -15.36 35.93
N ILE D 408 18.58 -15.10 36.31
CA ILE D 408 19.70 -14.92 35.38
C ILE D 408 20.09 -16.23 34.74
N SER D 409 20.96 -16.17 33.75
CA SER D 409 21.71 -17.30 33.24
C SER D 409 23.06 -16.74 32.83
N ARG D 410 23.83 -17.49 32.04
CA ARG D 410 25.11 -16.96 31.62
C ARG D 410 25.62 -17.73 30.41
N PHE D 411 26.68 -17.19 29.81
CA PHE D 411 27.20 -17.67 28.53
C PHE D 411 28.67 -17.28 28.40
N ALA D 412 29.18 -17.39 27.18
CA ALA D 412 30.56 -17.03 26.89
C ALA D 412 30.67 -15.57 26.49
N ASP D 413 31.85 -15.00 26.72
CA ASP D 413 32.07 -13.58 26.48
C ASP D 413 31.94 -13.28 24.98
N GLY D 414 30.85 -12.61 24.60
CA GLY D 414 30.65 -12.20 23.23
C GLY D 414 29.83 -13.14 22.37
N ASP D 415 29.28 -14.20 22.95
CA ASP D 415 28.51 -15.18 22.19
C ASP D 415 27.29 -14.54 21.52
N LEU D 416 26.98 -14.98 20.31
CA LEU D 416 25.90 -14.39 19.53
C LEU D 416 24.72 -15.33 19.36
N ASP D 417 24.94 -16.51 18.80
CA ASP D 417 23.81 -17.36 18.42
C ASP D 417 23.57 -18.52 19.36
N ALA D 418 24.60 -18.99 20.06
CA ALA D 418 24.42 -20.17 20.89
C ALA D 418 23.59 -19.87 22.13
N VAL D 419 24.10 -19.01 23.01
CA VAL D 419 23.33 -18.69 24.21
C VAL D 419 22.04 -18.01 23.85
N LEU D 420 22.03 -17.24 22.78
CA LEU D 420 20.79 -16.65 22.30
C LEU D 420 19.89 -17.73 21.70
N SER D 421 20.47 -18.90 21.38
CA SER D 421 19.66 -20.10 21.17
C SER D 421 19.20 -20.70 22.49
N ARG D 422 19.73 -20.22 23.62
CA ARG D 422 19.04 -20.34 24.89
C ARG D 422 18.08 -19.18 25.11
N ALA D 423 18.17 -18.14 24.29
CA ALA D 423 17.12 -17.14 24.16
C ALA D 423 16.15 -17.47 23.03
N ASN D 424 16.60 -18.27 22.07
CA ASN D 424 15.81 -18.71 20.92
C ASN D 424 15.01 -19.97 21.18
N ALA D 425 15.43 -20.82 22.12
CA ALA D 425 14.86 -22.14 22.31
C ALA D 425 13.53 -22.15 23.07
N THR D 426 13.26 -21.13 23.88
CA THR D 426 12.03 -21.08 24.66
C THR D 426 10.84 -20.91 23.72
N GLU D 427 9.78 -21.70 23.93
CA GLU D 427 8.63 -21.65 23.03
C GLU D 427 7.70 -20.49 23.34
N PHE D 428 7.79 -19.90 24.53
CA PHE D 428 7.09 -18.64 24.80
C PHE D 428 7.70 -17.55 23.94
N GLY D 429 7.02 -17.17 22.86
CA GLY D 429 7.63 -16.34 21.84
C GLY D 429 7.04 -14.96 21.68
N LEU D 430 6.79 -14.29 22.80
CA LEU D 430 6.15 -12.98 22.75
C LEU D 430 7.16 -11.85 22.52
N ALA D 431 8.03 -11.61 23.48
CA ALA D 431 8.87 -10.43 23.51
C ALA D 431 10.31 -10.84 23.23
N SER D 432 11.20 -9.90 23.43
CA SER D 432 12.63 -10.17 23.52
C SER D 432 13.26 -8.93 24.15
N GLY D 433 14.57 -8.82 24.02
CA GLY D 433 15.25 -7.59 24.37
C GLY D 433 16.69 -7.70 23.91
N VAL D 434 17.41 -6.60 24.08
CA VAL D 434 18.87 -6.65 24.07
C VAL D 434 19.41 -5.29 24.50
N PHE D 435 20.62 -5.29 25.05
CA PHE D 435 21.40 -4.08 25.21
C PHE D 435 22.67 -4.26 24.38
N THR D 436 23.22 -3.15 23.90
CA THR D 436 24.46 -3.13 23.15
C THR D 436 24.77 -1.68 22.75
N ARG D 437 26.04 -1.38 22.47
CA ARG D 437 26.36 -0.11 21.83
C ARG D 437 27.06 -0.26 20.50
N ASP D 438 28.14 -1.04 20.42
CA ASP D 438 28.66 -1.43 19.12
C ASP D 438 27.59 -2.30 18.49
N ILE D 439 26.98 -1.81 17.42
CA ILE D 439 25.87 -2.55 16.84
C ILE D 439 26.35 -3.36 15.64
N ASN D 440 27.64 -3.70 15.65
CA ASN D 440 28.00 -5.00 15.08
C ASN D 440 27.63 -6.14 16.00
N LYS D 441 27.06 -5.85 17.17
CA LYS D 441 26.54 -6.84 18.09
C LYS D 441 25.03 -6.77 18.23
N ALA D 442 24.36 -5.83 17.54
CA ALA D 442 22.91 -5.82 17.36
C ALA D 442 22.50 -6.14 15.94
N LEU D 443 23.41 -6.67 15.14
CA LEU D 443 23.10 -7.12 13.79
C LEU D 443 22.63 -8.58 13.77
N TYR D 444 23.02 -9.34 14.79
CA TYR D 444 22.66 -10.74 14.91
C TYR D 444 21.84 -11.02 16.16
N VAL D 445 21.58 -9.99 16.96
CA VAL D 445 20.70 -10.13 18.12
C VAL D 445 19.25 -10.23 17.69
N SER D 446 18.81 -9.38 16.74
CA SER D 446 17.39 -9.21 16.46
C SER D 446 16.91 -9.91 15.20
N ASP D 447 17.80 -10.31 14.29
CA ASP D 447 17.33 -11.01 13.10
C ASP D 447 16.74 -12.37 13.46
N LYS D 448 17.48 -13.17 14.22
CA LYS D 448 17.20 -14.61 14.34
C LYS D 448 16.22 -14.96 15.45
N LEU D 449 16.01 -14.08 16.44
CA LEU D 449 15.09 -14.39 17.52
C LEU D 449 13.67 -14.53 16.97
N GLN D 450 13.14 -15.74 17.01
CA GLN D 450 11.75 -15.93 16.60
C GLN D 450 10.84 -15.42 17.71
N ALA D 451 10.76 -14.10 17.81
CA ALA D 451 9.91 -13.44 18.77
C ALA D 451 9.05 -12.39 18.06
N GLY D 452 8.12 -11.81 18.81
CA GLY D 452 7.10 -10.97 18.19
C GLY D 452 7.38 -9.49 18.21
N THR D 453 8.34 -9.03 19.02
CA THR D 453 8.78 -7.63 18.98
C THR D 453 10.26 -7.63 19.31
N VAL D 454 11.11 -7.71 18.29
CA VAL D 454 12.49 -8.15 18.49
C VAL D 454 13.30 -6.92 18.86
N PHE D 455 13.17 -6.50 20.12
CA PHE D 455 13.72 -5.22 20.56
C PHE D 455 15.23 -5.15 20.35
N VAL D 456 15.77 -3.93 20.42
CA VAL D 456 17.20 -3.69 20.54
C VAL D 456 17.41 -2.40 21.32
N ASN D 457 18.26 -2.46 22.34
CA ASN D 457 18.68 -1.29 23.11
C ASN D 457 17.54 -0.59 23.82
N THR D 458 16.38 -1.23 23.99
CA THR D 458 15.41 -0.70 24.93
C THR D 458 14.34 -1.76 25.21
N TYR D 459 13.31 -1.33 25.92
CA TYR D 459 12.28 -2.21 26.47
C TYR D 459 11.24 -1.31 27.12
N ASN D 460 10.18 -1.92 27.62
CA ASN D 460 9.23 -1.27 28.52
C ASN D 460 8.43 -0.17 27.84
N LYS D 461 8.29 -0.23 26.53
CA LYS D 461 7.76 0.88 25.76
C LYS D 461 6.27 0.68 25.46
N THR D 462 5.45 0.72 26.49
CA THR D 462 4.01 0.63 26.29
C THR D 462 3.52 1.91 25.66
N ASP D 463 3.37 1.92 24.35
CA ASP D 463 2.89 3.10 23.65
C ASP D 463 1.93 2.68 22.54
N VAL D 464 0.98 3.59 22.26
CA VAL D 464 -0.29 3.20 21.66
C VAL D 464 -0.09 2.65 20.25
N ALA D 465 0.73 3.31 19.43
CA ALA D 465 0.93 2.88 18.05
C ALA D 465 2.11 1.94 17.90
N ALA D 466 2.46 1.22 18.95
CA ALA D 466 3.35 0.09 18.79
C ALA D 466 2.48 -1.14 18.54
N PRO D 467 2.26 -1.52 17.29
CA PRO D 467 1.40 -2.67 17.01
C PRO D 467 2.02 -3.94 17.56
N PHE D 468 1.22 -4.69 18.30
CA PHE D 468 1.75 -5.76 19.13
C PHE D 468 0.95 -7.04 18.93
N GLY D 469 1.64 -8.16 19.03
CA GLY D 469 1.00 -9.45 19.13
C GLY D 469 1.93 -10.45 19.79
N GLY D 470 1.68 -11.72 19.50
CA GLY D 470 2.55 -12.78 19.95
C GLY D 470 2.77 -13.78 18.84
N PHE D 471 3.85 -14.55 18.99
CA PHE D 471 4.12 -15.69 18.13
C PHE D 471 3.68 -16.98 18.83
N LYS D 472 4.10 -18.14 18.29
CA LYS D 472 3.39 -19.41 18.37
C LYS D 472 2.76 -19.70 19.72
N GLN D 473 3.57 -19.80 20.77
CA GLN D 473 3.09 -20.31 22.04
C GLN D 473 2.56 -19.23 22.97
N SER D 474 2.07 -18.12 22.43
CA SER D 474 1.32 -17.21 23.29
C SER D 474 0.12 -16.60 22.59
N GLY D 475 -0.30 -17.13 21.46
CA GLY D 475 -1.56 -16.76 20.87
C GLY D 475 -1.48 -16.46 19.39
N PHE D 476 -2.47 -15.74 18.88
CA PHE D 476 -2.37 -15.10 17.57
C PHE D 476 -3.46 -14.03 17.48
N GLY D 477 -3.18 -13.00 16.67
CA GLY D 477 -3.98 -11.79 16.64
C GLY D 477 -3.31 -10.63 17.37
N LYS D 478 -3.08 -9.52 16.66
CA LYS D 478 -2.25 -8.43 17.13
C LYS D 478 -3.08 -7.32 17.78
N ASP D 479 -2.53 -6.74 18.85
CA ASP D 479 -3.16 -5.68 19.61
C ASP D 479 -2.27 -4.44 19.58
N LEU D 480 -2.91 -3.28 19.76
CA LEU D 480 -2.24 -2.01 19.96
C LEU D 480 -1.56 -1.53 18.66
N GLY D 481 -2.29 -1.60 17.57
CA GLY D 481 -1.66 -1.30 16.29
C GLY D 481 -2.67 -1.20 15.19
N GLU D 482 -2.15 -1.08 13.97
CA GLU D 482 -3.03 -0.90 12.82
C GLU D 482 -3.70 -2.20 12.42
N ALA D 483 -3.02 -3.34 12.58
CA ALA D 483 -3.66 -4.60 12.26
C ALA D 483 -4.82 -4.88 13.20
N ALA D 484 -4.84 -4.23 14.36
CA ALA D 484 -5.98 -4.32 15.28
C ALA D 484 -7.27 -3.97 14.58
N LEU D 485 -7.23 -3.01 13.67
CA LEU D 485 -8.35 -2.81 12.75
C LEU D 485 -8.08 -3.43 11.41
N ASN D 486 -7.23 -4.46 11.37
CA ASN D 486 -7.10 -5.30 10.19
C ASN D 486 -7.98 -6.54 10.26
N GLU D 487 -8.07 -7.22 11.42
CA GLU D 487 -8.94 -8.39 11.52
C GLU D 487 -10.35 -8.02 11.97
N TYR D 488 -10.48 -7.05 12.87
CA TYR D 488 -11.78 -6.66 13.42
C TYR D 488 -12.79 -6.24 12.37
N LEU D 489 -12.37 -5.99 11.14
CA LEU D 489 -13.22 -5.46 10.09
C LEU D 489 -13.24 -6.45 8.94
N ARG D 490 -14.43 -6.78 8.48
CA ARG D 490 -14.57 -7.84 7.50
C ARG D 490 -14.42 -7.29 6.09
N VAL D 491 -13.83 -8.09 5.23
CA VAL D 491 -13.52 -7.68 3.86
C VAL D 491 -14.66 -8.12 2.96
N LYS D 492 -15.30 -7.16 2.29
CA LYS D 492 -16.32 -7.46 1.31
C LYS D 492 -15.68 -7.40 -0.08
N THR D 493 -16.32 -8.02 -1.05
CA THR D 493 -15.98 -7.81 -2.44
C THR D 493 -17.21 -7.32 -3.19
N VAL D 494 -16.99 -6.70 -4.35
CA VAL D 494 -18.04 -6.41 -5.34
C VAL D 494 -17.42 -6.66 -6.69
N THR D 495 -18.24 -6.81 -7.72
CA THR D 495 -17.72 -6.92 -9.08
C THR D 495 -18.79 -6.49 -10.08
N PHE D 496 -18.74 -5.24 -10.52
CA PHE D 496 -19.71 -4.68 -11.44
C PHE D 496 -19.42 -5.10 -12.88
N GLU D 497 -20.21 -4.58 -13.80
CA GLU D 497 -19.89 -4.70 -15.21
C GLU D 497 -20.83 -3.84 -16.02
N TYR D 498 -20.29 -3.25 -17.08
CA TYR D 498 -21.07 -2.55 -18.10
C TYR D 498 -20.31 -2.65 -19.41
#